data_5O75
# 
_entry.id   5O75 
# 
_audit_conform.dict_name       mmcif_pdbx.dic 
_audit_conform.dict_version    5.383 
_audit_conform.dict_location   http://mmcif.pdb.org/dictionaries/ascii/mmcif_pdbx.dic 
# 
loop_
_database_2.database_id 
_database_2.database_code 
_database_2.pdbx_database_accession 
_database_2.pdbx_DOI 
PDB   5O75         pdb_00005o75 10.2210/pdb5o75/pdb 
WWPDB D_1200005287 ?            ?                   
# 
loop_
_pdbx_audit_revision_history.ordinal 
_pdbx_audit_revision_history.data_content_type 
_pdbx_audit_revision_history.major_revision 
_pdbx_audit_revision_history.minor_revision 
_pdbx_audit_revision_history.revision_date 
1 'Structure model' 1 0 2017-11-01 
2 'Structure model' 1 1 2018-01-24 
3 'Structure model' 2 0 2024-01-17 
# 
_pdbx_audit_revision_details.ordinal             1 
_pdbx_audit_revision_details.revision_ordinal    1 
_pdbx_audit_revision_details.data_content_type   'Structure model' 
_pdbx_audit_revision_details.provider            repository 
_pdbx_audit_revision_details.type                'Initial release' 
_pdbx_audit_revision_details.description         ? 
_pdbx_audit_revision_details.details             ? 
# 
loop_
_pdbx_audit_revision_group.ordinal 
_pdbx_audit_revision_group.revision_ordinal 
_pdbx_audit_revision_group.data_content_type 
_pdbx_audit_revision_group.group 
1 2 'Structure model' 'Source and taxonomy'    
2 3 'Structure model' Advisory                 
3 3 'Structure model' 'Atomic model'           
4 3 'Structure model' 'Data collection'        
5 3 'Structure model' 'Database references'    
6 3 'Structure model' 'Derived calculations'   
7 3 'Structure model' 'Refinement description' 
# 
loop_
_pdbx_audit_revision_category.ordinal 
_pdbx_audit_revision_category.revision_ordinal 
_pdbx_audit_revision_category.data_content_type 
_pdbx_audit_revision_category.category 
1 2 'Structure model' entity_src_gen                
2 3 'Structure model' atom_site                     
3 3 'Structure model' chem_comp_atom                
4 3 'Structure model' chem_comp_bond                
5 3 'Structure model' database_2                    
6 3 'Structure model' pdbx_initial_refinement_model 
7 3 'Structure model' pdbx_struct_special_symmetry  
8 3 'Structure model' pdbx_unobs_or_zero_occ_atoms  
# 
loop_
_pdbx_audit_revision_item.ordinal 
_pdbx_audit_revision_item.revision_ordinal 
_pdbx_audit_revision_item.data_content_type 
_pdbx_audit_revision_item.item 
1 2 'Structure model' '_entity_src_gen.pdbx_host_org_ncbi_taxonomy_id' 
2 2 'Structure model' '_entity_src_gen.pdbx_host_org_scientific_name'  
3 2 'Structure model' '_entity_src_gen.pdbx_host_org_strain'           
4 3 'Structure model' '_atom_site.occupancy'                           
5 3 'Structure model' '_database_2.pdbx_DOI'                           
6 3 'Structure model' '_database_2.pdbx_database_accession'            
# 
_pdbx_database_status.status_code                     REL 
_pdbx_database_status.status_code_sf                  REL 
_pdbx_database_status.status_code_mr                  ? 
_pdbx_database_status.entry_id                        5O75 
_pdbx_database_status.recvd_initial_deposition_date   2017-06-08 
_pdbx_database_status.SG_entry                        N 
_pdbx_database_status.deposit_site                    PDBE 
_pdbx_database_status.process_site                    PDBE 
_pdbx_database_status.status_code_cs                  ? 
_pdbx_database_status.methods_development_category    ? 
_pdbx_database_status.pdb_format_compatible           Y 
_pdbx_database_status.status_code_nmr_data            ? 
# 
loop_
_audit_author.name 
_audit_author.pdbx_ordinal 
_audit_author.identifier_ORCID 
'Gabrielsen, M.' 1 0000-0002-9848-2276 
'Buetow, L.'     2 ?                   
'Nakasone, M.A.' 3 ?                   
'Huang, D.T.'    4 0000-0002-6192-259X 
# 
_citation.abstract                  ? 
_citation.abstract_id_CAS           ? 
_citation.book_id_ISBN              ? 
_citation.book_publisher            ? 
_citation.book_publisher_city       ? 
_citation.book_title                ? 
_citation.coordinate_linkage        ? 
_citation.country                   US 
_citation.database_id_Medline       ? 
_citation.details                   ? 
_citation.id                        primary 
_citation.journal_abbrev            'Mol. Cell' 
_citation.journal_id_ASTM           MOCEFL 
_citation.journal_id_CSD            2168 
_citation.journal_id_ISSN           1097-4164 
_citation.journal_full              ? 
_citation.journal_issue             ? 
_citation.journal_volume            68 
_citation.language                  ? 
_citation.page_first                456 
_citation.page_last                 470.e10 
_citation.title                     
'A General Strategy for Discovery of Inhibitors and Activators of RING and U-box E3 Ligases with Ubiquitin Variants.' 
_citation.year                      2017 
_citation.database_id_CSD           ? 
_citation.pdbx_database_id_DOI      10.1016/j.molcel.2017.09.027 
_citation.pdbx_database_id_PubMed   29053960 
_citation.unpublished_flag          ? 
# 
loop_
_citation_author.citation_id 
_citation_author.name 
_citation_author.ordinal 
_citation_author.identifier_ORCID 
primary 'Gabrielsen, M.' 1 ? 
primary 'Buetow, L.'     2 ? 
primary 'Nakasone, M.A.' 3 ? 
primary 'Ahmed, S.F.'    4 ? 
primary 'Sibbet, G.J.'   5 ? 
primary 'Smith, B.O.'    6 ? 
primary 'Zhang, W.'      7 ? 
primary 'Sidhu, S.S.'    8 ? 
primary 'Huang, D.T.'    9 ? 
# 
loop_
_entity.id 
_entity.type 
_entity.src_method 
_entity.pdbx_description 
_entity.formula_weight 
_entity.pdbx_number_of_molecules 
_entity.pdbx_ec 
_entity.pdbx_mutation 
_entity.pdbx_fragment 
_entity.details 
1 polymer     man 'Ubiquitin conjugation factor E4 B' 9014.152 1  2.3.2.27 ? ? ? 
2 non-polymer syn 'SULFATE ION'                       96.063   1  ?        ? ? ? 
3 water       nat water                               18.015   44 ?        ? ? ? 
# 
_entity_name_com.entity_id   1 
_entity_name_com.name        
'Homozygously deleted in neuroblastoma 1,RING-type E3 ubiquitin transferase E4 B,Ubiquitin fusion degradation protein 2' 
# 
_entity_poly.entity_id                      1 
_entity_poly.type                           'polypeptide(L)' 
_entity_poly.nstd_linkage                   no 
_entity_poly.nstd_monomer                   no 
_entity_poly.pdbx_seq_one_letter_code       GSDAPDEFRDPLMDTLMTDPVRLPSGTIMDRSIILRHLLNSPTDPFNRQTLTESMLEPVPELKEQIQAWMREKQNSDH 
_entity_poly.pdbx_seq_one_letter_code_can   GSDAPDEFRDPLMDTLMTDPVRLPSGTIMDRSIILRHLLNSPTDPFNRQTLTESMLEPVPELKEQIQAWMREKQNSDH 
_entity_poly.pdbx_strand_id                 A 
_entity_poly.pdbx_target_identifier         ? 
# 
loop_
_pdbx_entity_nonpoly.entity_id 
_pdbx_entity_nonpoly.name 
_pdbx_entity_nonpoly.comp_id 
2 'SULFATE ION' SO4 
3 water         HOH 
# 
loop_
_entity_poly_seq.entity_id 
_entity_poly_seq.num 
_entity_poly_seq.mon_id 
_entity_poly_seq.hetero 
1 1  GLY n 
1 2  SER n 
1 3  ASP n 
1 4  ALA n 
1 5  PRO n 
1 6  ASP n 
1 7  GLU n 
1 8  PHE n 
1 9  ARG n 
1 10 ASP n 
1 11 PRO n 
1 12 LEU n 
1 13 MET n 
1 14 ASP n 
1 15 THR n 
1 16 LEU n 
1 17 MET n 
1 18 THR n 
1 19 ASP n 
1 20 PRO n 
1 21 VAL n 
1 22 ARG n 
1 23 LEU n 
1 24 PRO n 
1 25 SER n 
1 26 GLY n 
1 27 THR n 
1 28 ILE n 
1 29 MET n 
1 30 ASP n 
1 31 ARG n 
1 32 SER n 
1 33 ILE n 
1 34 ILE n 
1 35 LEU n 
1 36 ARG n 
1 37 HIS n 
1 38 LEU n 
1 39 LEU n 
1 40 ASN n 
1 41 SER n 
1 42 PRO n 
1 43 THR n 
1 44 ASP n 
1 45 PRO n 
1 46 PHE n 
1 47 ASN n 
1 48 ARG n 
1 49 GLN n 
1 50 THR n 
1 51 LEU n 
1 52 THR n 
1 53 GLU n 
1 54 SER n 
1 55 MET n 
1 56 LEU n 
1 57 GLU n 
1 58 PRO n 
1 59 VAL n 
1 60 PRO n 
1 61 GLU n 
1 62 LEU n 
1 63 LYS n 
1 64 GLU n 
1 65 GLN n 
1 66 ILE n 
1 67 GLN n 
1 68 ALA n 
1 69 TRP n 
1 70 MET n 
1 71 ARG n 
1 72 GLU n 
1 73 LYS n 
1 74 GLN n 
1 75 ASN n 
1 76 SER n 
1 77 ASP n 
1 78 HIS n 
# 
_entity_src_gen.entity_id                          1 
_entity_src_gen.pdbx_src_id                        1 
_entity_src_gen.pdbx_alt_source_flag               sample 
_entity_src_gen.pdbx_seq_type                      'Biological sequence' 
_entity_src_gen.pdbx_beg_seq_num                   1 
_entity_src_gen.pdbx_end_seq_num                   78 
_entity_src_gen.gene_src_common_name               Human 
_entity_src_gen.gene_src_genus                     ? 
_entity_src_gen.pdbx_gene_src_gene                 'UBE4B, HDNB1, KIAA0684, UFD2' 
_entity_src_gen.gene_src_species                   ? 
_entity_src_gen.gene_src_strain                    ? 
_entity_src_gen.gene_src_tissue                    ? 
_entity_src_gen.gene_src_tissue_fraction           ? 
_entity_src_gen.gene_src_details                   ? 
_entity_src_gen.pdbx_gene_src_fragment             ? 
_entity_src_gen.pdbx_gene_src_scientific_name      'Homo sapiens' 
_entity_src_gen.pdbx_gene_src_ncbi_taxonomy_id     9606 
_entity_src_gen.pdbx_gene_src_variant              ? 
_entity_src_gen.pdbx_gene_src_cell_line            ? 
_entity_src_gen.pdbx_gene_src_atcc                 ? 
_entity_src_gen.pdbx_gene_src_organ                ? 
_entity_src_gen.pdbx_gene_src_organelle            ? 
_entity_src_gen.pdbx_gene_src_cell                 ? 
_entity_src_gen.pdbx_gene_src_cellular_location    ? 
_entity_src_gen.host_org_common_name               ? 
_entity_src_gen.pdbx_host_org_scientific_name      'Escherichia coli BL21(DE3)' 
_entity_src_gen.pdbx_host_org_ncbi_taxonomy_id     469008 
_entity_src_gen.host_org_genus                     ? 
_entity_src_gen.pdbx_host_org_gene                 ? 
_entity_src_gen.pdbx_host_org_organ                ? 
_entity_src_gen.host_org_species                   ? 
_entity_src_gen.pdbx_host_org_tissue               ? 
_entity_src_gen.pdbx_host_org_tissue_fraction      ? 
_entity_src_gen.pdbx_host_org_strain               ? 
_entity_src_gen.pdbx_host_org_variant              ? 
_entity_src_gen.pdbx_host_org_cell_line            ? 
_entity_src_gen.pdbx_host_org_atcc                 ? 
_entity_src_gen.pdbx_host_org_culture_collection   ? 
_entity_src_gen.pdbx_host_org_cell                 ? 
_entity_src_gen.pdbx_host_org_organelle            ? 
_entity_src_gen.pdbx_host_org_cellular_location    ? 
_entity_src_gen.pdbx_host_org_vector_type          Plasmid 
_entity_src_gen.pdbx_host_org_vector               ? 
_entity_src_gen.host_org_details                   ? 
_entity_src_gen.expression_system_id               ? 
_entity_src_gen.plasmid_name                       pGEX4T.1 
_entity_src_gen.plasmid_details                    ? 
_entity_src_gen.pdbx_description                   ? 
# 
loop_
_chem_comp.id 
_chem_comp.type 
_chem_comp.mon_nstd_flag 
_chem_comp.name 
_chem_comp.pdbx_synonyms 
_chem_comp.formula 
_chem_comp.formula_weight 
ALA 'L-peptide linking' y ALANINE         ? 'C3 H7 N O2'     89.093  
ARG 'L-peptide linking' y ARGININE        ? 'C6 H15 N4 O2 1' 175.209 
ASN 'L-peptide linking' y ASPARAGINE      ? 'C4 H8 N2 O3'    132.118 
ASP 'L-peptide linking' y 'ASPARTIC ACID' ? 'C4 H7 N O4'     133.103 
GLN 'L-peptide linking' y GLUTAMINE       ? 'C5 H10 N2 O3'   146.144 
GLU 'L-peptide linking' y 'GLUTAMIC ACID' ? 'C5 H9 N O4'     147.129 
GLY 'peptide linking'   y GLYCINE         ? 'C2 H5 N O2'     75.067  
HIS 'L-peptide linking' y HISTIDINE       ? 'C6 H10 N3 O2 1' 156.162 
HOH non-polymer         . WATER           ? 'H2 O'           18.015  
ILE 'L-peptide linking' y ISOLEUCINE      ? 'C6 H13 N O2'    131.173 
LEU 'L-peptide linking' y LEUCINE         ? 'C6 H13 N O2'    131.173 
LYS 'L-peptide linking' y LYSINE          ? 'C6 H15 N2 O2 1' 147.195 
MET 'L-peptide linking' y METHIONINE      ? 'C5 H11 N O2 S'  149.211 
PHE 'L-peptide linking' y PHENYLALANINE   ? 'C9 H11 N O2'    165.189 
PRO 'L-peptide linking' y PROLINE         ? 'C5 H9 N O2'     115.130 
SER 'L-peptide linking' y SERINE          ? 'C3 H7 N O3'     105.093 
SO4 non-polymer         . 'SULFATE ION'   ? 'O4 S -2'        96.063  
THR 'L-peptide linking' y THREONINE       ? 'C4 H9 N O3'     119.119 
TRP 'L-peptide linking' y TRYPTOPHAN      ? 'C11 H12 N2 O2'  204.225 
VAL 'L-peptide linking' y VALINE          ? 'C5 H11 N O2'    117.146 
# 
loop_
_pdbx_poly_seq_scheme.asym_id 
_pdbx_poly_seq_scheme.entity_id 
_pdbx_poly_seq_scheme.seq_id 
_pdbx_poly_seq_scheme.mon_id 
_pdbx_poly_seq_scheme.ndb_seq_num 
_pdbx_poly_seq_scheme.pdb_seq_num 
_pdbx_poly_seq_scheme.auth_seq_num 
_pdbx_poly_seq_scheme.pdb_mon_id 
_pdbx_poly_seq_scheme.auth_mon_id 
_pdbx_poly_seq_scheme.pdb_strand_id 
_pdbx_poly_seq_scheme.pdb_ins_code 
_pdbx_poly_seq_scheme.hetero 
A 1 1  GLY 1  1096 ?    ?   ?   A . n 
A 1 2  SER 2  1097 ?    ?   ?   A . n 
A 1 3  ASP 3  1098 1098 ASP ASP A . n 
A 1 4  ALA 4  1099 1099 ALA ALA A . n 
A 1 5  PRO 5  1100 1100 PRO PRO A . n 
A 1 6  ASP 6  1101 1101 ASP ASP A . n 
A 1 7  GLU 7  1102 1102 GLU GLU A . n 
A 1 8  PHE 8  1103 1103 PHE PHE A . n 
A 1 9  ARG 9  1104 1104 ARG ARG A . n 
A 1 10 ASP 10 1105 1105 ASP ASP A . n 
A 1 11 PRO 11 1106 1106 PRO PRO A . n 
A 1 12 LEU 12 1107 1107 LEU LEU A . n 
A 1 13 MET 13 1108 1108 MET MET A . n 
A 1 14 ASP 14 1109 1109 ASP ASP A . n 
A 1 15 THR 15 1110 1110 THR THR A . n 
A 1 16 LEU 16 1111 1111 LEU LEU A . n 
A 1 17 MET 17 1112 1112 MET MET A . n 
A 1 18 THR 18 1113 1113 THR THR A . n 
A 1 19 ASP 19 1114 1114 ASP ASP A . n 
A 1 20 PRO 20 1115 1115 PRO PRO A . n 
A 1 21 VAL 21 1116 1116 VAL VAL A . n 
A 1 22 ARG 22 1117 1117 ARG ARG A . n 
A 1 23 LEU 23 1118 1118 LEU LEU A . n 
A 1 24 PRO 24 1119 1119 PRO PRO A . n 
A 1 25 SER 25 1120 1120 SER SER A . n 
A 1 26 GLY 26 1121 1121 GLY GLY A . n 
A 1 27 THR 27 1122 1122 THR THR A . n 
A 1 28 ILE 28 1123 1123 ILE ILE A . n 
A 1 29 MET 29 1124 1124 MET MET A . n 
A 1 30 ASP 30 1125 1125 ASP ASP A . n 
A 1 31 ARG 31 1126 1126 ARG ARG A . n 
A 1 32 SER 32 1127 1127 SER SER A . n 
A 1 33 ILE 33 1128 1128 ILE ILE A . n 
A 1 34 ILE 34 1129 1129 ILE ILE A . n 
A 1 35 LEU 35 1130 1130 LEU LEU A . n 
A 1 36 ARG 36 1131 1131 ARG ARG A . n 
A 1 37 HIS 37 1132 1132 HIS HIS A . n 
A 1 38 LEU 38 1133 1133 LEU LEU A . n 
A 1 39 LEU 39 1134 1134 LEU LEU A . n 
A 1 40 ASN 40 1135 1135 ASN ASN A . n 
A 1 41 SER 41 1136 1136 SER SER A . n 
A 1 42 PRO 42 1137 1137 PRO PRO A . n 
A 1 43 THR 43 1138 1138 THR THR A . n 
A 1 44 ASP 44 1139 1139 ASP ASP A . n 
A 1 45 PRO 45 1140 1140 PRO PRO A . n 
A 1 46 PHE 46 1141 1141 PHE PHE A . n 
A 1 47 ASN 47 1142 1142 ASN ASN A . n 
A 1 48 ARG 48 1143 1143 ARG ARG A . n 
A 1 49 GLN 49 1144 1144 GLN GLN A . n 
A 1 50 THR 50 1145 1145 THR THR A . n 
A 1 51 LEU 51 1146 1146 LEU LEU A . n 
A 1 52 THR 52 1147 1147 THR THR A . n 
A 1 53 GLU 53 1148 1148 GLU GLU A . n 
A 1 54 SER 54 1149 1149 SER SER A . n 
A 1 55 MET 55 1150 1150 MET MET A . n 
A 1 56 LEU 56 1151 1151 LEU LEU A . n 
A 1 57 GLU 57 1152 1152 GLU GLU A . n 
A 1 58 PRO 58 1153 1153 PRO PRO A . n 
A 1 59 VAL 59 1154 1154 VAL VAL A . n 
A 1 60 PRO 60 1155 1155 PRO PRO A . n 
A 1 61 GLU 61 1156 1156 GLU GLU A . n 
A 1 62 LEU 62 1157 1157 LEU LEU A . n 
A 1 63 LYS 63 1158 1158 LYS LYS A . n 
A 1 64 GLU 64 1159 1159 GLU GLU A . n 
A 1 65 GLN 65 1160 1160 GLN GLN A . n 
A 1 66 ILE 66 1161 1161 ILE ILE A . n 
A 1 67 GLN 67 1162 1162 GLN GLN A . n 
A 1 68 ALA 68 1163 1163 ALA ALA A . n 
A 1 69 TRP 69 1164 1164 TRP TRP A . n 
A 1 70 MET 70 1165 1165 MET MET A . n 
A 1 71 ARG 71 1166 1166 ARG ARG A . n 
A 1 72 GLU 72 1167 1167 GLU GLU A . n 
A 1 73 LYS 73 1168 1168 LYS LYS A . n 
A 1 74 GLN 74 1169 ?    ?   ?   A . n 
A 1 75 ASN 75 1170 ?    ?   ?   A . n 
A 1 76 SER 76 1171 ?    ?   ?   A . n 
A 1 77 ASP 77 1172 ?    ?   ?   A . n 
A 1 78 HIS 78 1173 ?    ?   ?   A . n 
# 
loop_
_pdbx_nonpoly_scheme.asym_id 
_pdbx_nonpoly_scheme.entity_id 
_pdbx_nonpoly_scheme.mon_id 
_pdbx_nonpoly_scheme.ndb_seq_num 
_pdbx_nonpoly_scheme.pdb_seq_num 
_pdbx_nonpoly_scheme.auth_seq_num 
_pdbx_nonpoly_scheme.pdb_mon_id 
_pdbx_nonpoly_scheme.auth_mon_id 
_pdbx_nonpoly_scheme.pdb_strand_id 
_pdbx_nonpoly_scheme.pdb_ins_code 
B 2 SO4 1  1201 1  SO4 SO4 A . 
C 3 HOH 1  1301 67 HOH HOH A . 
C 3 HOH 2  1302 33 HOH HOH A . 
C 3 HOH 3  1303 32 HOH HOH A . 
C 3 HOH 4  1304 21 HOH HOH A . 
C 3 HOH 5  1305 40 HOH HOH A . 
C 3 HOH 6  1306 7  HOH HOH A . 
C 3 HOH 7  1307 8  HOH HOH A . 
C 3 HOH 8  1308 27 HOH HOH A . 
C 3 HOH 9  1309 11 HOH HOH A . 
C 3 HOH 10 1310 4  HOH HOH A . 
C 3 HOH 11 1311 14 HOH HOH A . 
C 3 HOH 12 1312 22 HOH HOH A . 
C 3 HOH 13 1313 6  HOH HOH A . 
C 3 HOH 14 1314 5  HOH HOH A . 
C 3 HOH 15 1315 50 HOH HOH A . 
C 3 HOH 16 1316 15 HOH HOH A . 
C 3 HOH 17 1317 16 HOH HOH A . 
C 3 HOH 18 1318 20 HOH HOH A . 
C 3 HOH 19 1319 10 HOH HOH A . 
C 3 HOH 20 1320 66 HOH HOH A . 
C 3 HOH 21 1321 61 HOH HOH A . 
C 3 HOH 22 1322 9  HOH HOH A . 
C 3 HOH 23 1323 65 HOH HOH A . 
C 3 HOH 24 1324 17 HOH HOH A . 
C 3 HOH 25 1325 39 HOH HOH A . 
C 3 HOH 26 1326 44 HOH HOH A . 
C 3 HOH 27 1327 53 HOH HOH A . 
C 3 HOH 28 1328 72 HOH HOH A . 
C 3 HOH 29 1329 60 HOH HOH A . 
C 3 HOH 30 1330 18 HOH HOH A . 
C 3 HOH 31 1331 13 HOH HOH A . 
C 3 HOH 32 1332 68 HOH HOH A . 
C 3 HOH 33 1333 19 HOH HOH A . 
C 3 HOH 34 1334 34 HOH HOH A . 
C 3 HOH 35 1335 70 HOH HOH A . 
C 3 HOH 36 1336 57 HOH HOH A . 
C 3 HOH 37 1337 41 HOH HOH A . 
C 3 HOH 38 1338 69 HOH HOH A . 
C 3 HOH 39 1339 3  HOH HOH A . 
C 3 HOH 40 1340 23 HOH HOH A . 
C 3 HOH 41 1341 42 HOH HOH A . 
C 3 HOH 42 1342 37 HOH HOH A . 
C 3 HOH 43 1343 64 HOH HOH A . 
C 3 HOH 44 1344 71 HOH HOH A . 
# 
loop_
_pdbx_unobs_or_zero_occ_atoms.id 
_pdbx_unobs_or_zero_occ_atoms.PDB_model_num 
_pdbx_unobs_or_zero_occ_atoms.polymer_flag 
_pdbx_unobs_or_zero_occ_atoms.occupancy_flag 
_pdbx_unobs_or_zero_occ_atoms.auth_asym_id 
_pdbx_unobs_or_zero_occ_atoms.auth_comp_id 
_pdbx_unobs_or_zero_occ_atoms.auth_seq_id 
_pdbx_unobs_or_zero_occ_atoms.PDB_ins_code 
_pdbx_unobs_or_zero_occ_atoms.auth_atom_id 
_pdbx_unobs_or_zero_occ_atoms.label_alt_id 
_pdbx_unobs_or_zero_occ_atoms.label_asym_id 
_pdbx_unobs_or_zero_occ_atoms.label_comp_id 
_pdbx_unobs_or_zero_occ_atoms.label_seq_id 
_pdbx_unobs_or_zero_occ_atoms.label_atom_id 
1 1 Y 0 A ASN 1135 ? CG  ? A ASN 40 CG  
2 1 Y 0 A ASN 1135 ? OD1 ? A ASN 40 OD1 
3 1 Y 0 A ASN 1135 ? ND2 ? A ASN 40 ND2 
4 1 Y 0 A ARG 1143 ? CD  ? A ARG 48 CD  
5 1 Y 0 A ARG 1143 ? NE  ? A ARG 48 NE  
6 1 Y 0 A ARG 1143 ? CZ  ? A ARG 48 CZ  
7 1 Y 0 A ARG 1143 ? NH1 ? A ARG 48 NH1 
8 1 Y 0 A ARG 1143 ? NH2 ? A ARG 48 NH2 
# 
loop_
_software.citation_id 
_software.classification 
_software.compiler_name 
_software.compiler_version 
_software.contact_author 
_software.contact_author_email 
_software.date 
_software.description 
_software.dependencies 
_software.hardware 
_software.language 
_software.location 
_software.mods 
_software.name 
_software.os 
_software.os_version 
_software.type 
_software.version 
_software.pdbx_ordinal 
? refinement       ? ? ? ? ? ? ? ? ? ? ? PHENIX  ? ? ? '(1.11.1_2575: ???)' 1 
? 'data reduction' ? ? ? ? ? ? ? ? ? ? ? xia2    ? ? ? .                    2 
? 'data scaling'   ? ? ? ? ? ? ? ? ? ? ? Aimless ? ? ? .                    3 
? phasing          ? ? ? ? ? ? ? ? ? ? ? PHASER  ? ? ? .                    4 
# 
_cell.angle_alpha                  90.00 
_cell.angle_alpha_esd              ? 
_cell.angle_beta                   90.00 
_cell.angle_beta_esd               ? 
_cell.angle_gamma                  120.00 
_cell.angle_gamma_esd              ? 
_cell.entry_id                     5O75 
_cell.details                      ? 
_cell.formula_units_Z              ? 
_cell.length_a                     80.180 
_cell.length_a_esd                 ? 
_cell.length_b                     80.180 
_cell.length_b_esd                 ? 
_cell.length_c                     39.525 
_cell.length_c_esd                 ? 
_cell.volume                       ? 
_cell.volume_esd                   ? 
_cell.Z_PDB                        12 
_cell.reciprocal_angle_alpha       ? 
_cell.reciprocal_angle_beta        ? 
_cell.reciprocal_angle_gamma       ? 
_cell.reciprocal_angle_alpha_esd   ? 
_cell.reciprocal_angle_beta_esd    ? 
_cell.reciprocal_angle_gamma_esd   ? 
_cell.reciprocal_length_a          ? 
_cell.reciprocal_length_b          ? 
_cell.reciprocal_length_c          ? 
_cell.reciprocal_length_a_esd      ? 
_cell.reciprocal_length_b_esd      ? 
_cell.reciprocal_length_c_esd      ? 
_cell.pdbx_unique_axis             ? 
# 
_symmetry.entry_id                         5O75 
_symmetry.cell_setting                     ? 
_symmetry.Int_Tables_number                177 
_symmetry.space_group_name_Hall            ? 
_symmetry.space_group_name_H-M             'P 6 2 2' 
_symmetry.pdbx_full_space_group_name_H-M   ? 
# 
_exptl.absorpt_coefficient_mu     ? 
_exptl.absorpt_correction_T_max   ? 
_exptl.absorpt_correction_T_min   ? 
_exptl.absorpt_correction_type    ? 
_exptl.absorpt_process_details    ? 
_exptl.entry_id                   5O75 
_exptl.crystals_number            1 
_exptl.details                    ? 
_exptl.method                     'X-RAY DIFFRACTION' 
_exptl.method_details             ? 
# 
_exptl_crystal.colour                      ? 
_exptl_crystal.density_diffrn              ? 
_exptl_crystal.density_Matthews            2.22 
_exptl_crystal.density_method              ? 
_exptl_crystal.density_percent_sol         44.72 
_exptl_crystal.description                 ? 
_exptl_crystal.F_000                       ? 
_exptl_crystal.id                          1 
_exptl_crystal.preparation                 ? 
_exptl_crystal.size_max                    ? 
_exptl_crystal.size_mid                    ? 
_exptl_crystal.size_min                    ? 
_exptl_crystal.size_rad                    ? 
_exptl_crystal.colour_lustre               ? 
_exptl_crystal.colour_modifier             ? 
_exptl_crystal.colour_primary              ? 
_exptl_crystal.density_meas                ? 
_exptl_crystal.density_meas_esd            ? 
_exptl_crystal.density_meas_gt             ? 
_exptl_crystal.density_meas_lt             ? 
_exptl_crystal.density_meas_temp           ? 
_exptl_crystal.density_meas_temp_esd       ? 
_exptl_crystal.density_meas_temp_gt        ? 
_exptl_crystal.density_meas_temp_lt        ? 
_exptl_crystal.pdbx_crystal_image_url      ? 
_exptl_crystal.pdbx_crystal_image_format   ? 
_exptl_crystal.pdbx_mosaicity              ? 
_exptl_crystal.pdbx_mosaicity_esd          ? 
# 
_exptl_crystal_grow.apparatus       ? 
_exptl_crystal_grow.atmosphere      ? 
_exptl_crystal_grow.crystal_id      1 
_exptl_crystal_grow.details         ? 
_exptl_crystal_grow.method          'VAPOR DIFFUSION, HANGING DROP' 
_exptl_crystal_grow.method_ref      ? 
_exptl_crystal_grow.pH              5.5 
_exptl_crystal_grow.pressure        ? 
_exptl_crystal_grow.pressure_esd    ? 
_exptl_crystal_grow.seeding         ? 
_exptl_crystal_grow.seeding_ref     ? 
_exptl_crystal_grow.temp            293 
_exptl_crystal_grow.temp_details    ? 
_exptl_crystal_grow.temp_esd        ? 
_exptl_crystal_grow.time            ? 
_exptl_crystal_grow.pdbx_details    '0.1 M citric acid, pH 5.5, 1.9 M ammonium sulphate' 
_exptl_crystal_grow.pdbx_pH_range   ? 
# 
_diffrn.ambient_environment    ? 
_diffrn.ambient_temp           110 
_diffrn.ambient_temp_details   ? 
_diffrn.ambient_temp_esd       ? 
_diffrn.crystal_id             1 
_diffrn.crystal_support        ? 
_diffrn.crystal_treatment      ? 
_diffrn.details                ? 
_diffrn.id                     1 
_diffrn.ambient_pressure       ? 
_diffrn.ambient_pressure_esd   ? 
_diffrn.ambient_pressure_gt    ? 
_diffrn.ambient_pressure_lt    ? 
_diffrn.ambient_temp_gt        ? 
_diffrn.ambient_temp_lt        ? 
# 
_diffrn_detector.details                      ? 
_diffrn_detector.detector                     PIXEL 
_diffrn_detector.diffrn_id                    1 
_diffrn_detector.type                         'DECTRIS PILATUS3 6M' 
_diffrn_detector.area_resol_mean              ? 
_diffrn_detector.dtime                        ? 
_diffrn_detector.pdbx_frames_total            ? 
_diffrn_detector.pdbx_collection_time_total   ? 
_diffrn_detector.pdbx_collection_date         2016-12-17 
# 
_diffrn_radiation.collimation                      ? 
_diffrn_radiation.diffrn_id                        1 
_diffrn_radiation.filter_edge                      ? 
_diffrn_radiation.inhomogeneity                    ? 
_diffrn_radiation.monochromator                    ? 
_diffrn_radiation.polarisn_norm                    ? 
_diffrn_radiation.polarisn_ratio                   ? 
_diffrn_radiation.probe                            ? 
_diffrn_radiation.type                             ? 
_diffrn_radiation.xray_symbol                      ? 
_diffrn_radiation.wavelength_id                    1 
_diffrn_radiation.pdbx_monochromatic_or_laue_m_l   M 
_diffrn_radiation.pdbx_wavelength_list             ? 
_diffrn_radiation.pdbx_wavelength                  ? 
_diffrn_radiation.pdbx_diffrn_protocol             'SINGLE WAVELENGTH' 
_diffrn_radiation.pdbx_analyzer                    ? 
_diffrn_radiation.pdbx_scattering_type             x-ray 
# 
_diffrn_radiation_wavelength.id           1 
_diffrn_radiation_wavelength.wavelength   0.97628 
_diffrn_radiation_wavelength.wt           1.0 
# 
_diffrn_source.current                     ? 
_diffrn_source.details                     ? 
_diffrn_source.diffrn_id                   1 
_diffrn_source.power                       ? 
_diffrn_source.size                        ? 
_diffrn_source.source                      SYNCHROTRON 
_diffrn_source.target                      ? 
_diffrn_source.type                        'DIAMOND BEAMLINE I03' 
_diffrn_source.voltage                     ? 
_diffrn_source.take-off_angle              ? 
_diffrn_source.pdbx_wavelength_list        0.97628 
_diffrn_source.pdbx_wavelength             ? 
_diffrn_source.pdbx_synchrotron_beamline   I03 
_diffrn_source.pdbx_synchrotron_site       Diamond 
# 
_reflns.B_iso_Wilson_estimate            25.70 
_reflns.entry_id                         5O75 
_reflns.data_reduction_details           ? 
_reflns.data_reduction_method            ? 
_reflns.d_resolution_high                1.483 
_reflns.d_resolution_low                 69.438 
_reflns.details                          ? 
_reflns.limit_h_max                      ? 
_reflns.limit_h_min                      ? 
_reflns.limit_k_max                      ? 
_reflns.limit_k_min                      ? 
_reflns.limit_l_max                      ? 
_reflns.limit_l_min                      ? 
_reflns.number_all                       ? 
_reflns.number_obs                       11868 
_reflns.observed_criterion               ? 
_reflns.observed_criterion_F_max         ? 
_reflns.observed_criterion_F_min         ? 
_reflns.observed_criterion_I_max         ? 
_reflns.observed_criterion_I_min         ? 
_reflns.observed_criterion_sigma_F       ? 
_reflns.observed_criterion_sigma_I       ? 
_reflns.percent_possible_obs             91.9 
_reflns.R_free_details                   ? 
_reflns.Rmerge_F_all                     ? 
_reflns.Rmerge_F_obs                     ? 
_reflns.Friedel_coverage                 ? 
_reflns.number_gt                        ? 
_reflns.threshold_expression             ? 
_reflns.pdbx_redundancy                  17 
_reflns.pdbx_Rmerge_I_obs                0.043 
_reflns.pdbx_Rmerge_I_all                ? 
_reflns.pdbx_Rsym_value                  ? 
_reflns.pdbx_netI_over_av_sigmaI         ? 
_reflns.pdbx_netI_over_sigmaI            27.9 
_reflns.pdbx_res_netI_over_av_sigmaI_2   ? 
_reflns.pdbx_res_netI_over_sigmaI_2      ? 
_reflns.pdbx_chi_squared                 ? 
_reflns.pdbx_scaling_rejects             ? 
_reflns.pdbx_d_res_high_opt              ? 
_reflns.pdbx_d_res_low_opt               ? 
_reflns.pdbx_d_res_opt_method            ? 
_reflns.phase_calculation_details        ? 
_reflns.pdbx_Rrim_I_all                  ? 
_reflns.pdbx_Rpim_I_all                  0.015 
_reflns.pdbx_d_opt                       ? 
_reflns.pdbx_number_measured_all         ? 
_reflns.pdbx_diffrn_id                   1 
_reflns.pdbx_ordinal                     1 
_reflns.pdbx_CC_half                     1.000 
_reflns.pdbx_R_split                     ? 
# 
_reflns_shell.d_res_high                  1.483 
_reflns_shell.d_res_low                   1.509 
_reflns_shell.meanI_over_sigI_all         ? 
_reflns_shell.meanI_over_sigI_obs         2.2 
_reflns_shell.number_measured_all         ? 
_reflns_shell.number_measured_obs         ? 
_reflns_shell.number_possible             ? 
_reflns_shell.number_unique_all           ? 
_reflns_shell.number_unique_obs           636 
_reflns_shell.percent_possible_all        100 
_reflns_shell.percent_possible_obs        ? 
_reflns_shell.Rmerge_F_all                ? 
_reflns_shell.Rmerge_F_obs                ? 
_reflns_shell.Rmerge_I_all                ? 
_reflns_shell.Rmerge_I_obs                1.194 
_reflns_shell.meanI_over_sigI_gt          ? 
_reflns_shell.meanI_over_uI_all           ? 
_reflns_shell.meanI_over_uI_gt            ? 
_reflns_shell.number_measured_gt          ? 
_reflns_shell.number_unique_gt            ? 
_reflns_shell.percent_possible_gt         ? 
_reflns_shell.Rmerge_F_gt                 ? 
_reflns_shell.Rmerge_I_gt                 ? 
_reflns_shell.pdbx_redundancy             15.0 
_reflns_shell.pdbx_Rsym_value             ? 
_reflns_shell.pdbx_chi_squared            ? 
_reflns_shell.pdbx_netI_over_sigmaI_all   ? 
_reflns_shell.pdbx_netI_over_sigmaI_obs   ? 
_reflns_shell.pdbx_Rrim_I_all             ? 
_reflns_shell.pdbx_Rpim_I_all             0.435 
_reflns_shell.pdbx_rejects                ? 
_reflns_shell.pdbx_ordinal                1 
_reflns_shell.pdbx_diffrn_id              1 
_reflns_shell.pdbx_CC_half                0.771 
_reflns_shell.pdbx_R_split                ? 
# 
_refine.aniso_B[1][1]                            ? 
_refine.aniso_B[1][2]                            ? 
_refine.aniso_B[1][3]                            ? 
_refine.aniso_B[2][2]                            ? 
_refine.aniso_B[2][3]                            ? 
_refine.aniso_B[3][3]                            ? 
_refine.B_iso_max                                ? 
_refine.B_iso_mean                               41.46 
_refine.B_iso_min                                ? 
_refine.correlation_coeff_Fo_to_Fc               ? 
_refine.correlation_coeff_Fo_to_Fc_free          ? 
_refine.details                                  ? 
_refine.diff_density_max                         ? 
_refine.diff_density_max_esd                     ? 
_refine.diff_density_min                         ? 
_refine.diff_density_min_esd                     ? 
_refine.diff_density_rms                         ? 
_refine.diff_density_rms_esd                     ? 
_refine.entry_id                                 5O75 
_refine.pdbx_refine_id                           'X-RAY DIFFRACTION' 
_refine.ls_abs_structure_details                 ? 
_refine.ls_abs_structure_Flack                   ? 
_refine.ls_abs_structure_Flack_esd               ? 
_refine.ls_abs_structure_Rogers                  ? 
_refine.ls_abs_structure_Rogers_esd              ? 
_refine.ls_d_res_high                            1.483 
_refine.ls_d_res_low                             40.090 
_refine.ls_extinction_coef                       ? 
_refine.ls_extinction_coef_esd                   ? 
_refine.ls_extinction_expression                 ? 
_refine.ls_extinction_method                     ? 
_refine.ls_goodness_of_fit_all                   ? 
_refine.ls_goodness_of_fit_all_esd               ? 
_refine.ls_goodness_of_fit_obs                   ? 
_refine.ls_goodness_of_fit_obs_esd               ? 
_refine.ls_hydrogen_treatment                    ? 
_refine.ls_matrix_type                           ? 
_refine.ls_number_constraints                    ? 
_refine.ls_number_parameters                     ? 
_refine.ls_number_reflns_all                     ? 
_refine.ls_number_reflns_obs                     11866 
_refine.ls_number_reflns_R_free                  581 
_refine.ls_number_reflns_R_work                  ? 
_refine.ls_number_restraints                     ? 
_refine.ls_percent_reflns_obs                    91.91 
_refine.ls_percent_reflns_R_free                 4.90 
_refine.ls_R_factor_all                          ? 
_refine.ls_R_factor_obs                          0.1966 
_refine.ls_R_factor_R_free                       0.2240 
_refine.ls_R_factor_R_free_error                 ? 
_refine.ls_R_factor_R_free_error_details         ? 
_refine.ls_R_factor_R_work                       0.1954 
_refine.ls_R_Fsqd_factor_obs                     ? 
_refine.ls_R_I_factor_obs                        ? 
_refine.ls_redundancy_reflns_all                 ? 
_refine.ls_redundancy_reflns_obs                 ? 
_refine.ls_restrained_S_all                      ? 
_refine.ls_restrained_S_obs                      ? 
_refine.ls_shift_over_esd_max                    ? 
_refine.ls_shift_over_esd_mean                   ? 
_refine.ls_structure_factor_coef                 ? 
_refine.ls_weighting_details                     ? 
_refine.ls_weighting_scheme                      ? 
_refine.ls_wR_factor_all                         ? 
_refine.ls_wR_factor_obs                         ? 
_refine.ls_wR_factor_R_free                      ? 
_refine.ls_wR_factor_R_work                      ? 
_refine.occupancy_max                            ? 
_refine.occupancy_min                            ? 
_refine.solvent_model_details                    ? 
_refine.solvent_model_param_bsol                 ? 
_refine.solvent_model_param_ksol                 ? 
_refine.ls_R_factor_gt                           ? 
_refine.ls_goodness_of_fit_gt                    ? 
_refine.ls_goodness_of_fit_ref                   ? 
_refine.ls_shift_over_su_max                     ? 
_refine.ls_shift_over_su_max_lt                  ? 
_refine.ls_shift_over_su_mean                    ? 
_refine.ls_shift_over_su_mean_lt                 ? 
_refine.pdbx_ls_sigma_I                          ? 
_refine.pdbx_ls_sigma_F                          1.36 
_refine.pdbx_ls_sigma_Fsqd                       ? 
_refine.pdbx_data_cutoff_high_absF               ? 
_refine.pdbx_data_cutoff_high_rms_absF           ? 
_refine.pdbx_data_cutoff_low_absF                ? 
_refine.pdbx_isotropic_thermal_model             ? 
_refine.pdbx_ls_cross_valid_method               'FREE R-VALUE' 
_refine.pdbx_method_to_determine_struct          'MOLECULAR REPLACEMENT' 
_refine.pdbx_starting_model                      3L1Z 
_refine.pdbx_stereochemistry_target_values       ? 
_refine.pdbx_R_Free_selection_details            ? 
_refine.pdbx_stereochem_target_val_spec_case     ? 
_refine.pdbx_overall_ESU_R                       ? 
_refine.pdbx_overall_ESU_R_Free                  ? 
_refine.pdbx_solvent_vdw_probe_radii             1.11 
_refine.pdbx_solvent_ion_probe_radii             ? 
_refine.pdbx_solvent_shrinkage_radii             0.90 
_refine.pdbx_real_space_R                        ? 
_refine.pdbx_density_correlation                 ? 
_refine.pdbx_pd_number_of_powder_patterns        ? 
_refine.pdbx_pd_number_of_points                 ? 
_refine.pdbx_pd_meas_number_of_points            ? 
_refine.pdbx_pd_proc_ls_prof_R_factor            ? 
_refine.pdbx_pd_proc_ls_prof_wR_factor           ? 
_refine.pdbx_pd_Marquardt_correlation_coeff      ? 
_refine.pdbx_pd_Fsqrd_R_factor                   ? 
_refine.pdbx_pd_ls_matrix_band_width             ? 
_refine.pdbx_overall_phase_error                 27.04 
_refine.pdbx_overall_SU_R_free_Cruickshank_DPI   ? 
_refine.pdbx_overall_SU_R_free_Blow_DPI          ? 
_refine.pdbx_overall_SU_R_Blow_DPI               ? 
_refine.pdbx_TLS_residual_ADP_flag               ? 
_refine.pdbx_diffrn_id                           1 
_refine.overall_SU_B                             ? 
_refine.overall_SU_ML                            0.11 
_refine.overall_SU_R_Cruickshank_DPI             ? 
_refine.overall_SU_R_free                        ? 
_refine.overall_FOM_free_R_set                   ? 
_refine.overall_FOM_work_R_set                   ? 
_refine.pdbx_average_fsc_overall                 ? 
_refine.pdbx_average_fsc_work                    ? 
_refine.pdbx_average_fsc_free                    ? 
# 
_refine_hist.pdbx_refine_id                   'X-RAY DIFFRACTION' 
_refine_hist.cycle_id                         LAST 
_refine_hist.pdbx_number_atoms_protein        577 
_refine_hist.pdbx_number_atoms_nucleic_acid   0 
_refine_hist.pdbx_number_atoms_ligand         5 
_refine_hist.number_atoms_solvent             44 
_refine_hist.number_atoms_total               626 
_refine_hist.d_res_high                       1.483 
_refine_hist.d_res_low                        40.090 
# 
loop_
_refine_ls_restr.pdbx_refine_id 
_refine_ls_restr.criterion 
_refine_ls_restr.dev_ideal 
_refine_ls_restr.dev_ideal_target 
_refine_ls_restr.number 
_refine_ls_restr.rejects 
_refine_ls_restr.type 
_refine_ls_restr.weight 
_refine_ls_restr.pdbx_restraint_function 
'X-RAY DIFFRACTION' ? 0.008  ? 612 ? f_bond_d           ? ? 
'X-RAY DIFFRACTION' ? 1.029  ? 834 ? f_angle_d          ? ? 
'X-RAY DIFFRACTION' ? 18.112 ? 405 ? f_dihedral_angle_d ? ? 
'X-RAY DIFFRACTION' ? 0.089  ? 93  ? f_chiral_restr     ? ? 
'X-RAY DIFFRACTION' ? 0.007  ? 111 ? f_plane_restr      ? ? 
# 
loop_
_refine_ls_shell.pdbx_refine_id 
_refine_ls_shell.d_res_high 
_refine_ls_shell.d_res_low 
_refine_ls_shell.number_reflns_all 
_refine_ls_shell.number_reflns_obs 
_refine_ls_shell.number_reflns_R_free 
_refine_ls_shell.number_reflns_R_work 
_refine_ls_shell.percent_reflns_obs 
_refine_ls_shell.percent_reflns_R_free 
_refine_ls_shell.R_factor_all 
_refine_ls_shell.R_factor_obs 
_refine_ls_shell.R_factor_R_free 
_refine_ls_shell.R_factor_R_free_error 
_refine_ls_shell.R_factor_R_work 
_refine_ls_shell.redundancy_reflns_all 
_refine_ls_shell.redundancy_reflns_obs 
_refine_ls_shell.wR_factor_all 
_refine_ls_shell.wR_factor_obs 
_refine_ls_shell.wR_factor_R_free 
_refine_ls_shell.wR_factor_R_work 
_refine_ls_shell.pdbx_total_number_of_bins_used 
_refine_ls_shell.pdbx_phase_error 
_refine_ls_shell.pdbx_fsc_work 
_refine_ls_shell.pdbx_fsc_free 
'X-RAY DIFFRACTION' 1.4830 1.6323  . . 157 2989 100.00 . . . 0.3289 . 0.2628 . . . . . . . . . . 
'X-RAY DIFFRACTION' 1.6323 1.8685  . . 151 2850 95.00  . . . 0.2803 . 0.2419 . . . . . . . . . . 
'X-RAY DIFFRACTION' 1.8685 2.3541  . . 124 2365 77.00  . . . 0.2448 . 0.2336 . . . . . . . . . . 
'X-RAY DIFFRACTION' 2.3541 40.1046 . . 149 3081 95.00  . . . 0.2018 . 0.1766 . . . . . . . . . . 
# 
_struct.entry_id                     5O75 
_struct.title                        'Ube4B U-box domain' 
_struct.pdbx_model_details           ? 
_struct.pdbx_formula_weight          ? 
_struct.pdbx_formula_weight_method   ? 
_struct.pdbx_model_type_details      ? 
_struct.pdbx_CASP_flag               N 
# 
_struct_keywords.entry_id        5O75 
_struct_keywords.text            'E3 U-box, ubiquitin transfer, LIGASE' 
_struct_keywords.pdbx_keywords   LIGASE 
# 
loop_
_struct_asym.id 
_struct_asym.pdbx_blank_PDB_chainid_flag 
_struct_asym.pdbx_modified 
_struct_asym.entity_id 
_struct_asym.details 
A N N 1 ? 
B N N 2 ? 
C N N 3 ? 
# 
_struct_ref.id                         1 
_struct_ref.db_name                    UNP 
_struct_ref.db_code                    UBE4B_HUMAN 
_struct_ref.pdbx_db_accession          O95155 
_struct_ref.pdbx_db_isoform            O95155-4 
_struct_ref.entity_id                  1 
_struct_ref.pdbx_seq_one_letter_code   SDAPDEFRDPLMDTLMTDPVRLPSGTIMDRSIILRHLLNSPTDPFNRQTLTESMLEPVPELKEQIQAWMREKQNSDH 
_struct_ref.pdbx_align_begin           1277 
# 
_struct_ref_seq.align_id                      1 
_struct_ref_seq.ref_id                        1 
_struct_ref_seq.pdbx_PDB_id_code              5O75 
_struct_ref_seq.pdbx_strand_id                A 
_struct_ref_seq.seq_align_beg                 2 
_struct_ref_seq.pdbx_seq_align_beg_ins_code   ? 
_struct_ref_seq.seq_align_end                 78 
_struct_ref_seq.pdbx_seq_align_end_ins_code   ? 
_struct_ref_seq.pdbx_db_accession             O95155 
_struct_ref_seq.db_align_beg                  1277 
_struct_ref_seq.pdbx_db_align_beg_ins_code    ? 
_struct_ref_seq.db_align_end                  1353 
_struct_ref_seq.pdbx_db_align_end_ins_code    ? 
_struct_ref_seq.pdbx_auth_seq_align_beg       1097 
_struct_ref_seq.pdbx_auth_seq_align_end       1173 
# 
_struct_ref_seq_dif.align_id                     1 
_struct_ref_seq_dif.pdbx_pdb_id_code             5O75 
_struct_ref_seq_dif.mon_id                       GLY 
_struct_ref_seq_dif.pdbx_pdb_strand_id           A 
_struct_ref_seq_dif.seq_num                      1 
_struct_ref_seq_dif.pdbx_pdb_ins_code            ? 
_struct_ref_seq_dif.pdbx_seq_db_name             UNP 
_struct_ref_seq_dif.pdbx_seq_db_accession_code   O95155 
_struct_ref_seq_dif.db_mon_id                    ? 
_struct_ref_seq_dif.pdbx_seq_db_seq_num          ? 
_struct_ref_seq_dif.details                      'expression tag' 
_struct_ref_seq_dif.pdbx_auth_seq_num            1096 
_struct_ref_seq_dif.pdbx_ordinal                 1 
# 
_pdbx_struct_assembly.id                   1 
_pdbx_struct_assembly.details              software_defined_assembly 
_pdbx_struct_assembly.method_details       PISA 
_pdbx_struct_assembly.oligomeric_details   monomeric 
_pdbx_struct_assembly.oligomeric_count     1 
# 
loop_
_pdbx_struct_assembly_prop.biol_id 
_pdbx_struct_assembly_prop.type 
_pdbx_struct_assembly_prop.value 
_pdbx_struct_assembly_prop.details 
1 'ABSA (A^2)' 210  ? 
1 MORE         -15  ? 
1 'SSA (A^2)'  4940 ? 
# 
_pdbx_struct_assembly_gen.assembly_id       1 
_pdbx_struct_assembly_gen.oper_expression   1 
_pdbx_struct_assembly_gen.asym_id_list      A,B,C 
# 
_pdbx_struct_assembly_auth_evidence.id                     1 
_pdbx_struct_assembly_auth_evidence.assembly_id            1 
_pdbx_struct_assembly_auth_evidence.experimental_support   'gel filtration' 
_pdbx_struct_assembly_auth_evidence.details                ? 
# 
_pdbx_struct_oper_list.id                   1 
_pdbx_struct_oper_list.type                 'identity operation' 
_pdbx_struct_oper_list.name                 1_555 
_pdbx_struct_oper_list.symmetry_operation   x,y,z 
_pdbx_struct_oper_list.matrix[1][1]         1.0000000000 
_pdbx_struct_oper_list.matrix[1][2]         0.0000000000 
_pdbx_struct_oper_list.matrix[1][3]         0.0000000000 
_pdbx_struct_oper_list.vector[1]            0.0000000000 
_pdbx_struct_oper_list.matrix[2][1]         0.0000000000 
_pdbx_struct_oper_list.matrix[2][2]         1.0000000000 
_pdbx_struct_oper_list.matrix[2][3]         0.0000000000 
_pdbx_struct_oper_list.vector[2]            0.0000000000 
_pdbx_struct_oper_list.matrix[3][1]         0.0000000000 
_pdbx_struct_oper_list.matrix[3][2]         0.0000000000 
_pdbx_struct_oper_list.matrix[3][3]         1.0000000000 
_pdbx_struct_oper_list.vector[3]            0.0000000000 
# 
loop_
_struct_conf.conf_type_id 
_struct_conf.id 
_struct_conf.pdbx_PDB_helix_id 
_struct_conf.beg_label_comp_id 
_struct_conf.beg_label_asym_id 
_struct_conf.beg_label_seq_id 
_struct_conf.pdbx_beg_PDB_ins_code 
_struct_conf.end_label_comp_id 
_struct_conf.end_label_asym_id 
_struct_conf.end_label_seq_id 
_struct_conf.pdbx_end_PDB_ins_code 
_struct_conf.beg_auth_comp_id 
_struct_conf.beg_auth_asym_id 
_struct_conf.beg_auth_seq_id 
_struct_conf.end_auth_comp_id 
_struct_conf.end_auth_asym_id 
_struct_conf.end_auth_seq_id 
_struct_conf.pdbx_PDB_helix_class 
_struct_conf.details 
_struct_conf.pdbx_PDB_helix_length 
HELX_P HELX_P1 AA1 PRO A 5  ? ARG A 9  ? PRO A 1100 ARG A 1104 5 ? 5  
HELX_P HELX_P2 AA2 ARG A 31 ? SER A 41 ? ARG A 1126 SER A 1136 1 ? 11 
HELX_P HELX_P3 AA3 THR A 52 ? LEU A 56 ? THR A 1147 LEU A 1151 5 ? 5  
HELX_P HELX_P4 AA4 VAL A 59 ? ARG A 71 ? VAL A 1154 ARG A 1166 1 ? 13 
# 
_struct_conf_type.id          HELX_P 
_struct_conf_type.criteria    ? 
_struct_conf_type.reference   ? 
# 
_struct_sheet.id               AA1 
_struct_sheet.type             ? 
_struct_sheet.number_strands   3 
_struct_sheet.details          ? 
# 
loop_
_struct_sheet_order.sheet_id 
_struct_sheet_order.range_id_1 
_struct_sheet_order.range_id_2 
_struct_sheet_order.offset 
_struct_sheet_order.sense 
AA1 1 2 ? anti-parallel 
AA1 2 3 ? anti-parallel 
# 
loop_
_struct_sheet_range.sheet_id 
_struct_sheet_range.id 
_struct_sheet_range.beg_label_comp_id 
_struct_sheet_range.beg_label_asym_id 
_struct_sheet_range.beg_label_seq_id 
_struct_sheet_range.pdbx_beg_PDB_ins_code 
_struct_sheet_range.end_label_comp_id 
_struct_sheet_range.end_label_asym_id 
_struct_sheet_range.end_label_seq_id 
_struct_sheet_range.pdbx_end_PDB_ins_code 
_struct_sheet_range.beg_auth_comp_id 
_struct_sheet_range.beg_auth_asym_id 
_struct_sheet_range.beg_auth_seq_id 
_struct_sheet_range.end_auth_comp_id 
_struct_sheet_range.end_auth_asym_id 
_struct_sheet_range.end_auth_seq_id 
AA1 1 ILE A 28 ? ASP A 30 ? ILE A 1123 ASP A 1125 
AA1 2 PRO A 20 ? ARG A 22 ? PRO A 1115 ARG A 1117 
AA1 3 GLU A 57 ? PRO A 58 ? GLU A 1152 PRO A 1153 
# 
loop_
_pdbx_struct_sheet_hbond.sheet_id 
_pdbx_struct_sheet_hbond.range_id_1 
_pdbx_struct_sheet_hbond.range_id_2 
_pdbx_struct_sheet_hbond.range_1_label_atom_id 
_pdbx_struct_sheet_hbond.range_1_label_comp_id 
_pdbx_struct_sheet_hbond.range_1_label_asym_id 
_pdbx_struct_sheet_hbond.range_1_label_seq_id 
_pdbx_struct_sheet_hbond.range_1_PDB_ins_code 
_pdbx_struct_sheet_hbond.range_1_auth_atom_id 
_pdbx_struct_sheet_hbond.range_1_auth_comp_id 
_pdbx_struct_sheet_hbond.range_1_auth_asym_id 
_pdbx_struct_sheet_hbond.range_1_auth_seq_id 
_pdbx_struct_sheet_hbond.range_2_label_atom_id 
_pdbx_struct_sheet_hbond.range_2_label_comp_id 
_pdbx_struct_sheet_hbond.range_2_label_asym_id 
_pdbx_struct_sheet_hbond.range_2_label_seq_id 
_pdbx_struct_sheet_hbond.range_2_PDB_ins_code 
_pdbx_struct_sheet_hbond.range_2_auth_atom_id 
_pdbx_struct_sheet_hbond.range_2_auth_comp_id 
_pdbx_struct_sheet_hbond.range_2_auth_asym_id 
_pdbx_struct_sheet_hbond.range_2_auth_seq_id 
AA1 1 2 O MET A 29 ? O MET A 1124 N VAL A 21 ? N VAL A 1116 
AA1 2 3 N ARG A 22 ? N ARG A 1117 O GLU A 57 ? O GLU A 1152 
# 
_struct_site.id                   AC1 
_struct_site.pdbx_evidence_code   Software 
_struct_site.pdbx_auth_asym_id    A 
_struct_site.pdbx_auth_comp_id    SO4 
_struct_site.pdbx_auth_seq_id     1201 
_struct_site.pdbx_auth_ins_code   ? 
_struct_site.pdbx_num_residues    4 
_struct_site.details              'binding site for residue SO4 A 1201' 
# 
loop_
_struct_site_gen.id 
_struct_site_gen.site_id 
_struct_site_gen.pdbx_num_res 
_struct_site_gen.label_comp_id 
_struct_site_gen.label_asym_id 
_struct_site_gen.label_seq_id 
_struct_site_gen.pdbx_auth_ins_code 
_struct_site_gen.auth_comp_id 
_struct_site_gen.auth_asym_id 
_struct_site_gen.auth_seq_id 
_struct_site_gen.label_atom_id 
_struct_site_gen.label_alt_id 
_struct_site_gen.symmetry 
_struct_site_gen.details 
1 AC1 4 ARG A 31 ? ARG A 1126 . ? 1_555 ? 
2 AC1 4 PRO A 58 ? PRO A 1153 . ? 1_555 ? 
3 AC1 4 HOH C .  ? HOH A 1304 . ? 1_555 ? 
4 AC1 4 HOH C .  ? HOH A 1315 . ? 1_555 ? 
# 
loop_
_pdbx_validate_symm_contact.id 
_pdbx_validate_symm_contact.PDB_model_num 
_pdbx_validate_symm_contact.auth_atom_id_1 
_pdbx_validate_symm_contact.auth_asym_id_1 
_pdbx_validate_symm_contact.auth_comp_id_1 
_pdbx_validate_symm_contact.auth_seq_id_1 
_pdbx_validate_symm_contact.PDB_ins_code_1 
_pdbx_validate_symm_contact.label_alt_id_1 
_pdbx_validate_symm_contact.site_symmetry_1 
_pdbx_validate_symm_contact.auth_atom_id_2 
_pdbx_validate_symm_contact.auth_asym_id_2 
_pdbx_validate_symm_contact.auth_comp_id_2 
_pdbx_validate_symm_contact.auth_seq_id_2 
_pdbx_validate_symm_contact.PDB_ins_code_2 
_pdbx_validate_symm_contact.label_alt_id_2 
_pdbx_validate_symm_contact.site_symmetry_2 
_pdbx_validate_symm_contact.dist 
1 1 O   A THR 1147 ? ? 1_555 O A HOH 1344 ? ? 2_665  2.02 
2 1 OE2 A GLU 1159 ? ? 1_555 O A HOH 1317 ? ? 12_569 2.18 
# 
loop_
_pdbx_validate_torsion.id 
_pdbx_validate_torsion.PDB_model_num 
_pdbx_validate_torsion.auth_comp_id 
_pdbx_validate_torsion.auth_asym_id 
_pdbx_validate_torsion.auth_seq_id 
_pdbx_validate_torsion.PDB_ins_code 
_pdbx_validate_torsion.label_alt_id 
_pdbx_validate_torsion.phi 
_pdbx_validate_torsion.psi 
1 1 LEU A 1107 ? ? 67.57  -2.00 
2 1 ARG A 1166 ? ? -88.86 38.40 
# 
loop_
_pdbx_struct_special_symmetry.id 
_pdbx_struct_special_symmetry.PDB_model_num 
_pdbx_struct_special_symmetry.auth_asym_id 
_pdbx_struct_special_symmetry.auth_comp_id 
_pdbx_struct_special_symmetry.auth_seq_id 
_pdbx_struct_special_symmetry.PDB_ins_code 
_pdbx_struct_special_symmetry.label_asym_id 
_pdbx_struct_special_symmetry.label_comp_id 
_pdbx_struct_special_symmetry.label_seq_id 
1 1 A HOH 1315 ? C HOH . 
2 1 A HOH 1332 ? C HOH . 
# 
_pdbx_refine_tls.pdbx_refine_id   'X-RAY DIFFRACTION' 
_pdbx_refine_tls.id               1 
_pdbx_refine_tls.details          ? 
_pdbx_refine_tls.method           refined 
_pdbx_refine_tls.origin_x         0.2999 
_pdbx_refine_tls.origin_y         0.1768 
_pdbx_refine_tls.origin_z         -0.1809 
_pdbx_refine_tls.T[1][1]          0.2158 
_pdbx_refine_tls.T[2][2]          0.2691 
_pdbx_refine_tls.T[3][3]          0.2329 
_pdbx_refine_tls.T[1][2]          -0.0478 
_pdbx_refine_tls.T[1][3]          0.0082 
_pdbx_refine_tls.T[2][3]          -0.0455 
_pdbx_refine_tls.L[1][1]          2.6726 
_pdbx_refine_tls.L[2][2]          5.6763 
_pdbx_refine_tls.L[3][3]          3.5233 
_pdbx_refine_tls.L[1][2]          -0.4681 
_pdbx_refine_tls.L[1][3]          -0.5483 
_pdbx_refine_tls.L[2][3]          -0.3702 
_pdbx_refine_tls.S[1][1]          0.1381 
_pdbx_refine_tls.S[1][2]          -0.0998 
_pdbx_refine_tls.S[1][3]          0.1562 
_pdbx_refine_tls.S[2][1]          0.3579 
_pdbx_refine_tls.S[2][2]          -0.2225 
_pdbx_refine_tls.S[2][3]          0.4878 
_pdbx_refine_tls.S[3][1]          -0.2103 
_pdbx_refine_tls.S[3][2]          -0.1360 
_pdbx_refine_tls.S[3][3]          0.0493 
# 
_pdbx_refine_tls_group.pdbx_refine_id      'X-RAY DIFFRACTION' 
_pdbx_refine_tls_group.id                  1 
_pdbx_refine_tls_group.refine_tls_id       1 
_pdbx_refine_tls_group.beg_auth_asym_id    ? 
_pdbx_refine_tls_group.beg_auth_seq_id     ? 
_pdbx_refine_tls_group.beg_label_asym_id   ? 
_pdbx_refine_tls_group.beg_label_seq_id    ? 
_pdbx_refine_tls_group.end_auth_asym_id    ? 
_pdbx_refine_tls_group.end_auth_seq_id     ? 
_pdbx_refine_tls_group.end_label_asym_id   ? 
_pdbx_refine_tls_group.end_label_seq_id    ? 
_pdbx_refine_tls_group.selection           ? 
_pdbx_refine_tls_group.selection_details   all 
# 
_pdbx_distant_solvent_atoms.id                                1 
_pdbx_distant_solvent_atoms.PDB_model_num                     1 
_pdbx_distant_solvent_atoms.auth_atom_id                      O 
_pdbx_distant_solvent_atoms.label_alt_id                      ? 
_pdbx_distant_solvent_atoms.auth_asym_id                      A 
_pdbx_distant_solvent_atoms.auth_comp_id                      HOH 
_pdbx_distant_solvent_atoms.auth_seq_id                       1344 
_pdbx_distant_solvent_atoms.PDB_ins_code                      ? 
_pdbx_distant_solvent_atoms.neighbor_macromolecule_distance   13.66 
_pdbx_distant_solvent_atoms.neighbor_ligand_distance          . 
# 
loop_
_pdbx_unobs_or_zero_occ_residues.id 
_pdbx_unobs_or_zero_occ_residues.PDB_model_num 
_pdbx_unobs_or_zero_occ_residues.polymer_flag 
_pdbx_unobs_or_zero_occ_residues.occupancy_flag 
_pdbx_unobs_or_zero_occ_residues.auth_asym_id 
_pdbx_unobs_or_zero_occ_residues.auth_comp_id 
_pdbx_unobs_or_zero_occ_residues.auth_seq_id 
_pdbx_unobs_or_zero_occ_residues.PDB_ins_code 
_pdbx_unobs_or_zero_occ_residues.label_asym_id 
_pdbx_unobs_or_zero_occ_residues.label_comp_id 
_pdbx_unobs_or_zero_occ_residues.label_seq_id 
1 1 Y 1 A GLY 1096 ? A GLY 1  
2 1 Y 1 A SER 1097 ? A SER 2  
3 1 Y 1 A GLN 1169 ? A GLN 74 
4 1 Y 1 A ASN 1170 ? A ASN 75 
5 1 Y 1 A SER 1171 ? A SER 76 
6 1 Y 1 A ASP 1172 ? A ASP 77 
7 1 Y 1 A HIS 1173 ? A HIS 78 
# 
loop_
_chem_comp_atom.comp_id 
_chem_comp_atom.atom_id 
_chem_comp_atom.type_symbol 
_chem_comp_atom.pdbx_aromatic_flag 
_chem_comp_atom.pdbx_stereo_config 
_chem_comp_atom.pdbx_ordinal 
ALA N    N N N 1   
ALA CA   C N S 2   
ALA C    C N N 3   
ALA O    O N N 4   
ALA CB   C N N 5   
ALA OXT  O N N 6   
ALA H    H N N 7   
ALA H2   H N N 8   
ALA HA   H N N 9   
ALA HB1  H N N 10  
ALA HB2  H N N 11  
ALA HB3  H N N 12  
ALA HXT  H N N 13  
ARG N    N N N 14  
ARG CA   C N S 15  
ARG C    C N N 16  
ARG O    O N N 17  
ARG CB   C N N 18  
ARG CG   C N N 19  
ARG CD   C N N 20  
ARG NE   N N N 21  
ARG CZ   C N N 22  
ARG NH1  N N N 23  
ARG NH2  N N N 24  
ARG OXT  O N N 25  
ARG H    H N N 26  
ARG H2   H N N 27  
ARG HA   H N N 28  
ARG HB2  H N N 29  
ARG HB3  H N N 30  
ARG HG2  H N N 31  
ARG HG3  H N N 32  
ARG HD2  H N N 33  
ARG HD3  H N N 34  
ARG HE   H N N 35  
ARG HH11 H N N 36  
ARG HH12 H N N 37  
ARG HH21 H N N 38  
ARG HH22 H N N 39  
ARG HXT  H N N 40  
ASN N    N N N 41  
ASN CA   C N S 42  
ASN C    C N N 43  
ASN O    O N N 44  
ASN CB   C N N 45  
ASN CG   C N N 46  
ASN OD1  O N N 47  
ASN ND2  N N N 48  
ASN OXT  O N N 49  
ASN H    H N N 50  
ASN H2   H N N 51  
ASN HA   H N N 52  
ASN HB2  H N N 53  
ASN HB3  H N N 54  
ASN HD21 H N N 55  
ASN HD22 H N N 56  
ASN HXT  H N N 57  
ASP N    N N N 58  
ASP CA   C N S 59  
ASP C    C N N 60  
ASP O    O N N 61  
ASP CB   C N N 62  
ASP CG   C N N 63  
ASP OD1  O N N 64  
ASP OD2  O N N 65  
ASP OXT  O N N 66  
ASP H    H N N 67  
ASP H2   H N N 68  
ASP HA   H N N 69  
ASP HB2  H N N 70  
ASP HB3  H N N 71  
ASP HD2  H N N 72  
ASP HXT  H N N 73  
GLN N    N N N 74  
GLN CA   C N S 75  
GLN C    C N N 76  
GLN O    O N N 77  
GLN CB   C N N 78  
GLN CG   C N N 79  
GLN CD   C N N 80  
GLN OE1  O N N 81  
GLN NE2  N N N 82  
GLN OXT  O N N 83  
GLN H    H N N 84  
GLN H2   H N N 85  
GLN HA   H N N 86  
GLN HB2  H N N 87  
GLN HB3  H N N 88  
GLN HG2  H N N 89  
GLN HG3  H N N 90  
GLN HE21 H N N 91  
GLN HE22 H N N 92  
GLN HXT  H N N 93  
GLU N    N N N 94  
GLU CA   C N S 95  
GLU C    C N N 96  
GLU O    O N N 97  
GLU CB   C N N 98  
GLU CG   C N N 99  
GLU CD   C N N 100 
GLU OE1  O N N 101 
GLU OE2  O N N 102 
GLU OXT  O N N 103 
GLU H    H N N 104 
GLU H2   H N N 105 
GLU HA   H N N 106 
GLU HB2  H N N 107 
GLU HB3  H N N 108 
GLU HG2  H N N 109 
GLU HG3  H N N 110 
GLU HE2  H N N 111 
GLU HXT  H N N 112 
GLY N    N N N 113 
GLY CA   C N N 114 
GLY C    C N N 115 
GLY O    O N N 116 
GLY OXT  O N N 117 
GLY H    H N N 118 
GLY H2   H N N 119 
GLY HA2  H N N 120 
GLY HA3  H N N 121 
GLY HXT  H N N 122 
HIS N    N N N 123 
HIS CA   C N S 124 
HIS C    C N N 125 
HIS O    O N N 126 
HIS CB   C N N 127 
HIS CG   C Y N 128 
HIS ND1  N Y N 129 
HIS CD2  C Y N 130 
HIS CE1  C Y N 131 
HIS NE2  N Y N 132 
HIS OXT  O N N 133 
HIS H    H N N 134 
HIS H2   H N N 135 
HIS HA   H N N 136 
HIS HB2  H N N 137 
HIS HB3  H N N 138 
HIS HD1  H N N 139 
HIS HD2  H N N 140 
HIS HE1  H N N 141 
HIS HE2  H N N 142 
HIS HXT  H N N 143 
HOH O    O N N 144 
HOH H1   H N N 145 
HOH H2   H N N 146 
ILE N    N N N 147 
ILE CA   C N S 148 
ILE C    C N N 149 
ILE O    O N N 150 
ILE CB   C N S 151 
ILE CG1  C N N 152 
ILE CG2  C N N 153 
ILE CD1  C N N 154 
ILE OXT  O N N 155 
ILE H    H N N 156 
ILE H2   H N N 157 
ILE HA   H N N 158 
ILE HB   H N N 159 
ILE HG12 H N N 160 
ILE HG13 H N N 161 
ILE HG21 H N N 162 
ILE HG22 H N N 163 
ILE HG23 H N N 164 
ILE HD11 H N N 165 
ILE HD12 H N N 166 
ILE HD13 H N N 167 
ILE HXT  H N N 168 
LEU N    N N N 169 
LEU CA   C N S 170 
LEU C    C N N 171 
LEU O    O N N 172 
LEU CB   C N N 173 
LEU CG   C N N 174 
LEU CD1  C N N 175 
LEU CD2  C N N 176 
LEU OXT  O N N 177 
LEU H    H N N 178 
LEU H2   H N N 179 
LEU HA   H N N 180 
LEU HB2  H N N 181 
LEU HB3  H N N 182 
LEU HG   H N N 183 
LEU HD11 H N N 184 
LEU HD12 H N N 185 
LEU HD13 H N N 186 
LEU HD21 H N N 187 
LEU HD22 H N N 188 
LEU HD23 H N N 189 
LEU HXT  H N N 190 
LYS N    N N N 191 
LYS CA   C N S 192 
LYS C    C N N 193 
LYS O    O N N 194 
LYS CB   C N N 195 
LYS CG   C N N 196 
LYS CD   C N N 197 
LYS CE   C N N 198 
LYS NZ   N N N 199 
LYS OXT  O N N 200 
LYS H    H N N 201 
LYS H2   H N N 202 
LYS HA   H N N 203 
LYS HB2  H N N 204 
LYS HB3  H N N 205 
LYS HG2  H N N 206 
LYS HG3  H N N 207 
LYS HD2  H N N 208 
LYS HD3  H N N 209 
LYS HE2  H N N 210 
LYS HE3  H N N 211 
LYS HZ1  H N N 212 
LYS HZ2  H N N 213 
LYS HZ3  H N N 214 
LYS HXT  H N N 215 
MET N    N N N 216 
MET CA   C N S 217 
MET C    C N N 218 
MET O    O N N 219 
MET CB   C N N 220 
MET CG   C N N 221 
MET SD   S N N 222 
MET CE   C N N 223 
MET OXT  O N N 224 
MET H    H N N 225 
MET H2   H N N 226 
MET HA   H N N 227 
MET HB2  H N N 228 
MET HB3  H N N 229 
MET HG2  H N N 230 
MET HG3  H N N 231 
MET HE1  H N N 232 
MET HE2  H N N 233 
MET HE3  H N N 234 
MET HXT  H N N 235 
PHE N    N N N 236 
PHE CA   C N S 237 
PHE C    C N N 238 
PHE O    O N N 239 
PHE CB   C N N 240 
PHE CG   C Y N 241 
PHE CD1  C Y N 242 
PHE CD2  C Y N 243 
PHE CE1  C Y N 244 
PHE CE2  C Y N 245 
PHE CZ   C Y N 246 
PHE OXT  O N N 247 
PHE H    H N N 248 
PHE H2   H N N 249 
PHE HA   H N N 250 
PHE HB2  H N N 251 
PHE HB3  H N N 252 
PHE HD1  H N N 253 
PHE HD2  H N N 254 
PHE HE1  H N N 255 
PHE HE2  H N N 256 
PHE HZ   H N N 257 
PHE HXT  H N N 258 
PRO N    N N N 259 
PRO CA   C N S 260 
PRO C    C N N 261 
PRO O    O N N 262 
PRO CB   C N N 263 
PRO CG   C N N 264 
PRO CD   C N N 265 
PRO OXT  O N N 266 
PRO H    H N N 267 
PRO HA   H N N 268 
PRO HB2  H N N 269 
PRO HB3  H N N 270 
PRO HG2  H N N 271 
PRO HG3  H N N 272 
PRO HD2  H N N 273 
PRO HD3  H N N 274 
PRO HXT  H N N 275 
SER N    N N N 276 
SER CA   C N S 277 
SER C    C N N 278 
SER O    O N N 279 
SER CB   C N N 280 
SER OG   O N N 281 
SER OXT  O N N 282 
SER H    H N N 283 
SER H2   H N N 284 
SER HA   H N N 285 
SER HB2  H N N 286 
SER HB3  H N N 287 
SER HG   H N N 288 
SER HXT  H N N 289 
SO4 S    S N N 290 
SO4 O1   O N N 291 
SO4 O2   O N N 292 
SO4 O3   O N N 293 
SO4 O4   O N N 294 
THR N    N N N 295 
THR CA   C N S 296 
THR C    C N N 297 
THR O    O N N 298 
THR CB   C N R 299 
THR OG1  O N N 300 
THR CG2  C N N 301 
THR OXT  O N N 302 
THR H    H N N 303 
THR H2   H N N 304 
THR HA   H N N 305 
THR HB   H N N 306 
THR HG1  H N N 307 
THR HG21 H N N 308 
THR HG22 H N N 309 
THR HG23 H N N 310 
THR HXT  H N N 311 
TRP N    N N N 312 
TRP CA   C N S 313 
TRP C    C N N 314 
TRP O    O N N 315 
TRP CB   C N N 316 
TRP CG   C Y N 317 
TRP CD1  C Y N 318 
TRP CD2  C Y N 319 
TRP NE1  N Y N 320 
TRP CE2  C Y N 321 
TRP CE3  C Y N 322 
TRP CZ2  C Y N 323 
TRP CZ3  C Y N 324 
TRP CH2  C Y N 325 
TRP OXT  O N N 326 
TRP H    H N N 327 
TRP H2   H N N 328 
TRP HA   H N N 329 
TRP HB2  H N N 330 
TRP HB3  H N N 331 
TRP HD1  H N N 332 
TRP HE1  H N N 333 
TRP HE3  H N N 334 
TRP HZ2  H N N 335 
TRP HZ3  H N N 336 
TRP HH2  H N N 337 
TRP HXT  H N N 338 
VAL N    N N N 339 
VAL CA   C N S 340 
VAL C    C N N 341 
VAL O    O N N 342 
VAL CB   C N N 343 
VAL CG1  C N N 344 
VAL CG2  C N N 345 
VAL OXT  O N N 346 
VAL H    H N N 347 
VAL H2   H N N 348 
VAL HA   H N N 349 
VAL HB   H N N 350 
VAL HG11 H N N 351 
VAL HG12 H N N 352 
VAL HG13 H N N 353 
VAL HG21 H N N 354 
VAL HG22 H N N 355 
VAL HG23 H N N 356 
VAL HXT  H N N 357 
# 
loop_
_chem_comp_bond.comp_id 
_chem_comp_bond.atom_id_1 
_chem_comp_bond.atom_id_2 
_chem_comp_bond.value_order 
_chem_comp_bond.pdbx_aromatic_flag 
_chem_comp_bond.pdbx_stereo_config 
_chem_comp_bond.pdbx_ordinal 
ALA N   CA   sing N N 1   
ALA N   H    sing N N 2   
ALA N   H2   sing N N 3   
ALA CA  C    sing N N 4   
ALA CA  CB   sing N N 5   
ALA CA  HA   sing N N 6   
ALA C   O    doub N N 7   
ALA C   OXT  sing N N 8   
ALA CB  HB1  sing N N 9   
ALA CB  HB2  sing N N 10  
ALA CB  HB3  sing N N 11  
ALA OXT HXT  sing N N 12  
ARG N   CA   sing N N 13  
ARG N   H    sing N N 14  
ARG N   H2   sing N N 15  
ARG CA  C    sing N N 16  
ARG CA  CB   sing N N 17  
ARG CA  HA   sing N N 18  
ARG C   O    doub N N 19  
ARG C   OXT  sing N N 20  
ARG CB  CG   sing N N 21  
ARG CB  HB2  sing N N 22  
ARG CB  HB3  sing N N 23  
ARG CG  CD   sing N N 24  
ARG CG  HG2  sing N N 25  
ARG CG  HG3  sing N N 26  
ARG CD  NE   sing N N 27  
ARG CD  HD2  sing N N 28  
ARG CD  HD3  sing N N 29  
ARG NE  CZ   sing N N 30  
ARG NE  HE   sing N N 31  
ARG CZ  NH1  sing N N 32  
ARG CZ  NH2  doub N N 33  
ARG NH1 HH11 sing N N 34  
ARG NH1 HH12 sing N N 35  
ARG NH2 HH21 sing N N 36  
ARG NH2 HH22 sing N N 37  
ARG OXT HXT  sing N N 38  
ASN N   CA   sing N N 39  
ASN N   H    sing N N 40  
ASN N   H2   sing N N 41  
ASN CA  C    sing N N 42  
ASN CA  CB   sing N N 43  
ASN CA  HA   sing N N 44  
ASN C   O    doub N N 45  
ASN C   OXT  sing N N 46  
ASN CB  CG   sing N N 47  
ASN CB  HB2  sing N N 48  
ASN CB  HB3  sing N N 49  
ASN CG  OD1  doub N N 50  
ASN CG  ND2  sing N N 51  
ASN ND2 HD21 sing N N 52  
ASN ND2 HD22 sing N N 53  
ASN OXT HXT  sing N N 54  
ASP N   CA   sing N N 55  
ASP N   H    sing N N 56  
ASP N   H2   sing N N 57  
ASP CA  C    sing N N 58  
ASP CA  CB   sing N N 59  
ASP CA  HA   sing N N 60  
ASP C   O    doub N N 61  
ASP C   OXT  sing N N 62  
ASP CB  CG   sing N N 63  
ASP CB  HB2  sing N N 64  
ASP CB  HB3  sing N N 65  
ASP CG  OD1  doub N N 66  
ASP CG  OD2  sing N N 67  
ASP OD2 HD2  sing N N 68  
ASP OXT HXT  sing N N 69  
GLN N   CA   sing N N 70  
GLN N   H    sing N N 71  
GLN N   H2   sing N N 72  
GLN CA  C    sing N N 73  
GLN CA  CB   sing N N 74  
GLN CA  HA   sing N N 75  
GLN C   O    doub N N 76  
GLN C   OXT  sing N N 77  
GLN CB  CG   sing N N 78  
GLN CB  HB2  sing N N 79  
GLN CB  HB3  sing N N 80  
GLN CG  CD   sing N N 81  
GLN CG  HG2  sing N N 82  
GLN CG  HG3  sing N N 83  
GLN CD  OE1  doub N N 84  
GLN CD  NE2  sing N N 85  
GLN NE2 HE21 sing N N 86  
GLN NE2 HE22 sing N N 87  
GLN OXT HXT  sing N N 88  
GLU N   CA   sing N N 89  
GLU N   H    sing N N 90  
GLU N   H2   sing N N 91  
GLU CA  C    sing N N 92  
GLU CA  CB   sing N N 93  
GLU CA  HA   sing N N 94  
GLU C   O    doub N N 95  
GLU C   OXT  sing N N 96  
GLU CB  CG   sing N N 97  
GLU CB  HB2  sing N N 98  
GLU CB  HB3  sing N N 99  
GLU CG  CD   sing N N 100 
GLU CG  HG2  sing N N 101 
GLU CG  HG3  sing N N 102 
GLU CD  OE1  doub N N 103 
GLU CD  OE2  sing N N 104 
GLU OE2 HE2  sing N N 105 
GLU OXT HXT  sing N N 106 
GLY N   CA   sing N N 107 
GLY N   H    sing N N 108 
GLY N   H2   sing N N 109 
GLY CA  C    sing N N 110 
GLY CA  HA2  sing N N 111 
GLY CA  HA3  sing N N 112 
GLY C   O    doub N N 113 
GLY C   OXT  sing N N 114 
GLY OXT HXT  sing N N 115 
HIS N   CA   sing N N 116 
HIS N   H    sing N N 117 
HIS N   H2   sing N N 118 
HIS CA  C    sing N N 119 
HIS CA  CB   sing N N 120 
HIS CA  HA   sing N N 121 
HIS C   O    doub N N 122 
HIS C   OXT  sing N N 123 
HIS CB  CG   sing N N 124 
HIS CB  HB2  sing N N 125 
HIS CB  HB3  sing N N 126 
HIS CG  ND1  sing Y N 127 
HIS CG  CD2  doub Y N 128 
HIS ND1 CE1  doub Y N 129 
HIS ND1 HD1  sing N N 130 
HIS CD2 NE2  sing Y N 131 
HIS CD2 HD2  sing N N 132 
HIS CE1 NE2  sing Y N 133 
HIS CE1 HE1  sing N N 134 
HIS NE2 HE2  sing N N 135 
HIS OXT HXT  sing N N 136 
HOH O   H1   sing N N 137 
HOH O   H2   sing N N 138 
ILE N   CA   sing N N 139 
ILE N   H    sing N N 140 
ILE N   H2   sing N N 141 
ILE CA  C    sing N N 142 
ILE CA  CB   sing N N 143 
ILE CA  HA   sing N N 144 
ILE C   O    doub N N 145 
ILE C   OXT  sing N N 146 
ILE CB  CG1  sing N N 147 
ILE CB  CG2  sing N N 148 
ILE CB  HB   sing N N 149 
ILE CG1 CD1  sing N N 150 
ILE CG1 HG12 sing N N 151 
ILE CG1 HG13 sing N N 152 
ILE CG2 HG21 sing N N 153 
ILE CG2 HG22 sing N N 154 
ILE CG2 HG23 sing N N 155 
ILE CD1 HD11 sing N N 156 
ILE CD1 HD12 sing N N 157 
ILE CD1 HD13 sing N N 158 
ILE OXT HXT  sing N N 159 
LEU N   CA   sing N N 160 
LEU N   H    sing N N 161 
LEU N   H2   sing N N 162 
LEU CA  C    sing N N 163 
LEU CA  CB   sing N N 164 
LEU CA  HA   sing N N 165 
LEU C   O    doub N N 166 
LEU C   OXT  sing N N 167 
LEU CB  CG   sing N N 168 
LEU CB  HB2  sing N N 169 
LEU CB  HB3  sing N N 170 
LEU CG  CD1  sing N N 171 
LEU CG  CD2  sing N N 172 
LEU CG  HG   sing N N 173 
LEU CD1 HD11 sing N N 174 
LEU CD1 HD12 sing N N 175 
LEU CD1 HD13 sing N N 176 
LEU CD2 HD21 sing N N 177 
LEU CD2 HD22 sing N N 178 
LEU CD2 HD23 sing N N 179 
LEU OXT HXT  sing N N 180 
LYS N   CA   sing N N 181 
LYS N   H    sing N N 182 
LYS N   H2   sing N N 183 
LYS CA  C    sing N N 184 
LYS CA  CB   sing N N 185 
LYS CA  HA   sing N N 186 
LYS C   O    doub N N 187 
LYS C   OXT  sing N N 188 
LYS CB  CG   sing N N 189 
LYS CB  HB2  sing N N 190 
LYS CB  HB3  sing N N 191 
LYS CG  CD   sing N N 192 
LYS CG  HG2  sing N N 193 
LYS CG  HG3  sing N N 194 
LYS CD  CE   sing N N 195 
LYS CD  HD2  sing N N 196 
LYS CD  HD3  sing N N 197 
LYS CE  NZ   sing N N 198 
LYS CE  HE2  sing N N 199 
LYS CE  HE3  sing N N 200 
LYS NZ  HZ1  sing N N 201 
LYS NZ  HZ2  sing N N 202 
LYS NZ  HZ3  sing N N 203 
LYS OXT HXT  sing N N 204 
MET N   CA   sing N N 205 
MET N   H    sing N N 206 
MET N   H2   sing N N 207 
MET CA  C    sing N N 208 
MET CA  CB   sing N N 209 
MET CA  HA   sing N N 210 
MET C   O    doub N N 211 
MET C   OXT  sing N N 212 
MET CB  CG   sing N N 213 
MET CB  HB2  sing N N 214 
MET CB  HB3  sing N N 215 
MET CG  SD   sing N N 216 
MET CG  HG2  sing N N 217 
MET CG  HG3  sing N N 218 
MET SD  CE   sing N N 219 
MET CE  HE1  sing N N 220 
MET CE  HE2  sing N N 221 
MET CE  HE3  sing N N 222 
MET OXT HXT  sing N N 223 
PHE N   CA   sing N N 224 
PHE N   H    sing N N 225 
PHE N   H2   sing N N 226 
PHE CA  C    sing N N 227 
PHE CA  CB   sing N N 228 
PHE CA  HA   sing N N 229 
PHE C   O    doub N N 230 
PHE C   OXT  sing N N 231 
PHE CB  CG   sing N N 232 
PHE CB  HB2  sing N N 233 
PHE CB  HB3  sing N N 234 
PHE CG  CD1  doub Y N 235 
PHE CG  CD2  sing Y N 236 
PHE CD1 CE1  sing Y N 237 
PHE CD1 HD1  sing N N 238 
PHE CD2 CE2  doub Y N 239 
PHE CD2 HD2  sing N N 240 
PHE CE1 CZ   doub Y N 241 
PHE CE1 HE1  sing N N 242 
PHE CE2 CZ   sing Y N 243 
PHE CE2 HE2  sing N N 244 
PHE CZ  HZ   sing N N 245 
PHE OXT HXT  sing N N 246 
PRO N   CA   sing N N 247 
PRO N   CD   sing N N 248 
PRO N   H    sing N N 249 
PRO CA  C    sing N N 250 
PRO CA  CB   sing N N 251 
PRO CA  HA   sing N N 252 
PRO C   O    doub N N 253 
PRO C   OXT  sing N N 254 
PRO CB  CG   sing N N 255 
PRO CB  HB2  sing N N 256 
PRO CB  HB3  sing N N 257 
PRO CG  CD   sing N N 258 
PRO CG  HG2  sing N N 259 
PRO CG  HG3  sing N N 260 
PRO CD  HD2  sing N N 261 
PRO CD  HD3  sing N N 262 
PRO OXT HXT  sing N N 263 
SER N   CA   sing N N 264 
SER N   H    sing N N 265 
SER N   H2   sing N N 266 
SER CA  C    sing N N 267 
SER CA  CB   sing N N 268 
SER CA  HA   sing N N 269 
SER C   O    doub N N 270 
SER C   OXT  sing N N 271 
SER CB  OG   sing N N 272 
SER CB  HB2  sing N N 273 
SER CB  HB3  sing N N 274 
SER OG  HG   sing N N 275 
SER OXT HXT  sing N N 276 
SO4 S   O1   doub N N 277 
SO4 S   O2   doub N N 278 
SO4 S   O3   sing N N 279 
SO4 S   O4   sing N N 280 
THR N   CA   sing N N 281 
THR N   H    sing N N 282 
THR N   H2   sing N N 283 
THR CA  C    sing N N 284 
THR CA  CB   sing N N 285 
THR CA  HA   sing N N 286 
THR C   O    doub N N 287 
THR C   OXT  sing N N 288 
THR CB  OG1  sing N N 289 
THR CB  CG2  sing N N 290 
THR CB  HB   sing N N 291 
THR OG1 HG1  sing N N 292 
THR CG2 HG21 sing N N 293 
THR CG2 HG22 sing N N 294 
THR CG2 HG23 sing N N 295 
THR OXT HXT  sing N N 296 
TRP N   CA   sing N N 297 
TRP N   H    sing N N 298 
TRP N   H2   sing N N 299 
TRP CA  C    sing N N 300 
TRP CA  CB   sing N N 301 
TRP CA  HA   sing N N 302 
TRP C   O    doub N N 303 
TRP C   OXT  sing N N 304 
TRP CB  CG   sing N N 305 
TRP CB  HB2  sing N N 306 
TRP CB  HB3  sing N N 307 
TRP CG  CD1  doub Y N 308 
TRP CG  CD2  sing Y N 309 
TRP CD1 NE1  sing Y N 310 
TRP CD1 HD1  sing N N 311 
TRP CD2 CE2  doub Y N 312 
TRP CD2 CE3  sing Y N 313 
TRP NE1 CE2  sing Y N 314 
TRP NE1 HE1  sing N N 315 
TRP CE2 CZ2  sing Y N 316 
TRP CE3 CZ3  doub Y N 317 
TRP CE3 HE3  sing N N 318 
TRP CZ2 CH2  doub Y N 319 
TRP CZ2 HZ2  sing N N 320 
TRP CZ3 CH2  sing Y N 321 
TRP CZ3 HZ3  sing N N 322 
TRP CH2 HH2  sing N N 323 
TRP OXT HXT  sing N N 324 
VAL N   CA   sing N N 325 
VAL N   H    sing N N 326 
VAL N   H2   sing N N 327 
VAL CA  C    sing N N 328 
VAL CA  CB   sing N N 329 
VAL CA  HA   sing N N 330 
VAL C   O    doub N N 331 
VAL C   OXT  sing N N 332 
VAL CB  CG1  sing N N 333 
VAL CB  CG2  sing N N 334 
VAL CB  HB   sing N N 335 
VAL CG1 HG11 sing N N 336 
VAL CG1 HG12 sing N N 337 
VAL CG1 HG13 sing N N 338 
VAL CG2 HG21 sing N N 339 
VAL CG2 HG22 sing N N 340 
VAL CG2 HG23 sing N N 341 
VAL OXT HXT  sing N N 342 
# 
loop_
_pdbx_audit_support.funding_organization 
_pdbx_audit_support.country 
_pdbx_audit_support.grant_number 
_pdbx_audit_support.ordinal 
'Cancer Research UK'        'United Kingdom' C596/A23278 1 
'European Research Council' 'United Kingdom' 647849      2 
# 
_pdbx_initial_refinement_model.id               1 
_pdbx_initial_refinement_model.entity_id_list   ? 
_pdbx_initial_refinement_model.type             'experimental model' 
_pdbx_initial_refinement_model.source_name      PDB 
_pdbx_initial_refinement_model.accession_code   3L1Z 
_pdbx_initial_refinement_model.details          ? 
# 
_atom_sites.entry_id                    5O75 
_atom_sites.fract_transf_matrix[1][1]   -0.00383349 
_atom_sites.fract_transf_matrix[1][2]   0.00795266 
_atom_sites.fract_transf_matrix[1][3]   0.01137825 
_atom_sites.fract_transf_matrix[2][1]   -0.00922711 
_atom_sites.fract_transf_matrix[2][2]   0.01093472 
_atom_sites.fract_transf_matrix[2][3]   -0.00163739 
_atom_sites.fract_transf_matrix[3][1]   -0.01935993 
_atom_sites.fract_transf_matrix[3][2]   -0.01567298 
_atom_sites.fract_transf_matrix[3][3]   0.00443177 
_atom_sites.fract_transf_vector[1]      0.479437 
_atom_sites.fract_transf_vector[2]      0.605001 
_atom_sites.fract_transf_vector[3]      2.259631 
# 
loop_
_atom_type.symbol 
C 
N 
O 
S 
# 
loop_
_atom_site.group_PDB 
_atom_site.id 
_atom_site.type_symbol 
_atom_site.label_atom_id 
_atom_site.label_alt_id 
_atom_site.label_comp_id 
_atom_site.label_asym_id 
_atom_site.label_entity_id 
_atom_site.label_seq_id 
_atom_site.pdbx_PDB_ins_code 
_atom_site.Cartn_x 
_atom_site.Cartn_y 
_atom_site.Cartn_z 
_atom_site.occupancy 
_atom_site.B_iso_or_equiv 
_atom_site.pdbx_formal_charge 
_atom_site.auth_seq_id 
_atom_site.auth_comp_id 
_atom_site.auth_asym_id 
_atom_site.auth_atom_id 
_atom_site.pdbx_PDB_model_num 
ATOM   1   N N   . ASP A 1 3  ? -7.499  6.176   16.990  1.00 76.05  ? 1098 ASP A N   1 
ATOM   2   C CA  . ASP A 1 3  ? -7.418  5.211   15.897  1.00 80.39  ? 1098 ASP A CA  1 
ATOM   3   C C   . ASP A 1 3  ? -7.387  5.964   14.565  1.00 79.54  ? 1098 ASP A C   1 
ATOM   4   O O   . ASP A 1 3  ? -7.648  7.169   14.524  1.00 88.45  ? 1098 ASP A O   1 
ATOM   5   C CB  . ASP A 1 3  ? -8.609  4.242   15.945  1.00 86.89  ? 1098 ASP A CB  1 
ATOM   6   C CG  . ASP A 1 3  ? -8.337  2.923   15.219  1.00 86.74  ? 1098 ASP A CG  1 
ATOM   7   O OD1 . ASP A 1 3  ? -7.781  1.993   15.839  1.00 84.98  ? 1098 ASP A OD1 1 
ATOM   8   O OD2 . ASP A 1 3  ? -8.686  2.811   14.025  1.00 89.76  ? 1098 ASP A OD2 1 
ATOM   9   N N   . ALA A 1 4  ? -7.066  5.265   13.475  1.00 71.85  ? 1099 ALA A N   1 
ATOM   10  C CA  . ALA A 1 4  ? -6.940  5.938   12.192  1.00 66.04  ? 1099 ALA A CA  1 
ATOM   11  C C   . ALA A 1 4  ? -7.977  5.434   11.196  1.00 61.51  ? 1099 ALA A C   1 
ATOM   12  O O   . ALA A 1 4  ? -8.375  4.261   11.236  1.00 63.19  ? 1099 ALA A O   1 
ATOM   13  C CB  . ALA A 1 4  ? -5.544  5.740   11.594  1.00 62.40  ? 1099 ALA A CB  1 
ATOM   14  N N   . PRO A 1 5  ? -8.419  6.295   10.279  1.00 55.00  ? 1100 PRO A N   1 
ATOM   15  C CA  . PRO A 1 5  ? -9.424  5.886   9.292   1.00 58.09  ? 1100 PRO A CA  1 
ATOM   16  C C   . PRO A 1 5  ? -8.946  4.733   8.427   1.00 53.71  ? 1100 PRO A C   1 
ATOM   17  O O   . PRO A 1 5  ? -7.760  4.604   8.115   1.00 46.96  ? 1100 PRO A O   1 
ATOM   18  C CB  . PRO A 1 5  ? -9.627  7.147   8.445   1.00 58.52  ? 1100 PRO A CB  1 
ATOM   19  C CG  . PRO A 1 5  ? -8.471  8.022   8.755   1.00 55.71  ? 1100 PRO A CG  1 
ATOM   20  C CD  . PRO A 1 5  ? -8.067  7.717   10.153  1.00 53.70  ? 1100 PRO A CD  1 
ATOM   21  N N   . ASP A 1 6  ? -9.907  3.918   8.002   1.00 54.12  ? 1101 ASP A N   1 
ATOM   22  C CA  . ASP A 1 6  ? -9.582  2.687   7.295   1.00 51.45  ? 1101 ASP A CA  1 
ATOM   23  C C   . ASP A 1 6  ? -8.733  2.938   6.058   1.00 42.84  ? 1101 ASP A C   1 
ATOM   24  O O   . ASP A 1 6  ? -7.845  2.139   5.732   1.00 40.59  ? 1101 ASP A O   1 
ATOM   25  C CB  . ASP A 1 6  ? -10.864 1.955   6.921   1.00 66.73  ? 1101 ASP A CB  1 
ATOM   26  C CG  . ASP A 1 6  ? -10.593 0.598   6.327   1.00 77.88  ? 1101 ASP A CG  1 
ATOM   27  O OD1 . ASP A 1 6  ? -10.042 -0.260  7.054   1.00 83.90  ? 1101 ASP A OD1 1 
ATOM   28  O OD2 . ASP A 1 6  ? -10.921 0.392   5.136   1.00 82.37  ? 1101 ASP A OD2 1 
ATOM   29  N N   . GLU A 1 7  ? -8.983  4.043   5.352   1.00 41.62  ? 1102 GLU A N   1 
ATOM   30  C CA  . GLU A 1 7  ? -8.283  4.264   4.090   1.00 41.70  ? 1102 GLU A CA  1 
ATOM   31  C C   . GLU A 1 7  ? -6.814  4.622   4.274   1.00 33.11  ? 1102 GLU A C   1 
ATOM   32  O O   . GLU A 1 7  ? -6.080  4.653   3.285   1.00 34.05  ? 1102 GLU A O   1 
ATOM   33  C CB  . GLU A 1 7  ? -9.015  5.286   3.208   1.00 53.17  ? 1102 GLU A CB  1 
ATOM   34  C CG  . GLU A 1 7  ? -8.761  6.736   3.554   1.00 71.86  ? 1102 GLU A CG  1 
ATOM   35  C CD  . GLU A 1 7  ? -9.409  7.708   2.563   1.00 89.55  ? 1102 GLU A CD  1 
ATOM   36  O OE1 . GLU A 1 7  ? -8.695  8.266   1.693   1.00 89.05  ? 1102 GLU A OE1 1 
ATOM   37  O OE2 . GLU A 1 7  ? -10.640 7.915   2.658   1.00 98.93  ? 1102 GLU A OE2 1 
ATOM   38  N N   . PHE A 1 8  ? -6.376  4.873   5.504   1.00 38.93  ? 1103 PHE A N   1 
ATOM   39  C CA  . PHE A 1 8  ? -4.973  5.110   5.794   1.00 35.40  ? 1103 PHE A CA  1 
ATOM   40  C C   . PHE A 1 8  ? -4.250  3.852   6.267   1.00 34.44  ? 1103 PHE A C   1 
ATOM   41  O O   . PHE A 1 8  ? -3.046  3.919   6.538   1.00 34.74  ? 1103 PHE A O   1 
ATOM   42  C CB  . PHE A 1 8  ? -4.828  6.184   6.879   1.00 37.34  ? 1103 PHE A CB  1 
ATOM   43  C CG  . PHE A 1 8  ? -5.349  7.555   6.499   1.00 38.33  ? 1103 PHE A CG  1 
ATOM   44  C CD1 . PHE A 1 8  ? -5.758  7.853   5.208   1.00 38.54  ? 1103 PHE A CD1 1 
ATOM   45  C CD2 . PHE A 1 8  ? -5.412  8.550   7.460   1.00 44.93  ? 1103 PHE A CD2 1 
ATOM   46  C CE1 . PHE A 1 8  ? -6.239  9.124   4.901   1.00 41.54  ? 1103 PHE A CE1 1 
ATOM   47  C CE2 . PHE A 1 8  ? -5.889  9.808   7.159   1.00 43.00  ? 1103 PHE A CE2 1 
ATOM   48  C CZ  . PHE A 1 8  ? -6.297  10.090  5.867   1.00 47.78  ? 1103 PHE A CZ  1 
ATOM   49  N N   . ARG A 1 9  ? -4.953  2.718   6.389   1.00 35.48  ? 1104 ARG A N   1 
ATOM   50  C CA  . ARG A 1 9  ? -4.378  1.476   6.890   1.00 34.01  ? 1104 ARG A CA  1 
ATOM   51  C C   . ARG A 1 9  ? -4.241  0.427   5.789   1.00 30.71  ? 1104 ARG A C   1 
ATOM   52  O O   . ARG A 1 9  ? -4.902  0.485   4.745   1.00 32.08  ? 1104 ARG A O   1 
ATOM   53  C CB  . ARG A 1 9  ? -5.197  0.928   8.059   1.00 32.17  ? 1104 ARG A CB  1 
ATOM   54  C CG  . ARG A 1 9  ? -4.932  1.695   9.351   1.00 40.48  ? 1104 ARG A CG  1 
ATOM   55  C CD  . ARG A 1 9  ? -5.660  1.129   10.564  1.00 48.63  ? 1104 ARG A CD  1 
ATOM   56  N NE  . ARG A 1 9  ? -7.100  1.369   10.547  1.00 60.49  ? 1104 ARG A NE  1 
ATOM   57  C CZ  . ARG A 1 9  ? -8.011  0.413   10.380  1.00 70.62  ? 1104 ARG A CZ  1 
ATOM   58  N NH1 . ARG A 1 9  ? -9.309  0.707   10.397  1.00 72.29  ? 1104 ARG A NH1 1 
ATOM   59  N NH2 . ARG A 1 9  ? -7.622  -0.844  10.194  1.00 72.73  ? 1104 ARG A NH2 1 
ATOM   60  N N   . ASP A 1 10 ? -3.303  -0.504  6.016   1.00 29.38  ? 1105 ASP A N   1 
ATOM   61  C CA  . ASP A 1 10 ? -3.093  -1.633  5.121   1.00 28.19  ? 1105 ASP A CA  1 
ATOM   62  C C   . ASP A 1 10 ? -4.346  -2.516  5.096   1.00 30.05  ? 1105 ASP A C   1 
ATOM   63  O O   . ASP A 1 10 ? -5.084  -2.576  6.087   1.00 32.73  ? 1105 ASP A O   1 
ATOM   64  C CB  . ASP A 1 10 ? -1.956  -2.497  5.658   1.00 26.81  ? 1105 ASP A CB  1 
ATOM   65  C CG  . ASP A 1 10 ? -0.623  -1.931  5.365   1.00 29.22  ? 1105 ASP A CG  1 
ATOM   66  O OD1 . ASP A 1 10 ? -0.330  -1.739  4.171   1.00 30.28  ? 1105 ASP A OD1 1 
ATOM   67  O OD2 . ASP A 1 10 ? 0.123   -1.673  6.337   1.00 30.35  ? 1105 ASP A OD2 1 
ATOM   68  N N   . PRO A 1 11 ? -4.579  -3.218  3.977   1.00 31.80  ? 1106 PRO A N   1 
ATOM   69  C CA  . PRO A 1 11 ? -5.752  -4.105  3.875   1.00 34.34  ? 1106 PRO A CA  1 
ATOM   70  C C   . PRO A 1 11 ? -5.813  -5.109  5.014   1.00 34.30  ? 1106 PRO A C   1 
ATOM   71  O O   . PRO A 1 11 ? -4.844  -5.822  5.285   1.00 34.42  ? 1106 PRO A O   1 
ATOM   72  C CB  . PRO A 1 11 ? -5.522  -4.810  2.534   1.00 38.38  ? 1106 PRO A CB  1 
ATOM   73  C CG  . PRO A 1 11 ? -4.766  -3.856  1.738   1.00 35.09  ? 1106 PRO A CG  1 
ATOM   74  C CD  . PRO A 1 11 ? -3.844  -3.141  2.703   1.00 30.72  ? 1106 PRO A CD  1 
ATOM   75  N N   . LEU A 1 12 ? -6.972  -5.179  5.670   1.00 39.74  ? 1107 LEU A N   1 
ATOM   76  C CA  . LEU A 1 12 ? -7.261  -6.095  6.770   1.00 41.39  ? 1107 LEU A CA  1 
ATOM   77  C C   . LEU A 1 12 ? -6.466  -5.795  8.025   1.00 38.19  ? 1107 LEU A C   1 
ATOM   78  O O   . LEU A 1 12 ? -6.655  -6.480  9.032   1.00 44.50  ? 1107 LEU A O   1 
ATOM   79  C CB  . LEU A 1 12 ? -7.035  -7.567  6.403   1.00 47.99  ? 1107 LEU A CB  1 
ATOM   80  C CG  . LEU A 1 12 ? -8.158  -8.267  5.649   1.00 49.23  ? 1107 LEU A CG  1 
ATOM   81  C CD1 . LEU A 1 12 ? -7.790  -9.713  5.373   1.00 45.34  ? 1107 LEU A CD1 1 
ATOM   82  C CD2 . LEU A 1 12 ? -9.437  -8.161  6.437   1.00 48.58  ? 1107 LEU A CD2 1 
ATOM   83  N N   . MET A 1 13 ? -5.583  -4.799  8.014   1.00 36.41  ? 1108 MET A N   1 
ATOM   84  C CA  . MET A 1 13 ? -4.626  -4.633  9.093   1.00 42.92  ? 1108 MET A CA  1 
ATOM   85  C C   . MET A 1 13 ? -4.832  -3.332  9.861   1.00 36.78  ? 1108 MET A C   1 
ATOM   86  O O   . MET A 1 13 ? -5.610  -2.459  9.478   1.00 49.58  ? 1108 MET A O   1 
ATOM   87  C CB  . MET A 1 13 ? -3.197  -4.751  8.562   1.00 36.79  ? 1108 MET A CB  1 
ATOM   88  C CG  . MET A 1 13 ? -2.898  -6.151  8.069   1.00 41.26  ? 1108 MET A CG  1 
ATOM   89  S SD  . MET A 1 13 ? -1.232  -6.295  7.415   1.00 41.55  ? 1108 MET A SD  1 
ATOM   90  C CE  . MET A 1 13 ? -0.279  -5.800  8.853   1.00 45.16  ? 1108 MET A CE  1 
ATOM   91  N N   . ASP A 1 14 ? -4.147  -3.245  10.996  1.00 43.31  ? 1109 ASP A N   1 
ATOM   92  C CA  . ASP A 1 14 ? -4.188  -2.092  11.888  1.00 47.06  ? 1109 ASP A CA  1 
ATOM   93  C C   . ASP A 1 14 ? -3.041  -1.117  11.650  1.00 47.88  ? 1109 ASP A C   1 
ATOM   94  O O   . ASP A 1 14 ? -2.898  -0.141  12.392  1.00 56.45  ? 1109 ASP A O   1 
ATOM   95  C CB  . ASP A 1 14 ? -4.271  -2.554  13.363  1.00 51.13  ? 1109 ASP A CB  1 
ATOM   96  C CG  . ASP A 1 14 ? -2.917  -3.015  13.956  1.00 63.96  ? 1109 ASP A CG  1 
ATOM   97  O OD1 . ASP A 1 14 ? -1.818  -2.734  13.407  1.00 66.65  ? 1109 ASP A OD1 1 
ATOM   98  O OD2 . ASP A 1 14 ? -2.937  -3.660  15.035  1.00 70.22  ? 1109 ASP A OD2 1 
ATOM   99  N N   . THR A 1 15 ? -2.198  -1.396  10.673  1.00 39.12  ? 1110 THR A N   1 
ATOM   100 C CA  . THR A 1 15 ? -0.956  -0.671  10.478  1.00 37.02  ? 1110 THR A CA  1 
ATOM   101 C C   . THR A 1 15 ? -1.174  0.513   9.546   1.00 32.69  ? 1110 THR A C   1 
ATOM   102 O O   . THR A 1 15 ? -1.808  0.391   8.492   1.00 34.12  ? 1110 THR A O   1 
ATOM   103 C CB  . THR A 1 15 ? 0.113   -1.596  9.893   1.00 32.06  ? 1110 THR A CB  1 
ATOM   104 O OG1 . THR A 1 15 ? -0.462  -2.375  8.837   1.00 31.35  ? 1110 THR A OG1 1 
ATOM   105 C CG2 . THR A 1 15 ? 0.626   -2.542  10.972  1.00 38.06  ? 1110 THR A CG2 1 
ATOM   106 N N   . LEU A 1 16 ? -0.617  1.655   9.939   1.00 37.95  ? 1111 LEU A N   1 
ATOM   107 C CA  . LEU A 1 16 ? -0.695  2.868   9.143   1.00 36.42  ? 1111 LEU A CA  1 
ATOM   108 C C   . LEU A 1 16 ? 0.251   2.768   7.957   1.00 31.42  ? 1111 LEU A C   1 
ATOM   109 O O   . LEU A 1 16 ? 1.401   2.350   8.101   1.00 39.00  ? 1111 LEU A O   1 
ATOM   110 C CB  . LEU A 1 16 ? -0.261  4.049   9.989   1.00 37.99  ? 1111 LEU A CB  1 
ATOM   111 C CG  . LEU A 1 16 ? -0.870  5.360   9.535   1.00 43.02  ? 1111 LEU A CG  1 
ATOM   112 C CD1 . LEU A 1 16 ? -2.304  5.378   10.007  1.00 47.51  ? 1111 LEU A CD1 1 
ATOM   113 C CD2 . LEU A 1 16 ? -0.080  6.517   10.113  1.00 48.27  ? 1111 LEU A CD2 1 
ATOM   114 N N   . MET A 1 17 ? -0.256  3.092   6.770   1.00 29.22  ? 1112 MET A N   1 
ATOM   115 C CA  . MET A 1 17 ? 0.564   3.152   5.558   1.00 25.49  ? 1112 MET A CA  1 
ATOM   116 C C   . MET A 1 17 ? 1.320   4.472   5.544   1.00 35.33  ? 1112 MET A C   1 
ATOM   117 O O   . MET A 1 17 ? 0.739   5.528   5.293   1.00 45.11  ? 1112 MET A O   1 
ATOM   118 C CB  . MET A 1 17 ? -0.345  3.123   4.347   1.00 24.50  ? 1112 MET A CB  1 
ATOM   119 C CG  . MET A 1 17 ? -1.002  1.789   4.178   1.00 26.64  ? 1112 MET A CG  1 
ATOM   120 S SD  . MET A 1 17 ? -1.945  1.658   2.640   1.00 30.85  ? 1112 MET A SD  1 
ATOM   121 C CE  . MET A 1 17 ? -3.251  2.868   2.847   1.00 30.54  ? 1112 MET A CE  1 
ATOM   122 N N   . THR A 1 18 ? 2.604   4.433   5.824   1.00 27.54  ? 1113 THR A N   1 
ATOM   123 C CA  . THR A 1 18 ? 3.369   5.653   5.671   1.00 26.42  ? 1113 THR A CA  1 
ATOM   124 C C   . THR A 1 18 ? 3.852   5.857   4.242   1.00 26.30  ? 1113 THR A C   1 
ATOM   125 O O   . THR A 1 18 ? 4.276   6.974   3.909   1.00 29.09  ? 1113 THR A O   1 
ATOM   126 C CB  . THR A 1 18 ? 4.536   5.653   6.650   1.00 29.64  ? 1113 THR A CB  1 
ATOM   127 O OG1 . THR A 1 18 ? 5.376   4.525   6.402   1.00 33.57  ? 1113 THR A OG1 1 
ATOM   128 C CG2 . THR A 1 18 ? 4.032   5.615   8.077   1.00 34.26  ? 1113 THR A CG2 1 
ATOM   129 N N   . ASP A 1 19 ? 3.773   4.832   3.398   1.00 25.84  ? 1114 ASP A N   1 
ATOM   130 C CA  . ASP A 1 19 ? 4.329   4.871   2.042   1.00 26.57  ? 1114 ASP A CA  1 
ATOM   131 C C   . ASP A 1 19 ? 3.387   4.096   1.124   1.00 23.98  ? 1114 ASP A C   1 
ATOM   132 O O   . ASP A 1 19 ? 3.724   3.020   0.622   1.00 23.95  ? 1114 ASP A O   1 
ATOM   133 C CB  . ASP A 1 19 ? 5.737   4.268   2.070   1.00 26.26  ? 1114 ASP A CB  1 
ATOM   134 C CG  . ASP A 1 19 ? 6.620   4.708   0.910   1.00 30.92  ? 1114 ASP A CG  1 
ATOM   135 O OD1 . ASP A 1 19 ? 6.202   5.554   0.096   1.00 29.91  ? 1114 ASP A OD1 1 
ATOM   136 O OD2 . ASP A 1 19 ? 7.774   4.211   0.855   1.00 32.01  ? 1114 ASP A OD2 1 
ATOM   137 N N   . PRO A 1 20 ? 2.155   4.592   0.939   1.00 24.87  ? 1115 PRO A N   1 
ATOM   138 C CA  . PRO A 1 20 ? 1.157   3.819   0.193   1.00 26.02  ? 1115 PRO A CA  1 
ATOM   139 C C   . PRO A 1 20 ? 1.508   3.689   -1.283  1.00 23.01  ? 1115 PRO A C   1 
ATOM   140 O O   . PRO A 1 20 ? 1.982   4.642   -1.911  1.00 23.81  ? 1115 PRO A O   1 
ATOM   141 C CB  . PRO A 1 20 ? -0.122  4.645   0.374   1.00 26.62  ? 1115 PRO A CB  1 
ATOM   142 C CG  . PRO A 1 20 ? 0.362   6.046   0.549   1.00 26.25  ? 1115 PRO A CG  1 
ATOM   143 C CD  . PRO A 1 20 ? 1.646   5.915   1.337   1.00 25.17  ? 1115 PRO A CD  1 
ATOM   144 N N   . VAL A 1 21 ? 1.276   2.498   -1.829  1.00 23.57  ? 1116 VAL A N   1 
ATOM   145 C CA  . VAL A 1 21 ? 1.387   2.247   -3.258  1.00 24.68  ? 1116 VAL A CA  1 
ATOM   146 C C   . VAL A 1 21 ? 0.135   1.532   -3.750  1.00 25.55  ? 1116 VAL A C   1 
ATOM   147 O O   . VAL A 1 21 ? -0.533  0.807   -3.000  1.00 25.59  ? 1116 VAL A O   1 
ATOM   148 C CB  . VAL A 1 21 ? 2.679   1.471   -3.645  1.00 22.89  ? 1116 VAL A CB  1 
ATOM   149 C CG1 . VAL A 1 21 ? 3.926   2.284   -3.297  1.00 23.72  ? 1116 VAL A CG1 1 
ATOM   150 C CG2 . VAL A 1 21 ? 2.715   0.108   -2.985  1.00 24.39  ? 1116 VAL A CG2 1 
ATOM   151 N N   A ARG A 1 22 ? -0.243  1.810   -4.997  0.53 23.00  ? 1117 ARG A N   1 
ATOM   152 N N   B ARG A 1 22 ? -0.105  1.668   -5.055  0.47 24.16  ? 1117 ARG A N   1 
ATOM   153 C CA  A ARG A 1 22 ? -1.352  1.116   -5.629  0.53 22.33  ? 1117 ARG A CA  1 
ATOM   154 C CA  B ARG A 1 22 ? -1.298  1.173   -5.724  0.47 24.50  ? 1117 ARG A CA  1 
ATOM   155 C C   A ARG A 1 22 ? -0.790  0.023   -6.526  0.53 22.32  ? 1117 ARG A C   1 
ATOM   156 C C   B ARG A 1 22 ? -0.905  0.070   -6.703  0.47 23.56  ? 1117 ARG A C   1 
ATOM   157 O O   A ARG A 1 22 ? 0.177   0.250   -7.259  0.53 23.09  ? 1117 ARG A O   1 
ATOM   158 O O   B ARG A 1 22 ? -0.185  0.329   -7.676  0.47 24.27  ? 1117 ARG A O   1 
ATOM   159 C CB  A ARG A 1 22 ? -2.225  2.067   -6.463  0.53 26.76  ? 1117 ARG A CB  1 
ATOM   160 C CB  B ARG A 1 22 ? -1.959  2.325   -6.487  0.47 24.17  ? 1117 ARG A CB  1 
ATOM   161 C CG  A ARG A 1 22 ? -3.481  1.421   -7.038  0.53 26.12  ? 1117 ARG A CG  1 
ATOM   162 C CG  B ARG A 1 22 ? -2.932  1.902   -7.573  0.47 29.72  ? 1117 ARG A CG  1 
ATOM   163 C CD  A ARG A 1 22 ? -4.277  2.368   -7.937  0.53 31.33  ? 1117 ARG A CD  1 
ATOM   164 C CD  B ARG A 1 22 ? -3.610  3.114   -8.179  0.47 31.90  ? 1117 ARG A CD  1 
ATOM   165 N NE  A ARG A 1 22 ? -5.587  1.822   -8.312  0.53 31.78  ? 1117 ARG A NE  1 
ATOM   166 N NE  B ARG A 1 22 ? -2.704  4.000   -8.912  0.47 33.56  ? 1117 ARG A NE  1 
ATOM   167 C CZ  A ARG A 1 22 ? -5.772  0.958   -9.304  0.53 29.35  ? 1117 ARG A CZ  1 
ATOM   168 C CZ  B ARG A 1 22 ? -2.549  3.962   -10.233 0.47 29.39  ? 1117 ARG A CZ  1 
ATOM   169 N NH1 A ARG A 1 22 ? -4.733  0.543   -10.012 0.53 26.98  ? 1117 ARG A NH1 1 
ATOM   170 N NH1 B ARG A 1 22 ? -3.216  3.076   -10.957 0.47 34.39  ? 1117 ARG A NH1 1 
ATOM   171 N NH2 A ARG A 1 22 ? -6.989  0.505   -9.584  0.53 30.94  ? 1117 ARG A NH2 1 
ATOM   172 N NH2 B ARG A 1 22 ? -1.729  4.805   -10.833 0.47 32.63  ? 1117 ARG A NH2 1 
ATOM   173 N N   . LEU A 1 23 ? -1.389  -1.154  -6.458  1.00 24.90  ? 1118 LEU A N   1 
ATOM   174 C CA  . LEU A 1 23 ? -1.136  -2.268  -7.351  1.00 24.21  ? 1118 LEU A CA  1 
ATOM   175 C C   . LEU A 1 23 ? -2.074  -2.138  -8.544  1.00 28.19  ? 1118 LEU A C   1 
ATOM   176 O O   . LEU A 1 23 ? -3.097  -1.457  -8.462  1.00 27.21  ? 1118 LEU A O   1 
ATOM   177 C CB  . LEU A 1 23 ? -1.418  -3.582  -6.615  1.00 24.90  ? 1118 LEU A CB  1 
ATOM   178 C CG  . LEU A 1 23 ? -0.350  -4.101  -5.646  1.00 24.23  ? 1118 LEU A CG  1 
ATOM   179 C CD1 . LEU A 1 23 ? -0.018  -3.136  -4.508  1.00 24.77  ? 1118 LEU A CD1 1 
ATOM   180 C CD2 . LEU A 1 23 ? -0.773  -5.480  -5.126  1.00 27.80  ? 1118 LEU A CD2 1 
ATOM   181 N N   . PRO A 1 24 ? -1.750  -2.752  -9.686  1.00 27.70  ? 1119 PRO A N   1 
ATOM   182 C CA  . PRO A 1 24 ? -2.615  -2.588  -10.867 1.00 28.79  ? 1119 PRO A CA  1 
ATOM   183 C C   . PRO A 1 24 ? -4.056  -3.025  -10.641 1.00 28.72  ? 1119 PRO A C   1 
ATOM   184 O O   . PRO A 1 24 ? -4.969  -2.426  -11.214 1.00 34.41  ? 1119 PRO A O   1 
ATOM   185 C CB  . PRO A 1 24 ? -1.893  -3.408  -11.944 1.00 31.79  ? 1119 PRO A CB  1 
ATOM   186 C CG  . PRO A 1 24 ? -0.498  -3.405  -11.534 1.00 33.30  ? 1119 PRO A CG  1 
ATOM   187 C CD  . PRO A 1 24 ? -0.488  -3.438  -10.016 1.00 28.20  ? 1119 PRO A CD  1 
ATOM   188 N N   A SER A 1 25 ? -4.262  -4.040  -9.788  0.54 31.18  ? 1120 SER A N   1 
ATOM   189 N N   B SER A 1 25 ? -4.297  -4.018  -9.803  0.46 30.78  ? 1120 SER A N   1 
ATOM   190 C CA  A SER A 1 25 ? -5.585  -4.521  -9.395  0.54 34.13  ? 1120 SER A CA  1 
ATOM   191 C CA  B SER A 1 25 ? -5.665  -4.449  -9.562  0.46 32.44  ? 1120 SER A CA  1 
ATOM   192 C C   A SER A 1 25 ? -6.437  -3.431  -8.756  0.54 34.70  ? 1120 SER A C   1 
ATOM   193 C C   B SER A 1 25 ? -6.419  -3.553  -8.577  0.46 35.00  ? 1120 SER A C   1 
ATOM   194 O O   A SER A 1 25 ? -7.674  -3.485  -8.815  0.54 38.85  ? 1120 SER A O   1 
ATOM   195 O O   B SER A 1 25 ? -7.575  -3.849  -8.250  0.46 36.58  ? 1120 SER A O   1 
ATOM   196 C CB  A SER A 1 25 ? -5.411  -5.628  -8.348  0.54 30.77  ? 1120 SER A CB  1 
ATOM   197 C CB  B SER A 1 25 ? -5.652  -5.900  -9.100  0.46 34.88  ? 1120 SER A CB  1 
ATOM   198 O OG  A SER A 1 25 ? -4.872  -5.128  -7.115  0.54 29.31  ? 1120 SER A OG  1 
ATOM   199 O OG  B SER A 1 25 ? -4.966  -6.695  -10.054 0.46 37.60  ? 1120 SER A OG  1 
ATOM   200 N N   . GLY A 1 26 ? -5.813  -2.472  -8.095  1.00 32.70  ? 1121 GLY A N   1 
ATOM   201 C CA  . GLY A 1 26 ? -6.528  -1.497  -7.301  1.00 35.46  ? 1121 GLY A CA  1 
ATOM   202 C C   . GLY A 1 26 ? -6.256  -1.549  -5.817  1.00 32.17  ? 1121 GLY A C   1 
ATOM   203 O O   . GLY A 1 26 ? -6.664  -0.626  -5.101  1.00 37.94  ? 1121 GLY A O   1 
ATOM   204 N N   . THR A 1 27 ? -5.589  -2.587  -5.320  1.00 29.52  ? 1122 THR A N   1 
ATOM   205 C CA  . THR A 1 27 ? -5.281  -2.641  -3.903  1.00 27.21  ? 1122 THR A CA  1 
ATOM   206 C C   . THR A 1 27 ? -4.266  -1.547  -3.570  1.00 27.54  ? 1122 THR A C   1 
ATOM   207 O O   . THR A 1 27 ? -3.290  -1.345  -4.302  1.00 27.98  ? 1122 THR A O   1 
ATOM   208 C CB  . THR A 1 27 ? -4.706  -4.008  -3.567  1.00 28.80  ? 1122 THR A CB  1 
ATOM   209 O OG1 . THR A 1 27 ? -5.681  -5.016  -3.859  1.00 32.80  ? 1122 THR A OG1 1 
ATOM   210 C CG2 . THR A 1 27 ? -4.301  -4.067  -2.107  1.00 34.93  ? 1122 THR A CG2 1 
ATOM   211 N N   . ILE A 1 28 ? -4.493  -0.820  -2.480  1.00 28.23  ? 1123 ILE A N   1 
ATOM   212 C CA  . ILE A 1 28 ? -3.502  0.108   -1.943  1.00 25.85  ? 1123 ILE A CA  1 
ATOM   213 C C   . ILE A 1 28 ? -2.956  -0.498  -0.662  1.00 24.17  ? 1123 ILE A C   1 
ATOM   214 O O   . ILE A 1 28 ? -3.717  -1.009  0.165   1.00 25.80  ? 1123 ILE A O   1 
ATOM   215 C CB  . ILE A 1 28 ? -4.086  1.516   -1.717  1.00 26.99  ? 1123 ILE A CB  1 
ATOM   216 C CG1 . ILE A 1 28 ? -4.522  2.136   -3.051  1.00 30.46  ? 1123 ILE A CG1 1 
ATOM   217 C CG2 . ILE A 1 28 ? -3.059  2.401   -1.029  1.00 28.14  ? 1123 ILE A CG2 1 
ATOM   218 C CD1 . ILE A 1 28 ? -5.301  3.449   -2.929  1.00 30.36  ? 1123 ILE A CD1 1 
ATOM   219 N N   . MET A 1 29 ? -1.633  -0.487  -0.518  1.00 24.96  ? 1124 MET A N   1 
ATOM   220 C CA  . MET A 1 29 ? -0.985  -1.061  0.649   1.00 26.22  ? 1124 MET A CA  1 
ATOM   221 C C   . MET A 1 29 ? 0.377   -0.422  0.780   1.00 22.30  ? 1124 MET A C   1 
ATOM   222 O O   . MET A 1 29 ? 0.864   0.236   -0.138  1.00 23.28  ? 1124 MET A O   1 
ATOM   223 C CB  . MET A 1 29 ? -0.855  -2.587  0.528   1.00 30.06  ? 1124 MET A CB  1 
ATOM   224 C CG  . MET A 1 29 ? 0.019   -3.024  -0.613  1.00 23.70  ? 1124 MET A CG  1 
ATOM   225 S SD  . MET A 1 29 ? -0.101  -4.779  -1.064  1.00 28.60  ? 1124 MET A SD  1 
ATOM   226 C CE  . MET A 1 29 ? 0.566   -5.546  0.407   1.00 31.34  ? 1124 MET A CE  1 
ATOM   227 N N   . ASP A 1 30 ? 0.987   -0.593  1.943   1.00 26.26  ? 1125 ASP A N   1 
ATOM   228 C CA  . ASP A 1 30 ? 2.305   -0.033  2.173   1.00 22.81  ? 1125 ASP A CA  1 
ATOM   229 C C   . ASP A 1 30 ? 3.359   -0.661  1.276   1.00 22.91  ? 1125 ASP A C   1 
ATOM   230 O O   . ASP A 1 30 ? 3.406   -1.893  1.073   1.00 22.91  ? 1125 ASP A O   1 
ATOM   231 C CB  . ASP A 1 30 ? 2.733   -0.164  3.620   1.00 24.33  ? 1125 ASP A CB  1 
ATOM   232 C CG  . ASP A 1 30 ? 3.800   0.851   3.951   1.00 25.89  ? 1125 ASP A CG  1 
ATOM   233 O OD1 . ASP A 1 30 ? 3.399   2.019   4.187   1.00 26.00  ? 1125 ASP A OD1 1 
ATOM   234 O OD2 . ASP A 1 30 ? 5.026   0.509   3.961   1.00 26.18  ? 1125 ASP A OD2 1 
ATOM   235 N N   . ARG A 1 31 ? 4.189   0.224   0.718   1.00 23.36  ? 1126 ARG A N   1 
ATOM   236 C CA  . ARG A 1 31 ? 5.317   -0.192  -0.093  1.00 24.08  ? 1126 ARG A CA  1 
ATOM   237 C C   . ARG A 1 31 ? 6.161   -1.249  0.617   1.00 22.97  ? 1126 ARG A C   1 
ATOM   238 O O   . ARG A 1 31 ? 6.590   -2.214  -0.023  1.00 22.30  ? 1126 ARG A O   1 
ATOM   239 C CB  . ARG A 1 31 ? 6.140   1.029   -0.435  1.00 22.89  ? 1126 ARG A CB  1 
ATOM   240 C CG  . ARG A 1 31 ? 7.249   0.767   -1.428  1.00 24.95  ? 1126 ARG A CG  1 
ATOM   241 C CD  . ARG A 1 31 ? 7.959   2.072   -1.694  1.00 23.77  ? 1126 ARG A CD  1 
ATOM   242 N NE  . ARG A 1 31 ? 8.882   2.011   -2.837  1.00 25.02  ? 1126 ARG A NE  1 
ATOM   243 C CZ  . ARG A 1 31 ? 10.195  1.861   -2.731  1.00 22.98  ? 1126 ARG A CZ  1 
ATOM   244 N NH1 . ARG A 1 31 ? 10.940  1.858   -3.840  1.00 24.82  ? 1126 ARG A NH1 1 
ATOM   245 N NH2 . ARG A 1 31 ? 10.777  1.735   -1.547  1.00 27.13  ? 1126 ARG A NH2 1 
ATOM   246 N N   . SER A 1 32 ? 6.371   -1.109  1.939   1.00 22.34  ? 1127 SER A N   1 
ATOM   247 C CA  . SER A 1 32 ? 7.230   -2.039  2.681   1.00 24.59  ? 1127 SER A CA  1 
ATOM   248 C C   . SER A 1 32 ? 6.663   -3.459  2.750   1.00 23.78  ? 1127 SER A C   1 
ATOM   249 O O   . SER A 1 32 ? 7.425   -4.415  2.913   1.00 31.12  ? 1127 SER A O   1 
ATOM   250 C CB  . SER A 1 32 ? 7.507   -1.500  4.086   1.00 25.58  ? 1127 SER A CB  1 
ATOM   251 O OG  . SER A 1 32 ? 6.325   -1.533  4.892   1.00 27.95  ? 1127 SER A OG  1 
ATOM   252 N N   . ILE A 1 33 ? 5.347   -3.629  2.664   1.00 23.68  ? 1128 ILE A N   1 
ATOM   253 C CA  . ILE A 1 33 ? 4.785   -4.981  2.669   1.00 23.77  ? 1128 ILE A CA  1 
ATOM   254 C C   . ILE A 1 33 ? 4.943   -5.622  1.305   1.00 25.04  ? 1128 ILE A C   1 
ATOM   255 O O   . ILE A 1 33 ? 5.430   -6.754  1.167   1.00 25.06  ? 1128 ILE A O   1 
ATOM   256 C CB  . ILE A 1 33 ? 3.300   -4.965  3.067   1.00 25.80  ? 1128 ILE A CB  1 
ATOM   257 C CG1 . ILE A 1 33 ? 3.098   -4.415  4.466   1.00 31.52  ? 1128 ILE A CG1 1 
ATOM   258 C CG2 . ILE A 1 33 ? 2.707   -6.381  3.028   1.00 29.49  ? 1128 ILE A CG2 1 
ATOM   259 C CD1 . ILE A 1 33 ? 1.629   -4.379  4.864   1.00 38.99  ? 1128 ILE A CD1 1 
ATOM   260 N N   . ILE A 1 34 ? 4.513   -4.908  0.271   1.00 23.15  ? 1129 ILE A N   1 
ATOM   261 C CA  . ILE A 1 34 ? 4.434   -5.540  -1.031  1.00 24.48  ? 1129 ILE A CA  1 
ATOM   262 C C   . ILE A 1 34 ? 5.825   -5.851  -1.558  1.00 22.52  ? 1129 ILE A C   1 
ATOM   263 O O   . ILE A 1 34 ? 6.046   -6.917  -2.140  1.00 24.54  ? 1129 ILE A O   1 
ATOM   264 C CB  . ILE A 1 34 ? 3.544   -4.739  -1.999  1.00 23.35  ? 1129 ILE A CB  1 
ATOM   265 C CG1 . ILE A 1 34 ? 3.341   -5.525  -3.293  1.00 26.37  ? 1129 ILE A CG1 1 
ATOM   266 C CG2 . ILE A 1 34 ? 4.143   -3.384  -2.254  1.00 24.28  ? 1129 ILE A CG2 1 
ATOM   267 C CD1 . ILE A 1 34 ? 2.757   -6.907  -3.069  1.00 28.98  ? 1129 ILE A CD1 1 
ATOM   268 N N   . LEU A 1 35 ? 6.805   -4.958  -1.326  1.00 22.53  ? 1130 LEU A N   1 
ATOM   269 C CA  . LEU A 1 35 ? 8.166   -5.244  -1.765  1.00 22.11  ? 1130 LEU A CA  1 
ATOM   270 C C   . LEU A 1 35 ? 8.710   -6.501  -1.094  1.00 23.50  ? 1130 LEU A C   1 
ATOM   271 O O   . LEU A 1 35 ? 9.396   -7.303  -1.736  1.00 25.18  ? 1130 LEU A O   1 
ATOM   272 C CB  . LEU A 1 35 ? 9.070   -4.038  -1.526  1.00 24.71  ? 1130 LEU A CB  1 
ATOM   273 C CG  . LEU A 1 35 ? 8.809   -2.785  -2.372  1.00 27.19  ? 1130 LEU A CG  1 
ATOM   274 C CD1 . LEU A 1 35 ? 9.918   -1.776  -2.237  1.00 25.62  ? 1130 LEU A CD1 1 
ATOM   275 C CD2 . LEU A 1 35 ? 8.632   -3.140  -3.803  1.00 27.68  ? 1130 LEU A CD2 1 
ATOM   276 N N   . ARG A 1 36 ? 8.429   -6.699  0.204   1.00 23.76  ? 1131 ARG A N   1 
ATOM   277 C CA  . ARG A 1 36 ? 8.929   -7.905  0.866   1.00 25.33  ? 1131 ARG A CA  1 
ATOM   278 C C   . ARG A 1 36 ? 8.193   -9.157  0.390   1.00 26.38  ? 1131 ARG A C   1 
ATOM   279 O O   . ARG A 1 36 ? 8.794   -10.235 0.334   1.00 33.12  ? 1131 ARG A O   1 
ATOM   280 C CB  . ARG A 1 36 ? 8.899   -7.747  2.384   1.00 26.59  ? 1131 ARG A CB  1 
ATOM   281 C CG  . ARG A 1 36 ? 9.918   -6.721  2.835   1.00 24.89  ? 1131 ARG A CG  1 
ATOM   282 C CD  . ARG A 1 36 ? 9.949   -6.508  4.322   1.00 28.72  ? 1131 ARG A CD  1 
ATOM   283 N NE  . ARG A 1 36 ? 8.638   -6.120  4.806   1.00 28.13  ? 1131 ARG A NE  1 
ATOM   284 C CZ  . ARG A 1 36 ? 7.892   -6.904  5.563   1.00 29.42  ? 1131 ARG A CZ  1 
ATOM   285 N NH1 . ARG A 1 36 ? 6.695   -6.488  5.947   1.00 28.33  ? 1131 ARG A NH1 1 
ATOM   286 N NH2 . ARG A 1 36 ? 8.326   -8.110  5.887   1.00 28.14  ? 1131 ARG A NH2 1 
ATOM   287 N N   . HIS A 1 37 ? 6.921   -9.027  0.020   1.00 25.47  ? 1132 HIS A N   1 
ATOM   288 C CA  . HIS A 1 37 ? 6.244   -10.150 -0.608  1.00 25.48  ? 1132 HIS A CA  1 
ATOM   289 C C   . HIS A 1 37 ? 6.884   -10.501 -1.940  1.00 27.91  ? 1132 HIS A C   1 
ATOM   290 O O   . HIS A 1 37 ? 7.094   -11.679 -2.238  1.00 28.51  ? 1132 HIS A O   1 
ATOM   291 C CB  . HIS A 1 37 ? 4.783   -9.830  -0.846  1.00 25.18  ? 1132 HIS A CB  1 
ATOM   292 C CG  . HIS A 1 37 ? 4.126   -10.797 -1.783  1.00 27.44  ? 1132 HIS A CG  1 
ATOM   293 N ND1 . HIS A 1 37 ? 3.746   -12.061 -1.389  1.00 34.15  ? 1132 HIS A ND1 1 
ATOM   294 C CD2 . HIS A 1 37 ? 3.840   -10.710 -3.106  1.00 27.60  ? 1132 HIS A CD2 1 
ATOM   295 C CE1 . HIS A 1 37 ? 3.210   -12.695 -2.420  1.00 36.93  ? 1132 HIS A CE1 1 
ATOM   296 N NE2 . HIS A 1 37 ? 3.252   -11.898 -3.473  1.00 33.89  ? 1132 HIS A NE2 1 
ATOM   297 N N   . LEU A 1 38 ? 7.187   -9.491  -2.761  1.00 24.06  ? 1133 LEU A N   1 
ATOM   298 C CA  . LEU A 1 38 ? 7.808   -9.726  -4.063  1.00 24.27  ? 1133 LEU A CA  1 
ATOM   299 C C   . LEU A 1 38 ? 9.197   -10.348 -3.981  1.00 30.53  ? 1133 LEU A C   1 
ATOM   300 O O   . LEU A 1 38 ? 9.665   -10.914 -4.972  1.00 34.72  ? 1133 LEU A O   1 
ATOM   301 C CB  . LEU A 1 38 ? 7.864   -8.431  -4.870  1.00 25.09  ? 1133 LEU A CB  1 
ATOM   302 C CG  . LEU A 1 38 ? 6.506   -7.881  -5.273  1.00 23.24  ? 1133 LEU A CG  1 
ATOM   303 C CD1 . LEU A 1 38 ? 6.650   -6.500  -5.906  1.00 23.96  ? 1133 LEU A CD1 1 
ATOM   304 C CD2 . LEU A 1 38 ? 5.831   -8.824  -6.240  1.00 27.44  ? 1133 LEU A CD2 1 
ATOM   305 N N   . LEU A 1 39 ? 9.897   -10.224 -2.851  1.00 27.48  ? 1134 LEU A N   1 
ATOM   306 C CA  . LEU A 1 39 ? 11.155  -10.942 -2.715  1.00 32.95  ? 1134 LEU A CA  1 
ATOM   307 C C   . LEU A 1 39 ? 10.938  -12.450 -2.774  1.00 36.85  ? 1134 LEU A C   1 
ATOM   308 O O   . LEU A 1 39 ? 11.805  -13.187 -3.254  1.00 46.75  ? 1134 LEU A O   1 
ATOM   309 C CB  . LEU A 1 39 ? 11.846  -10.550 -1.406  1.00 32.35  ? 1134 LEU A CB  1 
ATOM   310 C CG  . LEU A 1 39 ? 12.320  -9.103  -1.352  1.00 33.88  ? 1134 LEU A CG  1 
ATOM   311 C CD1 . LEU A 1 39 ? 12.847  -8.822  0.028   1.00 35.81  ? 1134 LEU A CD1 1 
ATOM   312 C CD2 . LEU A 1 39 ? 13.405  -8.910  -2.376  1.00 32.18  ? 1134 LEU A CD2 1 
ATOM   313 N N   . ASN A 1 40 ? 9.783   -12.920 -2.306  1.00 37.03  ? 1135 ASN A N   1 
ATOM   314 C CA  . ASN A 1 40 ? 9.463   -14.338 -2.269  1.00 39.29  ? 1135 ASN A CA  1 
ATOM   315 C C   . ASN A 1 40 ? 8.665   -14.804 -3.478  1.00 43.72  ? 1135 ASN A C   1 
ATOM   316 O O   . ASN A 1 40 ? 8.865   -15.937 -3.926  1.00 49.00  ? 1135 ASN A O   1 
ATOM   317 C CB  . ASN A 1 40 ? 8.689   -14.673 -0.987  1.00 41.79  ? 1135 ASN A CB  1 
ATOM   318 C CG  . ASN A 1 40 ? 8.980   -16.064 -0.477  0.00 44.58  ? 1135 ASN A CG  1 
ATOM   319 O OD1 . ASN A 1 40 ? 8.723   -17.058 -1.157  0.00 45.66  ? 1135 ASN A OD1 1 
ATOM   320 N ND2 . ASN A 1 40 ? 9.499   -16.145 0.738   0.00 45.74  ? 1135 ASN A ND2 1 
ATOM   321 N N   . SER A 1 41 ? 7.786   -13.957 -4.040  1.00 37.34  ? 1136 SER A N   1 
ATOM   322 C CA  . SER A 1 41 ? 6.841   -14.377 -5.103  1.00 35.06  ? 1136 SER A CA  1 
ATOM   323 C C   . SER A 1 41 ? 6.491   -13.245 -6.062  1.00 31.76  ? 1136 SER A C   1 
ATOM   324 O O   . SER A 1 41 ? 6.056   -12.180 -5.604  1.00 29.42  ? 1136 SER A O   1 
ATOM   325 C CB  . SER A 1 41 ? 5.557   -14.898 -4.456  1.00 42.23  ? 1136 SER A CB  1 
ATOM   326 O OG  . SER A 1 41 ? 4.501   -14.969 -5.403  1.00 43.56  ? 1136 SER A OG  1 
ATOM   327 N N   . PRO A 1 42 ? 6.617   -13.450 -7.388  1.00 31.86  ? 1137 PRO A N   1 
ATOM   328 C CA  . PRO A 1 42 ? 6.284   -12.381 -8.356  1.00 31.31  ? 1137 PRO A CA  1 
ATOM   329 C C   . PRO A 1 42 ? 4.792   -12.320 -8.658  1.00 27.49  ? 1137 PRO A C   1 
ATOM   330 O O   . PRO A 1 42 ? 4.365   -12.471 -9.797  1.00 28.88  ? 1137 PRO A O   1 
ATOM   331 C CB  . PRO A 1 42 ? 7.103   -12.792 -9.585  1.00 36.80  ? 1137 PRO A CB  1 
ATOM   332 C CG  . PRO A 1 42 ? 7.095   -14.286 -9.534  1.00 39.06  ? 1137 PRO A CG  1 
ATOM   333 C CD  . PRO A 1 42 ? 7.137   -14.659 -8.052  1.00 35.60  ? 1137 PRO A CD  1 
ATOM   334 N N   . THR A 1 43 ? 3.989   -12.095 -7.613  1.00 31.94  ? 1138 THR A N   1 
ATOM   335 C CA  . THR A 1 43 ? 2.541   -12.220 -7.708  1.00 31.76  ? 1138 THR A CA  1 
ATOM   336 C C   . THR A 1 43 ? 1.871   -11.107 -6.932  1.00 28.46  ? 1138 THR A C   1 
ATOM   337 O O   . THR A 1 43 ? 2.402   -10.609 -5.932  1.00 28.91  ? 1138 THR A O   1 
ATOM   338 C CB  . THR A 1 43 ? 2.029   -13.527 -7.108  1.00 35.77  ? 1138 THR A CB  1 
ATOM   339 O OG1 . THR A 1 43 ? 2.424   -13.599 -5.732  1.00 32.20  ? 1138 THR A OG1 1 
ATOM   340 C CG2 . THR A 1 43 ? 2.563   -14.723 -7.877  1.00 37.02  ? 1138 THR A CG2 1 
ATOM   341 N N   . ASP A 1 44 ? 0.698   -10.708 -7.412  1.00 29.90  ? 1139 ASP A N   1 
ATOM   342 C CA  . ASP A 1 44 ? -0.209  -9.929  -6.588  1.00 30.62  ? 1139 ASP A CA  1 
ATOM   343 C C   . ASP A 1 44 ? -0.706  -10.886 -5.510  1.00 32.83  ? 1139 ASP A C   1 
ATOM   344 O O   . ASP A 1 44 ? -1.247  -11.949 -5.848  1.00 31.93  ? 1139 ASP A O   1 
ATOM   345 C CB  . ASP A 1 44 ? -1.365  -9.453  -7.457  1.00 30.49  ? 1139 ASP A CB  1 
ATOM   346 C CG  . ASP A 1 44 ? -2.426  -8.686  -6.673  1.00 33.89  ? 1139 ASP A CG  1 
ATOM   347 O OD1 . ASP A 1 44 ? -2.942  -9.224  -5.667  1.00 39.95  ? 1139 ASP A OD1 1 
ATOM   348 O OD2 . ASP A 1 44 ? -2.786  -7.566  -7.093  1.00 35.11  ? 1139 ASP A OD2 1 
ATOM   349 N N   . PRO A 1 45 ? -0.506  -10.586 -4.222  1.00 33.86  ? 1140 PRO A N   1 
ATOM   350 C CA  . PRO A 1 45 ? -0.833  -11.571 -3.179  1.00 34.96  ? 1140 PRO A CA  1 
ATOM   351 C C   . PRO A 1 45 ? -2.313  -11.850 -3.031  1.00 30.71  ? 1140 PRO A C   1 
ATOM   352 O O   . PRO A 1 45 ? -2.678  -12.879 -2.449  1.00 36.34  ? 1140 PRO A O   1 
ATOM   353 C CB  . PRO A 1 45 ? -0.237  -10.953 -1.906  1.00 34.11  ? 1140 PRO A CB  1 
ATOM   354 C CG  . PRO A 1 45 ? -0.083  -9.498  -2.203  1.00 33.21  ? 1140 PRO A CG  1 
ATOM   355 C CD  . PRO A 1 45 ? 0.148   -9.385  -3.677  1.00 28.34  ? 1140 PRO A CD  1 
ATOM   356 N N   . PHE A 1 46 ? -3.172  -11.006 -3.572  1.00 30.33  ? 1141 PHE A N   1 
ATOM   357 C CA  . PHE A 1 46 ? -4.606  -11.160 -3.367  1.00 33.70  ? 1141 PHE A CA  1 
ATOM   358 C C   . PHE A 1 46 ? -5.328  -11.868 -4.505  1.00 36.42  ? 1141 PHE A C   1 
ATOM   359 O O   . PHE A 1 46 ? -6.240  -12.660 -4.248  1.00 41.34  ? 1141 PHE A O   1 
ATOM   360 C CB  . PHE A 1 46 ? -5.202  -9.779  -3.102  1.00 29.12  ? 1141 PHE A CB  1 
ATOM   361 C CG  . PHE A 1 46 ? -4.415  -8.999  -2.100  1.00 31.39  ? 1141 PHE A CG  1 
ATOM   362 C CD1 . PHE A 1 46 ? -3.534  -8.016  -2.507  1.00 30.89  ? 1141 PHE A CD1 1 
ATOM   363 C CD2 . PHE A 1 46 ? -4.503  -9.298  -0.751  1.00 35.65  ? 1141 PHE A CD2 1 
ATOM   364 C CE1 . PHE A 1 46 ? -2.767  -7.303  -1.558  1.00 36.56  ? 1141 PHE A CE1 1 
ATOM   365 C CE2 . PHE A 1 46 ? -3.755  -8.601  0.198   1.00 36.20  ? 1141 PHE A CE2 1 
ATOM   366 C CZ  . PHE A 1 46 ? -2.890  -7.602  -0.201  1.00 33.92  ? 1141 PHE A CZ  1 
ATOM   367 N N   . ASN A 1 47 ? -4.950  -11.620 -5.756  1.00 35.59  ? 1142 ASN A N   1 
ATOM   368 C CA  . ASN A 1 47 ? -5.605  -12.248 -6.895  1.00 32.39  ? 1142 ASN A CA  1 
ATOM   369 C C   . ASN A 1 47 ? -4.695  -13.163 -7.703  1.00 35.47  ? 1142 ASN A C   1 
ATOM   370 O O   . ASN A 1 47 ? -5.168  -13.764 -8.671  1.00 35.63  ? 1142 ASN A O   1 
ATOM   371 C CB  . ASN A 1 47 ? -6.274  -11.204 -7.806  1.00 35.91  ? 1142 ASN A CB  1 
ATOM   372 C CG  . ASN A 1 47 ? -5.275  -10.252 -8.449  1.00 35.82  ? 1142 ASN A CG  1 
ATOM   373 O OD1 . ASN A 1 47 ? -4.101  -10.575 -8.591  1.00 33.72  ? 1142 ASN A OD1 1 
ATOM   374 N ND2 . ASN A 1 47 ? -5.747  -9.083  -8.862  1.00 42.67  ? 1142 ASN A ND2 1 
ATOM   375 N N   . ARG A 1 48 ? -3.407  -13.262 -7.351  1.00 33.23  ? 1143 ARG A N   1 
ATOM   376 C CA  . ARG A 1 48 ? -2.466  -14.221 -7.931  1.00 37.01  ? 1143 ARG A CA  1 
ATOM   377 C C   . ARG A 1 48 ? -1.981  -13.834 -9.325  1.00 35.83  ? 1143 ARG A C   1 
ATOM   378 O O   . ARG A 1 48 ? -1.315  -14.634 -9.975  1.00 40.69  ? 1143 ARG A O   1 
ATOM   379 C CB  . ARG A 1 48 ? -3.029  -15.651 -7.962  1.00 48.11  ? 1143 ARG A CB  1 
ATOM   380 C CG  . ARG A 1 48 ? -3.486  -16.219 -6.620  1.00 46.69  ? 1143 ARG A CG  1 
ATOM   381 C CD  . ARG A 1 48 ? -3.777  -17.703 -6.749  0.00 47.74  ? 1143 ARG A CD  1 
ATOM   382 N NE  . ARG A 1 48 ? -2.695  -18.426 -7.419  0.00 47.04  ? 1143 ARG A NE  1 
ATOM   383 C CZ  . ARG A 1 48 ? -1.452  -18.529 -6.958  0.00 45.25  ? 1143 ARG A CZ  1 
ATOM   384 N NH1 . ARG A 1 48 ? -0.544  -19.205 -7.650  0.00 46.02  ? 1143 ARG A NH1 1 
ATOM   385 N NH2 . ARG A 1 48 ? -1.110  -17.973 -5.802  0.00 43.22  ? 1143 ARG A NH2 1 
ATOM   386 N N   . GLN A 1 49 ? -2.303  -12.639 -9.809  1.00 30.79  ? 1144 GLN A N   1 
ATOM   387 C CA  . GLN A 1 49 ? -1.767  -12.211 -11.093 1.00 32.42  ? 1144 GLN A CA  1 
ATOM   388 C C   . GLN A 1 49 ? -0.267  -11.982 -10.973 1.00 31.42  ? 1144 GLN A C   1 
ATOM   389 O O   . GLN A 1 49 ? 0.277   -11.825 -9.878  1.00 31.64  ? 1144 GLN A O   1 
ATOM   390 C CB  . GLN A 1 49 ? -2.385  -10.881 -11.510 1.00 33.49  ? 1144 GLN A CB  1 
ATOM   391 C CG  . GLN A 1 49 ? -3.828  -10.951 -11.897 1.00 37.79  ? 1144 GLN A CG  1 
ATOM   392 C CD  . GLN A 1 49 ? -4.360  -9.609  -12.354 1.00 43.13  ? 1144 GLN A CD  1 
ATOM   393 O OE1 . GLN A 1 49 ? -3.597  -8.680  -12.645 1.00 54.73  ? 1144 GLN A OE1 1 
ATOM   394 N NE2 . GLN A 1 49 ? -5.679  -9.506  -12.445 1.00 46.12  ? 1144 GLN A NE2 1 
ATOM   395 N N   . THR A 1 50 ? 0.403   -11.930 -12.115 1.00 30.21  ? 1145 THR A N   1 
ATOM   396 C CA  . THR A 1 50 ? 1.819   -11.587 -12.111 1.00 27.12  ? 1145 THR A CA  1 
ATOM   397 C C   . THR A 1 50 ? 1.981   -10.143 -11.653 1.00 29.10  ? 1145 THR A C   1 
ATOM   398 O O   . THR A 1 50 ? 1.243   -9.263  -12.096 1.00 30.46  ? 1145 THR A O   1 
ATOM   399 C CB  . THR A 1 50 ? 2.376   -11.722 -13.524 1.00 31.04  ? 1145 THR A CB  1 
ATOM   400 O OG1 . THR A 1 50 ? 2.437   -13.100 -13.872 1.00 36.21  ? 1145 THR A OG1 1 
ATOM   401 C CG2 . THR A 1 50 ? 3.776   -11.154 -13.574 1.00 35.40  ? 1145 THR A CG2 1 
ATOM   402 N N   . LEU A 1 51 ? 2.947   -9.901  -10.775 1.00 28.45  ? 1146 LEU A N   1 
ATOM   403 C CA  . LEU A 1 51 ? 3.216   -8.565  -10.280 1.00 26.67  ? 1146 LEU A CA  1 
ATOM   404 C C   . LEU A 1 51 ? 4.723   -8.411  -10.189 1.00 24.92  ? 1146 LEU A C   1 
ATOM   405 O O   . LEU A 1 51 ? 5.409   -9.323  -9.724  1.00 25.47  ? 1146 LEU A O   1 
ATOM   406 C CB  . LEU A 1 51 ? 2.588   -8.369  -8.887  1.00 28.16  ? 1146 LEU A CB  1 
ATOM   407 C CG  . LEU A 1 51 ? 2.795   -6.991  -8.256  1.00 23.19  ? 1146 LEU A CG  1 
ATOM   408 C CD1 . LEU A 1 51 ? 1.953   -5.971  -8.969  1.00 29.49  ? 1146 LEU A CD1 1 
ATOM   409 C CD2 . LEU A 1 51 ? 2.429   -7.028  -6.779  1.00 25.40  ? 1146 LEU A CD2 1 
ATOM   410 N N   . THR A 1 52 ? 5.227   -7.266  -10.640 1.00 24.71  ? 1147 THR A N   1 
ATOM   411 C CA  . THR A 1 52 ? 6.615   -6.902  -10.409 1.00 23.69  ? 1147 THR A CA  1 
ATOM   412 C C   . THR A 1 52 ? 6.665   -5.511  -9.804  1.00 26.29  ? 1147 THR A C   1 
ATOM   413 O O   . THR A 1 52 ? 5.696   -4.754  -9.858  1.00 29.75  ? 1147 THR A O   1 
ATOM   414 C CB  . THR A 1 52 ? 7.394   -6.854  -11.713 1.00 26.95  ? 1147 THR A CB  1 
ATOM   415 O OG1 . THR A 1 52 ? 6.891   -5.782  -12.511 1.00 30.09  ? 1147 THR A OG1 1 
ATOM   416 C CG2 . THR A 1 52 ? 7.278   -8.165  -12.479 1.00 28.85  ? 1147 THR A CG2 1 
ATOM   417 N N   . GLU A 1 53 ? 7.834   -5.172  -9.252  1.00 26.90  ? 1148 GLU A N   1 
ATOM   418 C CA  . GLU A 1 53 ? 7.983   -3.915  -8.526  1.00 26.88  ? 1148 GLU A CA  1 
ATOM   419 C C   . GLU A 1 53 ? 7.704   -2.701  -9.419  1.00 27.13  ? 1148 GLU A C   1 
ATOM   420 O O   . GLU A 1 53 ? 7.065   -1.737  -8.976  1.00 29.75  ? 1148 GLU A O   1 
ATOM   421 C CB  . GLU A 1 53 ? 9.366   -3.836  -7.883  1.00 26.49  ? 1148 GLU A CB  1 
ATOM   422 C CG  . GLU A 1 53 ? 9.671   -2.440  -7.357  1.00 28.67  ? 1148 GLU A CG  1 
ATOM   423 C CD  . GLU A 1 53 ? 10.937  -2.369  -6.541  1.00 33.42  ? 1148 GLU A CD  1 
ATOM   424 O OE1 . GLU A 1 53 ? 11.308  -1.242  -6.140  1.00 36.50  ? 1148 GLU A OE1 1 
ATOM   425 O OE2 . GLU A 1 53 ? 11.560  -3.432  -6.322  1.00 35.01  ? 1148 GLU A OE2 1 
ATOM   426 N N   . SER A 1 54 ? 8.132   -2.743  -10.682 1.00 26.50  ? 1149 SER A N   1 
ATOM   427 C CA  . SER A 1 54 ? 7.900   -1.623  -11.588 1.00 29.39  ? 1149 SER A CA  1 
ATOM   428 C C   . SER A 1 54 ? 6.419   -1.361  -11.872 1.00 31.63  ? 1149 SER A C   1 
ATOM   429 O O   . SER A 1 54 ? 6.084   -0.281  -12.362 1.00 33.55  ? 1149 SER A O   1 
ATOM   430 C CB  . SER A 1 54 ? 8.643   -1.831  -12.908 1.00 29.15  ? 1149 SER A CB  1 
ATOM   431 O OG  . SER A 1 54 ? 8.085   -2.885  -13.679 1.00 31.15  ? 1149 SER A OG  1 
ATOM   432 N N   . MET A 1 55 ? 5.521   -2.314  -11.604 1.00 29.83  ? 1150 MET A N   1 
ATOM   433 C CA  . MET A 1 55 ? 4.108   -2.027  -11.828 1.00 28.18  ? 1150 MET A CA  1 
ATOM   434 C C   . MET A 1 55 ? 3.462   -1.215  -10.708 1.00 29.03  ? 1150 MET A C   1 
ATOM   435 O O   . MET A 1 55 ? 2.356   -0.708  -10.918 1.00 34.51  ? 1150 MET A O   1 
ATOM   436 C CB  . MET A 1 55 ? 3.278   -3.289  -12.089 1.00 31.69  ? 1150 MET A CB  1 
ATOM   437 C CG  . MET A 1 55 ? 3.941   -4.415  -12.853 1.00 32.86  ? 1150 MET A CG  1 
ATOM   438 S SD  . MET A 1 55 ? 2.769   -5.800  -12.864 1.00 33.91  ? 1150 MET A SD  1 
ATOM   439 C CE  . MET A 1 55 ? 3.562   -6.954  -13.977 1.00 35.43  ? 1150 MET A CE  1 
ATOM   440 N N   . LEU A 1 56 ? 4.107   -1.067  -9.549  1.00 28.02  ? 1151 LEU A N   1 
ATOM   441 C CA  . LEU A 1 56 ? 3.522   -0.324  -8.437  1.00 26.04  ? 1151 LEU A CA  1 
ATOM   442 C C   . LEU A 1 56 ? 3.549   1.171   -8.739  1.00 31.15  ? 1151 LEU A C   1 
ATOM   443 O O   . LEU A 1 56 ? 4.465   1.676   -9.400  1.00 34.90  ? 1151 LEU A O   1 
ATOM   444 C CB  . LEU A 1 56 ? 4.313   -0.584  -7.163  1.00 24.92  ? 1151 LEU A CB  1 
ATOM   445 C CG  . LEU A 1 56 ? 4.451   -2.052  -6.776  1.00 25.37  ? 1151 LEU A CG  1 
ATOM   446 C CD1 . LEU A 1 56 ? 5.487   -2.184  -5.684  1.00 26.91  ? 1151 LEU A CD1 1 
ATOM   447 C CD2 . LEU A 1 56 ? 3.096   -2.621  -6.381  1.00 24.84  ? 1151 LEU A CD2 1 
ATOM   448 N N   . GLU A 1 57 ? 2.522   1.882   -8.254  1.00 27.48  ? 1152 GLU A N   1 
ATOM   449 C CA  . GLU A 1 57 ? 2.429   3.319   -8.425  1.00 27.96  ? 1152 GLU A CA  1 
ATOM   450 C C   . GLU A 1 57 ? 2.335   4.018   -7.073  1.00 25.72  ? 1152 GLU A C   1 
ATOM   451 O O   . GLU A 1 57 ? 1.622   3.549   -6.178  1.00 26.72  ? 1152 GLU A O   1 
ATOM   452 C CB  . GLU A 1 57 ? 1.173   3.669   -9.235  1.00 30.46  ? 1152 GLU A CB  1 
ATOM   453 C CG  . GLU A 1 57 ? 1.227   3.244   -10.691 1.00 47.89  ? 1152 GLU A CG  1 
ATOM   454 C CD  . GLU A 1 57 ? 2.377   3.886   -11.455 1.00 66.57  ? 1152 GLU A CD  1 
ATOM   455 O OE1 . GLU A 1 57 ? 2.733   5.041   -11.137 1.00 71.18  ? 1152 GLU A OE1 1 
ATOM   456 O OE2 . GLU A 1 57 ? 2.918   3.235   -12.383 1.00 72.44  ? 1152 GLU A OE2 1 
ATOM   457 N N   . PRO A 1 58 ? 3.036   5.127   -6.882  1.00 28.12  ? 1153 PRO A N   1 
ATOM   458 C CA  . PRO A 1 58 ? 2.815   5.936   -5.684  1.00 29.83  ? 1153 PRO A CA  1 
ATOM   459 C C   . PRO A 1 58 ? 1.432   6.559   -5.707  1.00 25.59  ? 1153 PRO A C   1 
ATOM   460 O O   . PRO A 1 58 ? 0.778   6.657   -6.754  1.00 31.54  ? 1153 PRO A O   1 
ATOM   461 C CB  . PRO A 1 58 ? 3.894   7.014   -5.796  1.00 30.08  ? 1153 PRO A CB  1 
ATOM   462 C CG  . PRO A 1 58 ? 4.176   7.114   -7.236  1.00 38.35  ? 1153 PRO A CG  1 
ATOM   463 C CD  . PRO A 1 58 ? 4.044   5.723   -7.771  1.00 35.46  ? 1153 PRO A CD  1 
ATOM   464 N N   . VAL A 1 59 ? 0.960   6.933   -4.518  1.00 25.48  ? 1154 VAL A N   1 
ATOM   465 C CA  . VAL A 1 59 ? -0.314  7.634   -4.374  1.00 25.36  ? 1154 VAL A CA  1 
ATOM   466 C C   . VAL A 1 59 ? -0.011  8.933   -3.641  1.00 29.07  ? 1154 VAL A C   1 
ATOM   467 O O   . VAL A 1 59 ? -0.247  9.028   -2.430  1.00 27.09  ? 1154 VAL A O   1 
ATOM   468 C CB  . VAL A 1 59 ? -1.355  6.756   -3.659  1.00 24.46  ? 1154 VAL A CB  1 
ATOM   469 C CG1 . VAL A 1 59 ? -2.730  7.381   -3.793  1.00 27.91  ? 1154 VAL A CG1 1 
ATOM   470 C CG2 . VAL A 1 59 ? -1.336  5.359   -4.227  1.00 25.29  ? 1154 VAL A CG2 1 
ATOM   471 N N   . PRO A 1 60 ? 0.518   9.959   -4.326  1.00 25.99  ? 1155 PRO A N   1 
ATOM   472 C CA  . PRO A 1 60 ? 1.052   11.112  -3.589  1.00 27.29  ? 1155 PRO A CA  1 
ATOM   473 C C   . PRO A 1 60 ? 0.027   11.825  -2.739  1.00 29.85  ? 1155 PRO A C   1 
ATOM   474 O O   . PRO A 1 60 ? 0.349   12.237  -1.621  1.00 31.55  ? 1155 PRO A O   1 
ATOM   475 C CB  . PRO A 1 60 ? 1.643   12.009  -4.690  1.00 28.97  ? 1155 PRO A CB  1 
ATOM   476 C CG  . PRO A 1 60 ? 1.065   11.496  -5.958  1.00 32.91  ? 1155 PRO A CG  1 
ATOM   477 C CD  . PRO A 1 60 ? 0.838   10.033  -5.760  1.00 28.66  ? 1155 PRO A CD  1 
ATOM   478 N N   . GLU A 1 61 ? -1.201  11.999  -3.244  1.00 30.60  ? 1156 GLU A N   1 
ATOM   479 C CA  . GLU A 1 61 ? -2.195  12.757  -2.495  1.00 31.90  ? 1156 GLU A CA  1 
ATOM   480 C C   . GLU A 1 61 ? -2.570  12.020  -1.219  1.00 31.81  ? 1156 GLU A C   1 
ATOM   481 O O   . GLU A 1 61 ? -2.799  12.640  -0.171  1.00 35.01  ? 1156 GLU A O   1 
ATOM   482 C CB  . GLU A 1 61 ? -3.434  13.025  -3.356  1.00 33.43  ? 1156 GLU A CB  1 
ATOM   483 C CG  . GLU A 1 61 ? -3.185  13.852  -4.616  1.00 34.55  ? 1156 GLU A CG  1 
ATOM   484 C CD  . GLU A 1 61 ? -2.888  12.983  -5.844  1.00 33.11  ? 1156 GLU A CD  1 
ATOM   485 O OE1 . GLU A 1 61 ? -2.474  11.801  -5.687  1.00 30.90  ? 1156 GLU A OE1 1 
ATOM   486 O OE2 . GLU A 1 61 ? -3.097  13.513  -6.968  1.00 35.39  ? 1156 GLU A OE2 1 
ATOM   487 N N   . LEU A 1 62 ? -2.622  10.692  -1.282  1.00 29.57  ? 1157 LEU A N   1 
ATOM   488 C CA  . LEU A 1 62 ? -2.937  9.933   -0.079  1.00 29.34  ? 1157 LEU A CA  1 
ATOM   489 C C   . LEU A 1 62 ? -1.778  9.971   0.908   1.00 28.89  ? 1157 LEU A C   1 
ATOM   490 O O   . LEU A 1 62 ? -1.994  10.151  2.108   1.00 31.11  ? 1157 LEU A O   1 
ATOM   491 C CB  . LEU A 1 62 ? -3.301  8.497   -0.437  1.00 27.82  ? 1157 LEU A CB  1 
ATOM   492 C CG  . LEU A 1 62 ? -3.577  7.554   0.744   1.00 27.86  ? 1157 LEU A CG  1 
ATOM   493 C CD1 . LEU A 1 62 ? -4.755  8.016   1.577   1.00 30.02  ? 1157 LEU A CD1 1 
ATOM   494 C CD2 . LEU A 1 62 ? -3.780  6.111   0.281   1.00 29.63  ? 1157 LEU A CD2 1 
ATOM   495 N N   . LYS A 1 63 ? -0.538  9.806   0.419   1.00 30.18  ? 1158 LYS A N   1 
ATOM   496 C CA  . LYS A 1 63 ? 0.628   9.899   1.300   1.00 32.13  ? 1158 LYS A CA  1 
ATOM   497 C C   . LYS A 1 63 ? 0.662   11.237  2.039   1.00 35.63  ? 1158 LYS A C   1 
ATOM   498 O O   . LYS A 1 63 ? 0.907   11.291  3.248   1.00 35.42  ? 1158 LYS A O   1 
ATOM   499 C CB  . LYS A 1 63 ? 1.918   9.675   0.501   1.00 27.95  ? 1158 LYS A CB  1 
ATOM   500 C CG  . LYS A 1 63 ? 3.210   9.813   1.321   1.00 30.25  ? 1158 LYS A CG  1 
ATOM   501 C CD  . LYS A 1 63 ? 4.383   9.209   0.547   1.00 33.26  ? 1158 LYS A CD  1 
ATOM   502 C CE  . LYS A 1 63 ? 5.668   9.188   1.371   1.00 35.25  ? 1158 LYS A CE  1 
ATOM   503 N NZ  . LYS A 1 63 ? 6.740   8.409   0.647   1.00 32.90  ? 1158 LYS A NZ  1 
ATOM   504 N N   . GLU A 1 64 ? 0.381   12.326  1.331   1.00 35.99  ? 1159 GLU A N   1 
ATOM   505 C CA  . GLU A 1 64 ? 0.360   13.633  1.976   1.00 37.39  ? 1159 GLU A CA  1 
ATOM   506 C C   . GLU A 1 64 ? -0.780  13.728  2.986   1.00 43.22  ? 1159 GLU A C   1 
ATOM   507 O O   . GLU A 1 64 ? -0.605  14.280  4.082   1.00 45.54  ? 1159 GLU A O   1 
ATOM   508 C CB  . GLU A 1 64 ? 0.208   14.702  0.906   1.00 39.95  ? 1159 GLU A CB  1 
ATOM   509 C CG  . GLU A 1 64 ? 1.453   15.525  0.695   1.00 59.90  ? 1159 GLU A CG  1 
ATOM   510 C CD  . GLU A 1 64 ? 1.401   16.318  -0.599  1.00 69.73  ? 1159 GLU A CD  1 
ATOM   511 O OE1 . GLU A 1 64 ? 1.589   15.704  -1.672  1.00 71.27  ? 1159 GLU A OE1 1 
ATOM   512 O OE2 . GLU A 1 64 ? 1.177   17.547  -0.546  1.00 68.13  ? 1159 GLU A OE2 1 
ATOM   513 N N   . GLN A 1 65 ? -1.956  13.190  2.636   1.00 41.58  ? 1160 GLN A N   1 
ATOM   514 C CA  . GLN A 1 65 ? -3.109  13.252  3.526   1.00 42.66  ? 1160 GLN A CA  1 
ATOM   515 C C   . GLN A 1 65 ? -2.827  12.495  4.818   1.00 42.86  ? 1160 GLN A C   1 
ATOM   516 O O   . GLN A 1 65 ? -3.237  12.935  5.900   1.00 47.21  ? 1160 GLN A O   1 
ATOM   517 C CB  . GLN A 1 65 ? -4.338  12.708  2.783   1.00 41.92  ? 1160 GLN A CB  1 
ATOM   518 C CG  . GLN A 1 65 ? -5.629  12.680  3.552   1.00 48.66  ? 1160 GLN A CG  1 
ATOM   519 C CD  . GLN A 1 65 ? -6.752  12.011  2.773   1.00 60.07  ? 1160 GLN A CD  1 
ATOM   520 O OE1 . GLN A 1 65 ? -6.524  11.438  1.708   1.00 66.32  ? 1160 GLN A OE1 1 
ATOM   521 N NE2 . GLN A 1 65 ? -7.962  12.041  3.326   1.00 63.35  ? 1160 GLN A NE2 1 
ATOM   522 N N   . ILE A 1 66 ? -2.068  11.400  4.728   1.00 39.29  ? 1161 ILE A N   1 
ATOM   523 C CA  . ILE A 1 66 ? -1.736  10.614  5.908   1.00 43.61  ? 1161 ILE A CA  1 
ATOM   524 C C   . ILE A 1 66 ? -0.758  11.365  6.791   1.00 48.67  ? 1161 ILE A C   1 
ATOM   525 O O   . ILE A 1 66 ? -0.926  11.409  8.016   1.00 48.42  ? 1161 ILE A O   1 
ATOM   526 C CB  . ILE A 1 66 ? -1.200  9.234   5.503   1.00 41.39  ? 1161 ILE A CB  1 
ATOM   527 C CG1 . ILE A 1 66 ? -2.330  8.382   4.916   1.00 34.65  ? 1161 ILE A CG1 1 
ATOM   528 C CG2 . ILE A 1 66 ? -0.569  8.548   6.700   1.00 43.21  ? 1161 ILE A CG2 1 
ATOM   529 C CD1 . ILE A 1 66 ? -1.887  7.112   4.226   1.00 34.16  ? 1161 ILE A CD1 1 
ATOM   530 N N   . GLN A 1 67 ? 0.281   11.962  6.192   1.00 47.84  ? 1162 GLN A N   1 
ATOM   531 C CA  . GLN A 1 67 ? 1.197   12.800  6.963   1.00 50.82  ? 1162 GLN A CA  1 
ATOM   532 C C   . GLN A 1 67 ? 0.453   13.940  7.643   1.00 53.29  ? 1162 GLN A C   1 
ATOM   533 O O   . GLN A 1 67 ? 0.753   14.294  8.790   1.00 56.12  ? 1162 GLN A O   1 
ATOM   534 C CB  . GLN A 1 67 ? 2.315   13.354  6.078   1.00 57.27  ? 1162 GLN A CB  1 
ATOM   535 C CG  . GLN A 1 67 ? 2.989   12.343  5.178   1.00 65.51  ? 1162 GLN A CG  1 
ATOM   536 C CD  . GLN A 1 67 ? 3.948   11.408  5.915   1.00 78.33  ? 1162 GLN A CD  1 
ATOM   537 O OE1 . GLN A 1 67 ? 3.793   11.145  7.113   1.00 80.67  ? 1162 GLN A OE1 1 
ATOM   538 N NE2 . GLN A 1 67 ? 4.939   10.886  5.184   1.00 79.51  ? 1162 GLN A NE2 1 
ATOM   539 N N   . ALA A 1 68 ? -0.533  14.519  6.954   1.00 53.42  ? 1163 ALA A N   1 
ATOM   540 C CA  . ALA A 1 68 ? -1.346  15.570  7.557   1.00 58.56  ? 1163 ALA A CA  1 
ATOM   541 C C   . ALA A 1 68 ? -2.113  15.051  8.765   1.00 62.43  ? 1163 ALA A C   1 
ATOM   542 O O   . ALA A 1 68 ? -2.214  15.735  9.790   1.00 69.51  ? 1163 ALA A O   1 
ATOM   543 C CB  . ALA A 1 68 ? -2.317  16.125  6.517   1.00 62.29  ? 1163 ALA A CB  1 
ATOM   544 N N   . TRP A 1 69 ? -2.672  13.846  8.660   1.00 61.02  ? 1164 TRP A N   1 
ATOM   545 C CA  . TRP A 1 69 ? -3.393  13.272  9.791   1.00 65.22  ? 1164 TRP A CA  1 
ATOM   546 C C   . TRP A 1 69 ? -2.467  12.991  10.970  1.00 68.47  ? 1164 TRP A C   1 
ATOM   547 O O   . TRP A 1 69 ? -2.868  13.179  12.122  1.00 74.06  ? 1164 TRP A O   1 
ATOM   548 C CB  . TRP A 1 69 ? -4.115  12.000  9.355   1.00 56.54  ? 1164 TRP A CB  1 
ATOM   549 C CG  . TRP A 1 69 ? -4.861  11.304  10.455  1.00 57.80  ? 1164 TRP A CG  1 
ATOM   550 C CD1 . TRP A 1 69 ? -6.171  11.480  10.800  1.00 62.57  ? 1164 TRP A CD1 1 
ATOM   551 C CD2 . TRP A 1 69 ? -4.345  10.302  11.337  1.00 58.99  ? 1164 TRP A CD2 1 
ATOM   552 N NE1 . TRP A 1 69 ? -6.500  10.655  11.851  1.00 65.99  ? 1164 TRP A NE1 1 
ATOM   553 C CE2 . TRP A 1 69 ? -5.398  9.919   12.197  1.00 62.27  ? 1164 TRP A CE2 1 
ATOM   554 C CE3 . TRP A 1 69 ? -3.092  9.693   11.487  1.00 61.73  ? 1164 TRP A CE3 1 
ATOM   555 C CZ2 . TRP A 1 69 ? -5.238  8.953   13.188  1.00 65.89  ? 1164 TRP A CZ2 1 
ATOM   556 C CZ3 . TRP A 1 69 ? -2.934  8.736   12.475  1.00 65.15  ? 1164 TRP A CZ3 1 
ATOM   557 C CH2 . TRP A 1 69 ? -4.002  8.376   13.313  1.00 66.94  ? 1164 TRP A CH2 1 
ATOM   558 N N   . MET A 1 70 ? -1.232  12.553  10.709  1.00 66.44  ? 1165 MET A N   1 
ATOM   559 C CA  . MET A 1 70 ? -0.267  12.329  11.781  1.00 74.73  ? 1165 MET A CA  1 
ATOM   560 C C   . MET A 1 70 ? 0.047   13.598  12.571  1.00 85.02  ? 1165 MET A C   1 
ATOM   561 O O   . MET A 1 70 ? 0.602   13.504  13.671  1.00 89.17  ? 1165 MET A O   1 
ATOM   562 C CB  . MET A 1 70 ? 1.027   11.756  11.198  1.00 75.17  ? 1165 MET A CB  1 
ATOM   563 C CG  . MET A 1 70 ? 1.030   10.241  11.014  1.00 80.39  ? 1165 MET A CG  1 
ATOM   564 S SD  . MET A 1 70 ? 2.275   9.648   9.816   1.00 82.45  ? 1165 MET A SD  1 
ATOM   565 C CE  . MET A 1 70 ? 3.754   10.488  10.382  1.00 86.24  ? 1165 MET A CE  1 
ATOM   566 N N   . ARG A 1 71 ? -0.295  14.774  12.047  1.00 87.25  ? 1166 ARG A N   1 
ATOM   567 C CA  . ARG A 1 71 ? -0.026  16.045  12.717  1.00 89.73  ? 1166 ARG A CA  1 
ATOM   568 C C   . ARG A 1 71 ? -1.151  16.465  13.648  1.00 99.61  ? 1166 ARG A C   1 
ATOM   569 O O   . ARG A 1 71 ? -1.473  17.652  13.736  1.00 101.91 ? 1166 ARG A O   1 
ATOM   570 C CB  . ARG A 1 71 ? 0.262   17.131  11.684  1.00 87.85  ? 1166 ARG A CB  1 
ATOM   571 C CG  . ARG A 1 71 ? 1.490   16.846  10.817  1.00 87.10  ? 1166 ARG A CG  1 
ATOM   572 C CD  . ARG A 1 71 ? 1.989   18.091  10.082  1.00 90.79  ? 1166 ARG A CD  1 
ATOM   573 N NE  . ARG A 1 71 ? 1.075   18.518  9.026   1.00 92.65  ? 1166 ARG A NE  1 
ATOM   574 C CZ  . ARG A 1 71 ? 1.196   18.169  7.748   1.00 90.57  ? 1166 ARG A CZ  1 
ATOM   575 N NH1 . ARG A 1 71 ? 2.192   17.379  7.365   1.00 85.61  ? 1166 ARG A NH1 1 
ATOM   576 N NH2 . ARG A 1 71 ? 0.318   18.604  6.854   1.00 89.38  ? 1166 ARG A NH2 1 
ATOM   577 N N   . GLU A 1 72 ? -1.767  15.523  14.363  1.00 110.12 ? 1167 GLU A N   1 
ATOM   578 C CA  . GLU A 1 72 ? -2.850  15.833  15.290  1.00 120.87 ? 1167 GLU A CA  1 
ATOM   579 C C   . GLU A 1 72 ? -2.493  15.515  16.737  1.00 123.05 ? 1167 GLU A C   1 
ATOM   580 O O   . GLU A 1 72 ? -3.388  15.302  17.560  1.00 128.12 ? 1167 GLU A O   1 
ATOM   581 C CB  . GLU A 1 72 ? -4.139  15.116  14.887  1.00 125.59 ? 1167 GLU A CB  1 
ATOM   582 C CG  . GLU A 1 72 ? -4.509  15.271  13.425  1.00 128.06 ? 1167 GLU A CG  1 
ATOM   583 C CD  . GLU A 1 72 ? -4.956  16.669  13.069  1.00 135.70 ? 1167 GLU A CD  1 
ATOM   584 O OE1 . GLU A 1 72 ? -4.091  17.560  12.944  1.00 139.03 ? 1167 GLU A OE1 1 
ATOM   585 O OE2 . GLU A 1 72 ? -6.176  16.879  12.905  1.00 138.89 ? 1167 GLU A OE2 1 
ATOM   586 N N   . LYS A 1 73 ? -1.205  15.479  17.062  1.00 115.54 ? 1168 LYS A N   1 
ATOM   587 C CA  . LYS A 1 73 ? -0.774  15.086  18.396  1.00 110.50 ? 1168 LYS A CA  1 
ATOM   588 C C   . LYS A 1 73 ? -0.457  16.314  19.239  1.00 110.71 ? 1168 LYS A C   1 
ATOM   589 O O   . LYS A 1 73 ? -0.918  17.415  18.939  1.00 111.03 ? 1168 LYS A O   1 
ATOM   590 C CB  . LYS A 1 73 ? 0.444   14.161  18.319  1.00 105.28 ? 1168 LYS A CB  1 
ATOM   591 C CG  . LYS A 1 73 ? 0.294   12.959  17.369  1.00 98.23  ? 1168 LYS A CG  1 
ATOM   592 C CD  . LYS A 1 73 ? -1.118  12.349  17.379  1.00 95.31  ? 1168 LYS A CD  1 
ATOM   593 C CE  . LYS A 1 73 ? -1.746  12.370  15.975  1.00 86.20  ? 1168 LYS A CE  1 
ATOM   594 N NZ  . LYS A 1 73 ? -3.182  11.950  15.949  1.00 80.65  ? 1168 LYS A NZ  1 
HETATM 595 S S   . SO4 B 2 .  ? 7.536   2.846   -5.788  0.50 59.97  ? 1201 SO4 A S   1 
HETATM 596 O O1  . SO4 B 2 .  ? 7.688   3.569   -4.532  0.41 61.02  ? 1201 SO4 A O1  1 
HETATM 597 O O2  . SO4 B 2 .  ? 8.846   2.501   -6.331  0.43 66.06  ? 1201 SO4 A O2  1 
HETATM 598 O O3  . SO4 B 2 .  ? 6.781   3.676   -6.724  0.45 62.82  ? 1201 SO4 A O3  1 
HETATM 599 O O4  . SO4 B 2 .  ? 6.825   1.603   -5.547  1.00 59.81  ? 1201 SO4 A O4  1 
HETATM 600 O O   . HOH C 3 .  ? 6.030   8.849   5.070   1.00 47.38  ? 1301 HOH A O   1 
HETATM 601 O O   . HOH C 3 .  ? -4.972  -7.087  -5.572  1.00 43.20  ? 1302 HOH A O   1 
HETATM 602 O O   . HOH C 3 .  ? -0.214  0.075   -10.183 1.00 39.75  ? 1303 HOH A O   1 
HETATM 603 O O   . HOH C 3 .  ? 6.296   5.578   -3.908  1.00 39.93  ? 1304 HOH A O   1 
HETATM 604 O O   . HOH C 3 .  ? 6.890   2.273   -9.908  1.00 49.11  ? 1305 HOH A O   1 
HETATM 605 O O   . HOH C 3 .  ? -2.294  -6.255  -9.252  1.00 34.78  ? 1306 HOH A O   1 
HETATM 606 O O   . HOH C 3 .  ? 4.572   5.683   -1.897  1.00 30.90  ? 1307 HOH A O   1 
HETATM 607 O O   . HOH C 3 .  ? -8.831  -3.450  5.166   1.00 67.01  ? 1308 HOH A O   1 
HETATM 608 O O   . HOH C 3 .  ? -6.974  -15.648 -8.192  1.00 43.20  ? 1309 HOH A O   1 
HETATM 609 O O   . HOH C 3 .  ? 6.768   2.334   4.811   1.00 28.78  ? 1310 HOH A O   1 
HETATM 610 O O   . HOH C 3 .  ? 8.600   2.459   2.776   1.00 33.64  ? 1311 HOH A O   1 
HETATM 611 O O   . HOH C 3 .  ? 9.534   -11.629 -7.611  1.00 43.43  ? 1312 HOH A O   1 
HETATM 612 O O   . HOH C 3 .  ? 6.173   -3.860  6.546   0.41 24.36  ? 1313 HOH A O   1 
HETATM 613 O O   . HOH C 3 .  ? 4.166   -14.402 -11.766 1.00 44.61  ? 1314 HOH A O   1 
HETATM 614 O O   . HOH C 3 .  ? 7.343   5.227   -8.968  0.59 59.42  ? 1315 HOH A O   1 
HETATM 615 O O   . HOH C 3 .  ? -5.572  0.100   2.051   1.00 38.91  ? 1316 HOH A O   1 
HETATM 616 O O   . HOH C 3 .  ? -3.219  15.419  -0.252  1.00 53.35  ? 1317 HOH A O   1 
HETATM 617 O O   . HOH C 3 .  ? 2.784   7.649   -2.489  1.00 35.95  ? 1318 HOH A O   1 
HETATM 618 O O   . HOH C 3 .  ? 8.532   7.798   2.753   1.00 42.19  ? 1319 HOH A O   1 
HETATM 619 O O   . HOH C 3 .  ? 12.794  -4.867  -4.148  1.00 47.33  ? 1320 HOH A O   1 
HETATM 620 O O   . HOH C 3 .  ? -7.438  -0.766  5.922   1.00 48.80  ? 1321 HOH A O   1 
HETATM 621 O O   . HOH C 3 .  ? 9.731   -7.351  -9.059  1.00 33.16  ? 1322 HOH A O   1 
HETATM 622 O O   . HOH C 3 .  ? -6.716  3.108   0.873   1.00 50.76  ? 1323 HOH A O   1 
HETATM 623 O O   . HOH C 3 .  ? 8.285   -9.752  -9.308  1.00 40.48  ? 1324 HOH A O   1 
HETATM 624 O O   . HOH C 3 .  ? 0.833   -14.707 -3.498  1.00 42.08  ? 1325 HOH A O   1 
HETATM 625 O O   . HOH C 3 .  ? -7.604  2.207   -6.182  1.00 46.35  ? 1326 HOH A O   1 
HETATM 626 O O   . HOH C 3 .  ? -2.273  -6.288  3.893   1.00 49.26  ? 1327 HOH A O   1 
HETATM 627 O O   . HOH C 3 .  ? 5.763   -2.245  -15.415 1.00 53.81  ? 1328 HOH A O   1 
HETATM 628 O O   . HOH C 3 .  ? -12.695 4.493   8.908   1.00 60.49  ? 1329 HOH A O   1 
HETATM 629 O O   . HOH C 3 .  ? -1.132  -7.313  -11.587 1.00 43.54  ? 1330 HOH A O   1 
HETATM 630 O O   . HOH C 3 .  ? 9.698   0.647   1.053   1.00 42.17  ? 1331 HOH A O   1 
HETATM 631 O O   . HOH C 3 .  ? 0.193   20.354  14.233  0.50 98.70  ? 1332 HOH A O   1 
HETATM 632 O O   . HOH C 3 .  ? 11.043  -6.237  -4.334  1.00 44.34  ? 1333 HOH A O   1 
HETATM 633 O O   . HOH C 3 .  ? -8.228  -5.914  -5.707  1.00 57.68  ? 1334 HOH A O   1 
HETATM 634 O O   . HOH C 3 .  ? 4.281   -0.232  -15.294 1.00 53.49  ? 1335 HOH A O   1 
HETATM 635 O O   . HOH C 3 .  ? 8.930   10.059  2.867   1.00 54.41  ? 1336 HOH A O   1 
HETATM 636 O O   . HOH C 3 .  ? 4.194   10.103  -3.610  1.00 39.83  ? 1337 HOH A O   1 
HETATM 637 O O   . HOH C 3 .  ? 10.555  -2.557  2.004   1.00 45.91  ? 1338 HOH A O   1 
HETATM 638 O O   . HOH C 3 .  ? 4.053   12.722  -2.518  1.00 42.95  ? 1339 HOH A O   1 
HETATM 639 O O   . HOH C 3 .  ? 10.688  -13.698 -7.438  1.00 54.48  ? 1340 HOH A O   1 
HETATM 640 O O   . HOH C 3 .  ? 4.963   12.981  -0.496  1.00 57.15  ? 1341 HOH A O   1 
HETATM 641 O O   . HOH C 3 .  ? 10.312  0.676   5.442   0.64 42.23  ? 1342 HOH A O   1 
HETATM 642 O O   . HOH C 3 .  ? 8.967   -11.969 -12.276 1.00 58.15  ? 1343 HOH A O   1 
HETATM 643 O O   . HOH C 3 .  ? -2.642  0.141   -24.473 1.00 111.23 ? 1344 HOH A O   1 
# 
loop_
_atom_site_anisotrop.id 
_atom_site_anisotrop.type_symbol 
_atom_site_anisotrop.pdbx_label_atom_id 
_atom_site_anisotrop.pdbx_label_alt_id 
_atom_site_anisotrop.pdbx_label_comp_id 
_atom_site_anisotrop.pdbx_label_asym_id 
_atom_site_anisotrop.pdbx_label_seq_id 
_atom_site_anisotrop.pdbx_PDB_ins_code 
_atom_site_anisotrop.U[1][1] 
_atom_site_anisotrop.U[2][2] 
_atom_site_anisotrop.U[3][3] 
_atom_site_anisotrop.U[1][2] 
_atom_site_anisotrop.U[1][3] 
_atom_site_anisotrop.U[2][3] 
_atom_site_anisotrop.pdbx_auth_seq_id 
_atom_site_anisotrop.pdbx_auth_comp_id 
_atom_site_anisotrop.pdbx_auth_asym_id 
_atom_site_anisotrop.pdbx_auth_atom_id 
1   N N   . ASP A 3  ? 1.2378 0.8596 0.7921 -0.0253 0.3687  -0.1491 1098 ASP A N   
2   C CA  . ASP A 3  ? 1.2555 0.9286 0.8701 -0.0308 0.3548  -0.1378 1098 ASP A CA  
3   C C   . ASP A 3  ? 1.2154 0.9170 0.8897 -0.0233 0.3409  -0.1438 1098 ASP A C   
4   O O   . ASP A 3  ? 1.3333 1.0170 1.0104 -0.0117 0.3480  -0.1544 1098 ASP A O   
5   C CB  . ASP A 3  ? 1.3088 1.0155 0.9773 -0.0273 0.3858  -0.1261 1098 ASP A CB  
6   C CG  . ASP A 3  ? 1.2821 1.0274 0.9862 -0.0388 0.3698  -0.1130 1098 ASP A CG  
7   O OD1 . ASP A 3  ? 1.2819 1.0094 0.9375 -0.0501 0.3623  -0.1042 1098 ASP A OD1 
8   O OD2 . ASP A 3  ? 1.2791 1.0717 1.0597 -0.0355 0.3639  -0.1113 1098 ASP A OD2 
9   N N   . ALA A 4  ? 1.0893 0.8318 0.8089 -0.0290 0.3217  -0.1367 1099 ALA A N   
10  C CA  . ALA A 4  ? 0.9913 0.7571 0.7609 -0.0217 0.3065  -0.1415 1099 ALA A CA  
11  C C   . ALA A 4  ? 0.8825 0.7073 0.7475 -0.0119 0.3176  -0.1342 1099 ALA A C   
12  O O   . ALA A 4  ? 0.8855 0.7388 0.7766 -0.0190 0.3247  -0.1239 1099 ALA A O   
13  C CB  . ALA A 4  ? 0.9548 0.7184 0.6978 -0.0363 0.2687  -0.1417 1099 ALA A CB  
14  N N   . PRO A 5  ? 0.7754 0.6190 0.6953 0.0041  0.3159  -0.1383 1100 PRO A N   
15  C CA  . PRO A 5  ? 0.7621 0.6664 0.7787 0.0146  0.3186  -0.1307 1100 PRO A CA  
16  C C   . PRO A 5  ? 0.6845 0.6275 0.7286 0.0010  0.2902  -0.1206 1100 PRO A C   
17  O O   . PRO A 5  ? 0.6164 0.5466 0.6213 -0.0105 0.2570  -0.1175 1100 PRO A O   
18  C CB  . PRO A 5  ? 0.7552 0.6610 0.8071 0.0349  0.3109  -0.1358 1100 PRO A CB  
19  C CG  . PRO A 5  ? 0.7646 0.6126 0.7393 0.0292  0.2992  -0.1458 1100 PRO A CG  
20  C CD  . PRO A 5  ? 0.7787 0.5863 0.6752 0.0140  0.3093  -0.1489 1100 PRO A CD  
21  N N   . ASP A 6  ? 0.6488 0.6413 0.7660 0.0019  0.2977  -0.1136 1101 ASP A N   
22  C CA  . ASP A 6  ? 0.5968 0.6214 0.7367 -0.0128 0.2696  -0.1032 1101 ASP A CA  
23  C C   . ASP A 6  ? 0.4835 0.5179 0.6264 -0.0114 0.2242  -0.0995 1101 ASP A C   
24  O O   . ASP A 6  ? 0.4628 0.4974 0.5819 -0.0248 0.1991  -0.0933 1101 ASP A O   
25  C CB  . ASP A 6  ? 0.7435 0.8206 0.9714 -0.0119 0.2826  -0.0991 1101 ASP A CB  
26  C CG  . ASP A 6  ? 0.8709 0.9722 1.1160 -0.0292 0.2579  -0.0906 1101 ASP A CG  
27  O OD1 . ASP A 6  ? 0.9724 1.0482 1.1669 -0.0449 0.2654  -0.0862 1101 ASP A OD1 
28  O OD2 . ASP A 6  ? 0.8946 1.0360 1.1990 -0.0261 0.2302  -0.0885 1101 ASP A OD2 
29  N N   . GLU A 7  ? 0.4571 0.4968 0.6273 0.0061  0.2152  -0.1021 1102 GLU A N   
30  C CA  . GLU A 7  ? 0.4534 0.5027 0.6281 0.0085  0.1757  -0.0964 1102 GLU A CA  
31  C C   . GLU A 7  ? 0.3817 0.3908 0.4854 -0.0019 0.1595  -0.0966 1102 GLU A C   
32  O O   . GLU A 7  ? 0.3918 0.4077 0.4942 -0.0030 0.1302  -0.0902 1102 GLU A O   
33  C CB  . GLU A 7  ? 0.5765 0.6426 0.8013 0.0312  0.1691  -0.0959 1102 GLU A CB  
34  C CG  . GLU A 7  ? 0.8388 0.8615 1.0299 0.0437  0.1803  -0.1019 1102 GLU A CG  
35  C CD  . GLU A 7  ? 1.0427 1.0788 1.2810 0.0685  0.1698  -0.0978 1102 GLU A CD  
36  O OE1 . GLU A 7  ? 1.0474 1.0693 1.2668 0.0716  0.1441  -0.0916 1102 GLU A OE1 
37  O OE2 . GLU A 7  ? 1.1339 1.1952 1.4300 0.0857  0.1884  -0.0996 1102 GLU A OE2 
38  N N   . PHE A 8  ? 0.4882 0.4570 0.5339 -0.0097 0.1778  -0.1036 1103 PHE A N   
39  C CA  . PHE A 8  ? 0.4756 0.4107 0.4587 -0.0227 0.1597  -0.1044 1103 PHE A CA  
40  C C   . PHE A 8  ? 0.4733 0.4103 0.4252 -0.0399 0.1508  -0.0985 1103 PHE A C   
41  O O   . PHE A 8  ? 0.4995 0.4151 0.4053 -0.0510 0.1329  -0.0977 1103 PHE A O   
42  C CB  . PHE A 8  ? 0.5350 0.4187 0.4648 -0.0220 0.1788  -0.1174 1103 PHE A CB  
43  C CG  . PHE A 8  ? 0.5459 0.4148 0.4957 -0.0044 0.1874  -0.1237 1103 PHE A CG  
44  C CD1 . PHE A 8  ? 0.5191 0.4189 0.5264 0.0099  0.1734  -0.1155 1103 PHE A CD1 
45  C CD2 . PHE A 8  ? 0.6615 0.4795 0.5659 -0.0011 0.2093  -0.1379 1103 PHE A CD2 
46  C CE1 . PHE A 8  ? 0.5579 0.4394 0.5809 0.0285  0.1817  -0.1192 1103 PHE A CE1 
47  C CE2 . PHE A 8  ? 0.6386 0.4362 0.5590 0.0167  0.2195  -0.1437 1103 PHE A CE2 
48  C CZ  . PHE A 8  ? 0.6677 0.4982 0.6496 0.0322  0.2053  -0.1330 1103 PHE A CZ  
49  N N   . ARG A 9  ? 0.4697 0.4306 0.4478 -0.0425 0.1627  -0.0937 1104 ARG A N   
50  C CA  . ARG A 9  ? 0.4624 0.4197 0.4103 -0.0566 0.1578  -0.0865 1104 ARG A CA  
51  C C   . ARG A 9  ? 0.3951 0.3880 0.3837 -0.0594 0.1356  -0.0770 1104 ARG A C   
52  O O   . ARG A 9  ? 0.3836 0.4077 0.4275 -0.0513 0.1287  -0.0767 1104 ARG A O   
53  C CB  . ARG A 9  ? 0.4486 0.3924 0.3812 -0.0600 0.1931  -0.0877 1104 ARG A CB  
54  C CG  . ARG A 9  ? 0.5940 0.4884 0.4557 -0.0610 0.2113  -0.0968 1104 ARG A CG  
55  C CD  . ARG A 9  ? 0.7136 0.5875 0.5465 -0.0640 0.2498  -0.0965 1104 ARG A CD  
56  N NE  . ARG A 9  ? 0.8386 0.7324 0.7276 -0.0533 0.2861  -0.1005 1104 ARG A NE  
57  C CZ  . ARG A 9  ? 0.9373 0.8642 0.8819 -0.0562 0.3028  -0.0924 1104 ARG A CZ  
58  N NH1 . ARG A 9  ? 0.9314 0.8805 0.9348 -0.0455 0.3247  -0.0933 1104 ARG A NH1 
59  N NH2 . ARG A 9  ? 0.9607 0.8975 0.9052 -0.0694 0.2885  -0.0812 1104 ARG A NH2 
60  N N   . ASP A 10 ? 0.3919 0.3767 0.3479 -0.0697 0.1218  -0.0696 1105 ASP A N   
61  C CA  . ASP A 10 ? 0.3597 0.3684 0.3431 -0.0725 0.1040  -0.0616 1105 ASP A CA  
62  C C   . ASP A 10 ? 0.3625 0.3899 0.3892 -0.0752 0.1223  -0.0611 1105 ASP A C   
63  O O   . ASP A 10 ? 0.4023 0.4184 0.4228 -0.0782 0.1515  -0.0628 1105 ASP A O   
64  C CB  . ASP A 10 ? 0.3632 0.3540 0.3013 -0.0809 0.0927  -0.0531 1105 ASP A CB  
65  C CG  . ASP A 10 ? 0.4029 0.3892 0.3182 -0.0803 0.0681  -0.0513 1105 ASP A CG  
66  O OD1 . ASP A 10 ? 0.3999 0.4065 0.3442 -0.0750 0.0519  -0.0500 1105 ASP A OD1 
67  O OD2 . ASP A 10 ? 0.4415 0.4030 0.3090 -0.0857 0.0651  -0.0510 1105 ASP A OD2 
68  N N   . PRO A 11 ? 0.3618 0.4159 0.4307 -0.0752 0.1059  -0.0594 1106 PRO A N   
69  C CA  . PRO A 11 ? 0.3711 0.4452 0.4884 -0.0814 0.1190  -0.0600 1106 PRO A CA  
70  C C   . PRO A 11 ? 0.3873 0.4383 0.4775 -0.0938 0.1419  -0.0535 1106 PRO A C   
71  O O   . PRO A 11 ? 0.4110 0.4392 0.4578 -0.0984 0.1325  -0.0460 1106 PRO A O   
72  C CB  . PRO A 11 ? 0.4081 0.5004 0.5499 -0.0816 0.0899  -0.0595 1106 PRO A CB  
73  C CG  . PRO A 11 ? 0.3704 0.4644 0.4983 -0.0700 0.0683  -0.0605 1106 PRO A CG  
74  C CD  . PRO A 11 ? 0.3419 0.4083 0.4172 -0.0695 0.0756  -0.0579 1106 PRO A CD  
75  N N   . LEU A 12 ? 0.4448 0.5018 0.5632 -0.0981 0.1734  -0.0550 1107 LEU A N   
76  C CA  . LEU A 12 ? 0.4808 0.5145 0.5771 -0.1101 0.2028  -0.0475 1107 LEU A CA  
77  C C   . LEU A 12 ? 0.4827 0.4722 0.4961 -0.1090 0.2149  -0.0429 1107 LEU A C   
78  O O   . LEU A 12 ? 0.5822 0.5449 0.5635 -0.1172 0.2406  -0.0349 1107 LEU A O   
79  C CB  . LEU A 12 ? 0.5639 0.5933 0.6662 -0.1223 0.1915  -0.0398 1107 LEU A CB  
80  C CG  . LEU A 12 ? 0.5426 0.6050 0.7230 -0.1321 0.1929  -0.0437 1107 LEU A CG  
81  C CD1 . LEU A 12 ? 0.5015 0.5466 0.6744 -0.1445 0.1821  -0.0373 1107 LEU A CD1 
82  C CD2 . LEU A 12 ? 0.5186 0.5915 0.7356 -0.1370 0.2313  -0.0435 1107 LEU A CD2 
83  N N   . MET A 13 ? 0.4766 0.4549 0.4519 -0.1001 0.1965  -0.0475 1108 MET A N   
84  C CA  . MET A 13 ? 0.6003 0.5367 0.4940 -0.1012 0.1962  -0.0437 1108 MET A CA  
85  C C   . MET A 13 ? 0.5400 0.4560 0.4014 -0.0948 0.2141  -0.0542 1108 MET A C   
86  O O   . MET A 13 ? 0.6816 0.6166 0.5855 -0.0868 0.2252  -0.0637 1108 MET A O   
87  C CB  . MET A 13 ? 0.5308 0.4660 0.4010 -0.0998 0.1567  -0.0393 1108 MET A CB  
88  C CG  . MET A 13 ? 0.5807 0.5218 0.4651 -0.1046 0.1443  -0.0286 1108 MET A CG  
89  S SD  . MET A 13 ? 0.5899 0.5339 0.4552 -0.0995 0.1032  -0.0228 1108 MET A SD  
90  C CE  . MET A 13 ? 0.6745 0.5814 0.4599 -0.1007 0.0993  -0.0192 1108 MET A CE  
91  N N   . ASP A 14 ? 0.6635 0.5369 0.4453 -0.0977 0.2168  -0.0523 1109 ASP A N   
92  C CA  . ASP A 14 ? 0.7390 0.5794 0.4699 -0.0935 0.2325  -0.0638 1109 ASP A CA  
93  C C   . ASP A 14 ? 0.7614 0.5929 0.4648 -0.0920 0.1978  -0.0714 1109 ASP A C   
94  O O   . ASP A 14 ? 0.8982 0.6954 0.5512 -0.0906 0.2046  -0.0828 1109 ASP A O   
95  C CB  . ASP A 14 ? 0.8275 0.6244 0.4906 -0.0960 0.2513  -0.0573 1109 ASP A CB  
96  C CG  . ASP A 14 ? 1.0236 0.7912 0.6155 -0.1011 0.2200  -0.0486 1109 ASP A CG  
97  O OD1 . ASP A 14 ? 1.0588 0.8334 0.6404 -0.1040 0.1862  -0.0507 1109 ASP A OD1 
98  O OD2 . ASP A 14 ? 1.1278 0.8658 0.6744 -0.1015 0.2278  -0.0389 1109 ASP A OD2 
99  N N   . THR A 15 ? 0.6320 0.4900 0.3643 -0.0935 0.1626  -0.0654 1110 THR A N   
100 C CA  . THR A 15 ? 0.6151 0.4672 0.3245 -0.0955 0.1293  -0.0688 1110 THR A CA  
101 C C   . THR A 15 ? 0.5399 0.4091 0.2932 -0.0888 0.1250  -0.0787 1110 THR A C   
102 O O   . THR A 15 ? 0.5257 0.4290 0.3417 -0.0821 0.1270  -0.0767 1110 THR A O   
103 C CB  . THR A 15 ? 0.5418 0.4141 0.2622 -0.0988 0.0974  -0.0557 1110 THR A CB  
104 O OG1 . THR A 15 ? 0.5007 0.4074 0.2829 -0.0950 0.1005  -0.0496 1110 THR A OG1 
105 C CG2 . THR A 15 ? 0.6464 0.4916 0.3081 -0.1039 0.0944  -0.0452 1110 THR A CG2 
106 N N   . LEU A 16 ? 0.6276 0.4698 0.3447 -0.0911 0.1169  -0.0891 1111 LEU A N   
107 C CA  . LEU A 16 ? 0.5955 0.4436 0.3447 -0.0853 0.1125  -0.0972 1111 LEU A CA  
108 C C   . LEU A 16 ? 0.5102 0.3888 0.2949 -0.0874 0.0810  -0.0880 1111 LEU A C   
109 O O   . LEU A 16 ? 0.6125 0.4924 0.3769 -0.0966 0.0573  -0.0818 1111 LEU A O   
110 C CB  . LEU A 16 ? 0.6492 0.4516 0.3426 -0.0904 0.1121  -0.1114 1111 LEU A CB  
111 C CG  . LEU A 16 ? 0.7082 0.5007 0.4256 -0.0803 0.1254  -0.1222 1111 LEU A CG  
112 C CD1 . LEU A 16 ? 0.7645 0.5504 0.4904 -0.0673 0.1654  -0.1281 1111 LEU A CD1 
113 C CD2 . LEU A 16 ? 0.8070 0.5540 0.4731 -0.0897 0.1141  -0.1358 1111 LEU A CD2 
114 N N   . MET A 17 ? 0.4556 0.3601 0.2944 -0.0775 0.0814  -0.0862 1112 MET A N   
115 C CA  . MET A 17 ? 0.3907 0.3190 0.2589 -0.0776 0.0569  -0.0780 1112 MET A CA  
116 C C   . MET A 17 ? 0.5284 0.4339 0.3799 -0.0827 0.0470  -0.0837 1112 MET A C   
117 O O   . MET A 17 ? 0.6537 0.5453 0.5152 -0.0750 0.0579  -0.0904 1112 MET A O   
118 C CB  . MET A 17 ? 0.3508 0.3075 0.2726 -0.0642 0.0610  -0.0748 1112 MET A CB  
119 C CG  . MET A 17 ? 0.3616 0.3430 0.3074 -0.0625 0.0661  -0.0697 1112 MET A CG  
120 S SD  . MET A 17 ? 0.3825 0.3997 0.3899 -0.0491 0.0606  -0.0667 1112 MET A SD  
121 C CE  . MET A 17 ? 0.3726 0.3842 0.4036 -0.0359 0.0818  -0.0755 1112 MET A CE  
122 N N   . THR A 18 ? 0.4386 0.3397 0.2679 -0.0958 0.0262  -0.0810 1113 THR A N   
123 C CA  . THR A 18 ? 0.4325 0.3156 0.2559 -0.1040 0.0154  -0.0854 1113 THR A CA  
124 C C   . THR A 18 ? 0.4080 0.3169 0.2744 -0.1005 0.0054  -0.0740 1113 THR A C   
125 O O   . THR A 18 ? 0.4479 0.3404 0.3171 -0.1055 0.0022  -0.0759 1113 THR A O   
126 C CB  . THR A 18 ? 0.4911 0.3588 0.2761 -0.1219 -0.0045 -0.0888 1113 THR A CB  
127 O OG1 . THR A 18 ? 0.5247 0.4260 0.3249 -0.1245 -0.0224 -0.0751 1113 THR A OG1 
128 C CG2 . THR A 18 ? 0.5808 0.4120 0.3089 -0.1246 0.0068  -0.1011 1113 THR A CG2 
129 N N   . ASP A 19 ? 0.3810 0.3244 0.2763 -0.0922 0.0024  -0.0627 1114 ASP A N   
130 C CA  . ASP A 19 ? 0.3725 0.3381 0.2989 -0.0881 -0.0059 -0.0511 1114 ASP A CA  
131 C C   . ASP A 19 ? 0.3239 0.3119 0.2750 -0.0723 -0.0001 -0.0463 1114 ASP A C   
132 O O   . ASP A 19 ? 0.3124 0.3233 0.2742 -0.0699 -0.0069 -0.0388 1114 ASP A O   
133 C CB  . ASP A 19 ? 0.3614 0.3457 0.2904 -0.0987 -0.0228 -0.0425 1114 ASP A CB  
134 C CG  . ASP A 19 ? 0.4072 0.4055 0.3620 -0.0996 -0.0278 -0.0316 1114 ASP A CG  
135 O OD1 . ASP A 19 ? 0.3952 0.3830 0.3583 -0.0931 -0.0197 -0.0301 1114 ASP A OD1 
136 O OD2 . ASP A 19 ? 0.4102 0.4292 0.3767 -0.1064 -0.0389 -0.0235 1114 ASP A OD2 
137 N N   . PRO A 20 ? 0.3343 0.3152 0.2955 -0.0609 0.0118  -0.0518 1115 PRO A N   
138 C CA  . PRO A 20 ? 0.3322 0.3365 0.3200 -0.0481 0.0138  -0.0495 1115 PRO A CA  
139 C C   . PRO A 20 ? 0.2839 0.3039 0.2865 -0.0403 0.0020  -0.0394 1115 PRO A C   
140 O O   . PRO A 20 ? 0.2987 0.3075 0.2985 -0.0381 -0.0004 -0.0341 1115 PRO A O   
141 C CB  . PRO A 20 ? 0.3391 0.3330 0.3395 -0.0372 0.0277  -0.0570 1115 PRO A CB  
142 C CG  . PRO A 20 ? 0.3505 0.3136 0.3333 -0.0395 0.0301  -0.0592 1115 PRO A CG  
143 C CD  . PRO A 20 ? 0.3508 0.3022 0.3035 -0.0583 0.0229  -0.0602 1115 PRO A CD  
144 N N   . VAL A 21 ? 0.2802 0.3211 0.2943 -0.0365 -0.0037 -0.0370 1116 VAL A N   
145 C CA  . VAL A 21 ? 0.2883 0.3402 0.3092 -0.0268 -0.0138 -0.0300 1116 VAL A CA  
146 C C   . VAL A 21 ? 0.2871 0.3548 0.3290 -0.0182 -0.0183 -0.0349 1116 VAL A C   
147 O O   . VAL A 21 ? 0.2808 0.3563 0.3350 -0.0234 -0.0127 -0.0414 1116 VAL A O   
148 C CB  . VAL A 21 ? 0.2671 0.3257 0.2768 -0.0313 -0.0194 -0.0225 1116 VAL A CB  
149 C CG1 . VAL A 21 ? 0.2838 0.3334 0.2841 -0.0408 -0.0175 -0.0167 1116 VAL A CG1 
150 C CG2 . VAL A 21 ? 0.2833 0.3506 0.2927 -0.0371 -0.0197 -0.0255 1116 VAL A CG2 
151 N N   A ARG A 22 ? 0.2518 0.3234 0.2987 -0.0056 -0.0288 -0.0314 1117 ARG A N   
152 N N   B ARG A 22 ? 0.2672 0.3391 0.3117 -0.0064 -0.0295 -0.0309 1117 ARG A N   
153 C CA  A ARG A 22 ? 0.2305 0.3192 0.2986 0.0014  -0.0398 -0.0364 1117 ARG A CA  
154 C CA  B ARG A 22 ? 0.2590 0.3467 0.3252 0.0022  -0.0405 -0.0357 1117 ARG A CA  
155 C C   A ARG A 22 ? 0.2353 0.3261 0.2864 0.0012  -0.0507 -0.0351 1117 ARG A C   
156 C C   B ARG A 22 ? 0.2507 0.3420 0.3024 0.0032  -0.0530 -0.0351 1117 ARG A C   
157 O O   A ARG A 22 ? 0.2574 0.3373 0.2824 0.0054  -0.0521 -0.0272 1117 ARG A O   
158 O O   B ARG A 22 ? 0.2715 0.3525 0.2979 0.0103  -0.0578 -0.0277 1117 ARG A O   
159 C CB  A ARG A 22 ? 0.2819 0.3720 0.3628 0.0175  -0.0494 -0.0341 1117 ARG A CB  
160 C CB  B ARG A 22 ? 0.2536 0.3378 0.3270 0.0179  -0.0476 -0.0318 1117 ARG A CB  
161 C CG  A ARG A 22 ? 0.2559 0.3692 0.3673 0.0237  -0.0655 -0.0407 1117 ARG A CG  
162 C CG  B ARG A 22 ? 0.3136 0.4136 0.4022 0.0291  -0.0682 -0.0340 1117 ARG A CG  
163 C CD  A ARG A 22 ? 0.3171 0.4332 0.4400 0.0426  -0.0803 -0.0361 1117 ARG A CD  
164 C CD  B ARG A 22 ? 0.3398 0.4357 0.4366 0.0472  -0.0762 -0.0280 1117 ARG A CD  
165 N NE  A ARG A 22 ? 0.2993 0.4445 0.4636 0.0471  -0.0983 -0.0435 1117 ARG A NE  
166 N NE  B ARG A 22 ? 0.3830 0.4514 0.4407 0.0546  -0.0756 -0.0152 1117 ARG A NE  
167 C CZ  A ARG A 22 ? 0.2684 0.4212 0.4256 0.0473  -0.1218 -0.0472 1117 ARG A CZ  
168 C CZ  B ARG A 22 ? 0.3424 0.4025 0.3719 0.0657  -0.0914 -0.0078 1117 ARG A CZ  
169 N NH1 A ARG A 22 ? 0.2625 0.3934 0.3692 0.0458  -0.1260 -0.0438 1117 ARG A NH1 
170 N NH1 B ARG A 22 ? 0.3991 0.4750 0.4326 0.0701  -0.1129 -0.0140 1117 ARG A NH1 
171 N NH2 A ARG A 22 ? 0.2643 0.4458 0.4656 0.0486  -0.1408 -0.0550 1117 ARG A NH2 
172 N NH2 B ARG A 22 ? 0.4042 0.4369 0.3985 0.0715  -0.0855 0.0058  1117 ARG A NH2 
173 N N   . LEU A 23 ? 0.2594 0.3616 0.3252 -0.0038 -0.0558 -0.0430 1118 LEU A N   
174 C CA  . LEU A 23 ? 0.2565 0.3563 0.3071 -0.0029 -0.0673 -0.0456 1118 LEU A CA  
175 C C   . LEU A 23 ? 0.3029 0.4088 0.3592 0.0077  -0.0881 -0.0497 1118 LEU A C   
176 O O   . LEU A 23 ? 0.2764 0.3957 0.3619 0.0125  -0.0934 -0.0513 1118 LEU A O   
177 C CB  . LEU A 23 ? 0.2592 0.3628 0.3240 -0.0156 -0.0630 -0.0528 1118 LEU A CB  
178 C CG  . LEU A 23 ? 0.2594 0.3530 0.3084 -0.0237 -0.0485 -0.0477 1118 LEU A CG  
179 C CD1 . LEU A 23 ? 0.2669 0.3590 0.3153 -0.0280 -0.0352 -0.0427 1118 LEU A CD1 
180 C CD2 . LEU A 23 ? 0.3019 0.3931 0.3612 -0.0342 -0.0457 -0.0535 1118 LEU A CD2 
181 N N   . PRO A 24 ? 0.3103 0.4051 0.3372 0.0133  -0.1012 -0.0514 1119 PRO A N   
182 C CA  . PRO A 24 ? 0.3246 0.4216 0.3476 0.0241  -0.1260 -0.0553 1119 PRO A CA  
183 C C   . PRO A 24 ? 0.2991 0.4209 0.3710 0.0177  -0.1412 -0.0669 1119 PRO A C   
184 O O   . PRO A 24 ? 0.3611 0.4959 0.4504 0.0276  -0.1605 -0.0672 1119 PRO A O   
185 C CB  . PRO A 24 ? 0.3864 0.4607 0.3608 0.0285  -0.1330 -0.0579 1119 PRO A CB  
186 C CG  . PRO A 24 ? 0.4166 0.4789 0.3700 0.0268  -0.1089 -0.0487 1119 PRO A CG  
187 C CD  . PRO A 24 ? 0.3348 0.4117 0.3250 0.0133  -0.0932 -0.0482 1119 PRO A CD  
188 N N   A SER A 25 ? 0.3195 0.4486 0.4167 0.0015  -0.1319 -0.0747 1120 SER A N   
189 N N   B SER A 25 ? 0.3138 0.4436 0.4119 0.0017  -0.1324 -0.0748 1120 SER A N   
190 C CA  A SER A 25 ? 0.3296 0.4846 0.4825 -0.0090 -0.1394 -0.0846 1120 SER A CA  
191 C CA  B SER A 25 ? 0.3079 0.4640 0.4606 -0.0072 -0.1433 -0.0849 1120 SER A CA  
192 C C   A SER A 25 ? 0.3131 0.4934 0.5121 -0.0036 -0.1319 -0.0804 1120 SER A C   
193 C C   B SER A 25 ? 0.3162 0.4963 0.5173 -0.0063 -0.1284 -0.0809 1120 SER A C   
194 O O   A SER A 25 ? 0.3386 0.5475 0.5901 -0.0052 -0.1442 -0.0867 1120 SER A O   
195 O O   B SER A 25 ? 0.3086 0.5160 0.5652 -0.0137 -0.1315 -0.0878 1120 SER A O   
196 C CB  A SER A 25 ? 0.2847 0.4352 0.4490 -0.0274 -0.1200 -0.0885 1120 SER A CB  
197 C CB  B SER A 25 ? 0.3385 0.4882 0.4985 -0.0256 -0.1371 -0.0938 1120 SER A CB  
198 O OG  A SER A 25 ? 0.2681 0.4152 0.4303 -0.0296 -0.0922 -0.0795 1120 SER A OG  
199 O OG  B SER A 25 ? 0.3978 0.5206 0.5103 -0.0236 -0.1495 -0.0988 1120 SER A OG  
200 N N   . GLY A 26 ? 0.2961 0.4663 0.4802 0.0020  -0.1110 -0.0709 1121 GLY A N   
201 C CA  . GLY A 26 ? 0.3132 0.4989 0.5352 0.0069  -0.0970 -0.0684 1121 GLY A CA  
202 C C   . GLY A 26 ? 0.2727 0.4521 0.4977 -0.0047 -0.0659 -0.0680 1121 GLY A C   
203 O O   . GLY A 26 ? 0.3383 0.5214 0.5817 0.0009  -0.0497 -0.0665 1121 GLY A O   
204 N N   . THR A 27 ? 0.2503 0.4172 0.4541 -0.0190 -0.0569 -0.0692 1122 THR A N   
205 C CA  . THR A 27 ? 0.2271 0.3835 0.4234 -0.0289 -0.0300 -0.0675 1122 THR A CA  
206 C C   . THR A 27 ? 0.2508 0.3862 0.4095 -0.0227 -0.0218 -0.0607 1122 THR A C   
207 O O   . THR A 27 ? 0.2707 0.3942 0.3982 -0.0178 -0.0327 -0.0553 1122 THR A O   
208 C CB  . THR A 27 ? 0.2580 0.4015 0.4349 -0.0427 -0.0264 -0.0678 1122 THR A CB  
209 O OG1 . THR A 27 ? 0.2911 0.4501 0.5050 -0.0515 -0.0334 -0.0751 1122 THR A OG1 
210 C CG2 . THR A 27 ? 0.3467 0.4750 0.5053 -0.0514 -0.0017 -0.0639 1122 THR A CG2 
211 N N   . ILE A 28 ? 0.2606 0.3901 0.4221 -0.0235 -0.0016 -0.0613 1123 ILE A N   
212 C CA  . ILE A 28 ? 0.2509 0.3560 0.3751 -0.0230 0.0063  -0.0574 1123 ILE A CA  
213 C C   . ILE A 28 ? 0.2432 0.3335 0.3415 -0.0367 0.0212  -0.0577 1123 ILE A C   
214 O O   . ILE A 28 ? 0.2582 0.3518 0.3701 -0.0427 0.0373  -0.0613 1123 ILE A O   
215 C CB  . ILE A 28 ? 0.2633 0.3628 0.3992 -0.0120 0.0160  -0.0594 1123 ILE A CB  
216 C CG1 . ILE A 28 ? 0.2972 0.4076 0.4524 0.0042  -0.0023 -0.0558 1123 ILE A CG1 
217 C CG2 . ILE A 28 ? 0.3016 0.3706 0.3968 -0.0163 0.0242  -0.0581 1123 ILE A CG2 
218 C CD1 . ILE A 28 ? 0.2906 0.3970 0.4661 0.0193  0.0063  -0.0566 1123 ILE A CD1 
219 N N   . MET A 29 ? 0.2706 0.3453 0.3326 -0.0415 0.0155  -0.0525 1124 MET A N   
220 C CA  . MET A 29 ? 0.3012 0.3610 0.3339 -0.0527 0.0233  -0.0508 1124 MET A CA  
221 C C   . MET A 29 ? 0.2660 0.3124 0.2689 -0.0555 0.0147  -0.0463 1124 MET A C   
222 O O   . MET A 29 ? 0.2758 0.3257 0.2832 -0.0501 0.0049  -0.0431 1124 MET A O   
223 C CB  . MET A 29 ? 0.3476 0.4129 0.3818 -0.0577 0.0191  -0.0472 1124 MET A CB  
224 C CG  . MET A 29 ? 0.2657 0.3373 0.2973 -0.0530 0.0015  -0.0422 1124 MET A CG  
225 S SD  . MET A 29 ? 0.3248 0.3985 0.3634 -0.0555 -0.0033 -0.0417 1124 MET A SD  
226 C CE  . MET A 29 ? 0.3758 0.4302 0.3848 -0.0644 0.0065  -0.0346 1124 MET A CE  
227 N N   . ASP A 30 ? 0.3315 0.3621 0.3040 -0.0646 0.0180  -0.0456 1125 ASP A N   
228 C CA  . ASP A 30 ? 0.2982 0.3202 0.2484 -0.0701 0.0065  -0.0421 1125 ASP A CA  
229 C C   . ASP A 30 ? 0.2906 0.3295 0.2507 -0.0679 -0.0082 -0.0324 1125 ASP A C   
230 O O   . ASP A 30 ? 0.2864 0.3334 0.2508 -0.0655 -0.0103 -0.0280 1125 ASP A O   
231 C CB  . ASP A 30 ? 0.3368 0.3385 0.2492 -0.0800 0.0080  -0.0435 1125 ASP A CB  
232 C CG  . ASP A 30 ? 0.3663 0.3567 0.2604 -0.0880 -0.0041 -0.0448 1125 ASP A CG  
233 O OD1 . ASP A 30 ? 0.3767 0.3485 0.2628 -0.0893 0.0037  -0.0541 1125 ASP A OD1 
234 O OD2 . ASP A 30 ? 0.3678 0.3677 0.2592 -0.0930 -0.0212 -0.0372 1125 ASP A OD2 
235 N N   . ARG A 31 ? 0.2939 0.3353 0.2582 -0.0686 -0.0156 -0.0292 1126 ARG A N   
236 C CA  . ARG A 31 ? 0.2941 0.3518 0.2691 -0.0661 -0.0251 -0.0194 1126 ARG A CA  
237 C C   . ARG A 31 ? 0.2810 0.3442 0.2474 -0.0697 -0.0327 -0.0135 1126 ARG A C   
238 O O   . ARG A 31 ? 0.2649 0.3406 0.2417 -0.0622 -0.0352 -0.0068 1126 ARG A O   
239 C CB  . ARG A 31 ? 0.2778 0.3341 0.2579 -0.0711 -0.0283 -0.0162 1126 ARG A CB  
240 C CG  . ARG A 31 ? 0.2922 0.3670 0.2889 -0.0675 -0.0320 -0.0049 1126 ARG A CG  
241 C CD  . ARG A 31 ? 0.2758 0.3467 0.2805 -0.0757 -0.0317 -0.0014 1126 ARG A CD  
242 N NE  . ARG A 31 ? 0.2803 0.3674 0.3030 -0.0710 -0.0280 0.0106  1126 ARG A NE  
243 C CZ  . ARG A 31 ? 0.2413 0.3481 0.2839 -0.0779 -0.0320 0.0189  1126 ARG A CZ  
244 N NH1 . ARG A 31 ? 0.2543 0.3748 0.3141 -0.0720 -0.0224 0.0302  1126 ARG A NH1 
245 N NH2 . ARG A 31 ? 0.2906 0.4041 0.3362 -0.0899 -0.0452 0.0167  1126 ARG A NH2 
246 N N   . SER A 32 ? 0.2849 0.3353 0.2285 -0.0793 -0.0368 -0.0159 1127 SER A N   
247 C CA  . SER A 32 ? 0.3161 0.3700 0.2484 -0.0812 -0.0480 -0.0082 1127 SER A CA  
248 C C   . SER A 32 ? 0.3090 0.3587 0.2359 -0.0737 -0.0414 -0.0047 1127 SER A C   
249 O O   . SER A 32 ? 0.4003 0.4556 0.3264 -0.0692 -0.0498 0.0049  1127 SER A O   
250 C CB  . SER A 32 ? 0.3458 0.3810 0.2449 -0.0931 -0.0564 -0.0124 1127 SER A CB  
251 O OG  . SER A 32 ? 0.3942 0.4039 0.2636 -0.0944 -0.0415 -0.0206 1127 SER A OG  
252 N N   . ILE A 33 ? 0.3111 0.3510 0.2375 -0.0723 -0.0267 -0.0118 1128 ILE A N   
253 C CA  . ILE A 33 ? 0.3142 0.3486 0.2403 -0.0686 -0.0198 -0.0090 1128 ILE A CA  
254 C C   . ILE A 33 ? 0.3174 0.3657 0.2684 -0.0591 -0.0226 -0.0070 1128 ILE A C   
255 O O   . ILE A 33 ? 0.3187 0.3647 0.2688 -0.0534 -0.0256 -0.0002 1128 ILE A O   
256 C CB  . ILE A 33 ? 0.3441 0.3670 0.2693 -0.0728 -0.0020 -0.0172 1128 ILE A CB  
257 C CG1 . ILE A 33 ? 0.4347 0.4368 0.3259 -0.0804 0.0060  -0.0199 1128 ILE A CG1 
258 C CG2 . ILE A 33 ? 0.3914 0.4075 0.3217 -0.0724 0.0058  -0.0142 1128 ILE A CG2 
259 C CD1 . ILE A 33 ? 0.5307 0.5241 0.4266 -0.0831 0.0294  -0.0273 1128 ILE A CD1 
260 N N   . ILE A 34 ? 0.2839 0.3425 0.2532 -0.0558 -0.0214 -0.0130 1129 ILE A N   
261 C CA  . ILE A 34 ? 0.2940 0.3590 0.2771 -0.0468 -0.0233 -0.0138 1129 ILE A CA  
262 C C   . ILE A 34 ? 0.2663 0.3394 0.2501 -0.0389 -0.0292 -0.0048 1129 ILE A C   
263 O O   . ILE A 34 ? 0.2929 0.3624 0.2770 -0.0309 -0.0288 -0.0032 1129 ILE A O   
264 C CB  . ILE A 34 ? 0.2732 0.3444 0.2698 -0.0435 -0.0229 -0.0215 1129 ILE A CB  
265 C CG1 . ILE A 34 ? 0.3097 0.3816 0.3106 -0.0351 -0.0275 -0.0243 1129 ILE A CG1 
266 C CG2 . ILE A 34 ? 0.2832 0.3596 0.2797 -0.0427 -0.0248 -0.0184 1129 ILE A CG2 
267 C CD1 . ILE A 34 ? 0.3456 0.4074 0.3481 -0.0385 -0.0260 -0.0285 1129 ILE A CD1 
268 N N   . LEU A 35 ? 0.2618 0.3456 0.2486 -0.0416 -0.0335 0.0011  1130 LEU A N   
269 C CA  . LEU A 35 ? 0.2481 0.3462 0.2460 -0.0343 -0.0368 0.0111  1130 LEU A CA  
270 C C   . LEU A 35 ? 0.2681 0.3631 0.2617 -0.0296 -0.0409 0.0182  1130 LEU A C   
271 O O   . LEU A 35 ? 0.2847 0.3847 0.2874 -0.0172 -0.0387 0.0239  1130 LEU A O   
272 C CB  . LEU A 35 ? 0.2724 0.3847 0.2816 -0.0421 -0.0418 0.0158  1130 LEU A CB  
273 C CG  . LEU A 35 ? 0.3021 0.4145 0.3165 -0.0442 -0.0359 0.0129  1130 LEU A CG  
274 C CD1 . LEU A 35 ? 0.2722 0.3979 0.3033 -0.0532 -0.0393 0.0194  1130 LEU A CD1 
275 C CD2 . LEU A 35 ? 0.3082 0.4204 0.3232 -0.0310 -0.0277 0.0136  1130 LEU A CD2 
276 N N   . ARG A 36 ? 0.2811 0.3641 0.2575 -0.0375 -0.0455 0.0188  1131 ARG A N   
277 C CA  . ARG A 36 ? 0.3067 0.3815 0.2741 -0.0312 -0.0502 0.0282  1131 ARG A CA  
278 C C   . ARG A 36 ? 0.3287 0.3834 0.2904 -0.0244 -0.0404 0.0253  1131 ARG A C   
279 O O   . ARG A 36 ? 0.4160 0.4642 0.3781 -0.0130 -0.0414 0.0334  1131 ARG A O   
280 C CB  . ARG A 36 ? 0.3355 0.3981 0.2767 -0.0409 -0.0584 0.0313  1131 ARG A CB  
281 C CG  . ARG A 36 ? 0.3053 0.3870 0.2534 -0.0474 -0.0740 0.0344  1131 ARG A CG  
282 C CD  . ARG A 36 ? 0.3710 0.4363 0.2838 -0.0570 -0.0856 0.0356  1131 ARG A CD  
283 N NE  . ARG A 36 ? 0.3818 0.4212 0.2658 -0.0661 -0.0709 0.0245  1131 ARG A NE  
284 C CZ  . ARG A 36 ? 0.4175 0.4301 0.2704 -0.0662 -0.0615 0.0264  1131 ARG A CZ  
285 N NH1 . ARG A 36 ? 0.4158 0.4097 0.2508 -0.0739 -0.0442 0.0163  1131 ARG A NH1 
286 N NH2 . ARG A 36 ? 0.4075 0.4115 0.2504 -0.0576 -0.0667 0.0392  1131 ARG A NH2 
287 N N   . HIS A 37 ? 0.3210 0.3660 0.2809 -0.0309 -0.0318 0.0137  1132 HIS A N   
288 C CA  . HIS A 37 ? 0.3270 0.3545 0.2868 -0.0272 -0.0253 0.0085  1132 HIS A CA  
289 C C   . HIS A 37 ? 0.3533 0.3857 0.3216 -0.0132 -0.0256 0.0075  1132 HIS A C   
290 O O   . HIS A 37 ? 0.3685 0.3832 0.3316 -0.0045 -0.0227 0.0088  1132 HIS A O   
291 C CB  . HIS A 37 ? 0.3220 0.3465 0.2881 -0.0374 -0.0196 -0.0041 1132 HIS A CB  
292 C CG  . HIS A 37 ? 0.3532 0.3646 0.3247 -0.0355 -0.0181 -0.0128 1132 HIS A CG  
293 N ND1 . HIS A 37 ? 0.4486 0.4350 0.4142 -0.0394 -0.0128 -0.0120 1132 HIS A ND1 
294 C CD2 . HIS A 37 ? 0.3520 0.3672 0.3296 -0.0305 -0.0227 -0.0225 1132 HIS A CD2 
295 C CE1 . HIS A 37 ? 0.4850 0.4615 0.4567 -0.0390 -0.0150 -0.0231 1132 HIS A CE1 
296 N NE2 . HIS A 37 ? 0.4393 0.4329 0.4157 -0.0330 -0.0222 -0.0299 1132 HIS A NE2 
297 N N   . LEU A 38 ? 0.2950 0.3465 0.2726 -0.0105 -0.0265 0.0052  1133 LEU A N   
298 C CA  . LEU A 38 ? 0.2966 0.3500 0.2756 0.0035  -0.0227 0.0048  1133 LEU A CA  
299 C C   . LEU A 38 ? 0.3708 0.4309 0.3581 0.0172  -0.0202 0.0170  1133 LEU A C   
300 O O   . LEU A 38 ? 0.4270 0.4807 0.4116 0.0316  -0.0122 0.0161  1133 LEU A O   
301 C CB  . LEU A 38 ? 0.3000 0.3694 0.2837 0.0032  -0.0218 0.0032  1133 LEU A CB  
302 C CG  . LEU A 38 ? 0.2806 0.3439 0.2587 -0.0040 -0.0253 -0.0084 1133 LEU A CG  
303 C CD1 . LEU A 38 ? 0.2850 0.3602 0.2652 -0.0033 -0.0247 -0.0062 1133 LEU A CD1 
304 C CD2 . LEU A 38 ? 0.3446 0.3888 0.3093 0.0017  -0.0268 -0.0192 1133 LEU A CD2 
305 N N   . LEU A 39 ? 0.3246 0.3976 0.3217 0.0143  -0.0271 0.0282  1134 LEU A N   
306 C CA  . LEU A 39 ? 0.3862 0.4681 0.3976 0.0294  -0.0274 0.0410  1134 LEU A CA  
307 C C   . LEU A 39 ? 0.4513 0.5013 0.4476 0.0408  -0.0223 0.0404  1134 LEU A C   
308 O O   . LEU A 39 ? 0.5738 0.6232 0.5795 0.0596  -0.0157 0.0464  1134 LEU A O   
309 C CB  . LEU A 39 ? 0.3691 0.4694 0.3907 0.0231  -0.0421 0.0526  1134 LEU A CB  
310 C CG  . LEU A 39 ? 0.3720 0.5025 0.4128 0.0116  -0.0481 0.0536  1134 LEU A CG  
311 C CD1 . LEU A 39 ? 0.3926 0.5334 0.4344 0.0030  -0.0671 0.0616  1134 LEU A CD1 
312 C CD2 . LEU A 39 ? 0.3308 0.4877 0.4041 0.0233  -0.0390 0.0599  1134 LEU A CD2 
313 N N   . ASN A 40 ? 0.4698 0.4920 0.4451 0.0298  -0.0230 0.0332  1135 ASN A N   
314 C CA  . ASN A 40 ? 0.5158 0.5013 0.4758 0.0362  -0.0178 0.0323  1135 ASN A CA  
315 C C   . ASN A 40 ? 0.5833 0.5455 0.5325 0.0362  -0.0104 0.0154  1135 ASN A C   
316 O O   . ASN A 40 ? 0.6631 0.5963 0.6025 0.0484  -0.0041 0.0134  1135 ASN A O   
317 C CB  . ASN A 40 ? 0.5594 0.5248 0.5035 0.0222  -0.0206 0.0362  1135 ASN A CB  
318 C CG  . ASN A 40 ? 0.6105 0.5420 0.5413 0.0326  -0.0180 0.0466  1135 ASN A CG  
319 O OD1 . ASN A 40 ? 0.6362 0.5377 0.5610 0.0388  -0.0099 0.0400  1135 ASN A OD1 
320 N ND2 . ASN A 40 ? 0.6280 0.5599 0.5502 0.0348  -0.0260 0.0631  1135 ASN A ND2 
321 N N   . SER A 41 ? 0.4990 0.4713 0.4484 0.0242  -0.0126 0.0028  1136 SER A N   
322 C CA  . SER A 41 ? 0.4817 0.4317 0.4187 0.0210  -0.0121 -0.0147 1136 SER A CA  
323 C C   . SER A 41 ? 0.4331 0.4028 0.3706 0.0189  -0.0161 -0.0233 1136 SER A C   
324 O O   . SER A 41 ? 0.3920 0.3842 0.3415 0.0081  -0.0206 -0.0216 1136 SER A O   
325 C CB  . SER A 41 ? 0.5785 0.5098 0.5163 0.0025  -0.0142 -0.0214 1136 SER A CB  
326 O OG  . SER A 41 ? 0.5990 0.5212 0.5349 -0.0056 -0.0199 -0.0393 1136 SER A OG  
327 N N   . PRO A 42 ? 0.4449 0.4015 0.3640 0.0300  -0.0143 -0.0326 1137 PRO A N   
328 C CA  . PRO A 42 ? 0.4360 0.4060 0.3476 0.0301  -0.0189 -0.0386 1137 PRO A CA  
329 C C   . PRO A 42 ? 0.3905 0.3535 0.3005 0.0163  -0.0332 -0.0537 1137 PRO A C   
330 O O   . PRO A 42 ? 0.4211 0.3681 0.3083 0.0202  -0.0407 -0.0663 1137 PRO A O   
331 C CB  . PRO A 42 ? 0.5203 0.4727 0.4051 0.0495  -0.0089 -0.0412 1137 PRO A CB  
332 C CG  . PRO A 42 ? 0.5649 0.4818 0.4373 0.0539  -0.0059 -0.0484 1137 PRO A CG  
333 C CD  . PRO A 42 ? 0.5098 0.4341 0.4086 0.0451  -0.0064 -0.0374 1137 PRO A CD  
334 N N   . THR A 43 ? 0.4344 0.4101 0.3690 0.0004  -0.0372 -0.0526 1138 THR A N   
335 C CA  . THR A 43 ? 0.4286 0.4024 0.3757 -0.0140 -0.0488 -0.0658 1138 THR A CA  
336 C C   . THR A 43 ? 0.3682 0.3707 0.3423 -0.0240 -0.0497 -0.0614 1138 THR A C   
337 O O   . THR A 43 ? 0.3679 0.3820 0.3485 -0.0251 -0.0405 -0.0496 1138 THR A O   
338 C CB  . THR A 43 ? 0.4848 0.4353 0.4390 -0.0256 -0.0463 -0.0707 1138 THR A CB  
339 O OG1 . THR A 43 ? 0.4350 0.3895 0.3991 -0.0294 -0.0341 -0.0564 1138 THR A OG1 
340 C CG2 . THR A 43 ? 0.5223 0.4360 0.4483 -0.0158 -0.0451 -0.0779 1138 THR A CG2 
341 N N   . ASP A 44 ? 0.3779 0.3909 0.3672 -0.0302 -0.0620 -0.0717 1139 ASP A N   
342 C CA  . ASP A 44 ? 0.3684 0.4049 0.3902 -0.0403 -0.0601 -0.0701 1139 ASP A CA  
343 C C   . ASP A 44 ? 0.3936 0.4213 0.4327 -0.0552 -0.0496 -0.0704 1139 ASP A C   
344 O O   . ASP A 44 ? 0.3855 0.3978 0.4300 -0.0633 -0.0550 -0.0799 1139 ASP A O   
345 C CB  . ASP A 44 ? 0.3559 0.4068 0.3956 -0.0411 -0.0778 -0.0810 1139 ASP A CB  
346 C CG  . ASP A 44 ? 0.3764 0.4535 0.4577 -0.0491 -0.0740 -0.0803 1139 ASP A CG  
347 O OD1 . ASP A 44 ? 0.4448 0.5235 0.5496 -0.0624 -0.0615 -0.0804 1139 ASP A OD1 
348 O OD2 . ASP A 44 ? 0.3835 0.4773 0.4733 -0.0410 -0.0819 -0.0795 1139 ASP A OD2 
349 N N   . PRO A 45 ? 0.4039 0.4358 0.4468 -0.0597 -0.0345 -0.0601 1140 PRO A N   
350 C CA  . PRO A 45 ? 0.4215 0.4372 0.4698 -0.0723 -0.0212 -0.0569 1140 PRO A CA  
351 C C   . PRO A 45 ? 0.3518 0.3765 0.4385 -0.0882 -0.0187 -0.0657 1140 PRO A C   
352 O O   . PRO A 45 ? 0.4273 0.4336 0.5200 -0.1007 -0.0080 -0.0646 1140 PRO A O   
353 C CB  . PRO A 45 ? 0.4147 0.4324 0.4488 -0.0712 -0.0082 -0.0439 1140 PRO A CB  
354 C CG  . PRO A 45 ? 0.3949 0.4351 0.4320 -0.0638 -0.0136 -0.0445 1140 PRO A CG  
355 C CD  . PRO A 45 ? 0.3325 0.3772 0.3671 -0.0536 -0.0290 -0.0505 1140 PRO A CD  
356 N N   . PHE A 46 ? 0.3281 0.3802 0.4441 -0.0880 -0.0281 -0.0737 1141 PHE A N   
357 C CA  . PHE A 46 ? 0.3483 0.4186 0.5135 -0.1027 -0.0250 -0.0811 1141 PHE A CA  
358 C C   . PHE A 46 ? 0.3744 0.4471 0.5622 -0.1099 -0.0473 -0.0957 1141 PHE A C   
359 O O   . PHE A 46 ? 0.4243 0.4981 0.6482 -0.1280 -0.0430 -0.1012 1141 PHE A O   
360 C CB  . PHE A 46 ? 0.2711 0.3728 0.4624 -0.0970 -0.0209 -0.0799 1141 PHE A CB  
361 C CG  . PHE A 46 ? 0.3127 0.4065 0.4736 -0.0901 -0.0035 -0.0688 1141 PHE A CG  
362 C CD1 . PHE A 46 ? 0.3150 0.4097 0.4488 -0.0756 -0.0123 -0.0652 1141 PHE A CD1 
363 C CD2 . PHE A 46 ? 0.3729 0.4543 0.5274 -0.0993 0.0212  -0.0617 1141 PHE A CD2 
364 C CE1 . PHE A 46 ? 0.3991 0.4849 0.5052 -0.0723 0.0005  -0.0566 1141 PHE A CE1 
365 C CE2 . PHE A 46 ? 0.3954 0.4656 0.5147 -0.0939 0.0333  -0.0533 1141 PHE A CE2 
366 C CZ  . PHE A 46 ? 0.3726 0.4459 0.4700 -0.0814 0.0214  -0.0517 1141 PHE A CZ  
367 N N   . ASN A 47 ? 0.3720 0.4428 0.5374 -0.0975 -0.0706 -0.1023 1142 ASN A N   
368 C CA  . ASN A 47 ? 0.3285 0.3970 0.5052 -0.1036 -0.0963 -0.1183 1142 ASN A CA  
369 C C   . ASN A 47 ? 0.3983 0.4263 0.5231 -0.0978 -0.1049 -0.1242 1142 ASN A C   
370 O O   . ASN A 47 ? 0.4045 0.4217 0.5276 -0.1034 -0.1274 -0.1400 1142 ASN A O   
371 C CB  . ASN A 47 ? 0.3564 0.4561 0.5519 -0.0942 -0.1206 -0.1239 1142 ASN A CB  
372 C CG  . ASN A 47 ? 0.3737 0.4665 0.5206 -0.0715 -0.1253 -0.1167 1142 ASN A CG  
373 O OD1 . ASN A 47 ? 0.3722 0.4372 0.4718 -0.0636 -0.1173 -0.1122 1142 ASN A OD1 
374 N ND2 . ASN A 47 ? 0.4470 0.5652 0.6089 -0.0608 -0.1374 -0.1146 1142 ASN A ND2 
375 N N   . ARG A 48 ? 0.3909 0.3970 0.4747 -0.0859 -0.0887 -0.1128 1143 ARG A N   
376 C CA  . ARG A 48 ? 0.4669 0.4333 0.5058 -0.0781 -0.0893 -0.1163 1143 ARG A CA  
377 C C   . ARG A 48 ? 0.4675 0.4265 0.4675 -0.0609 -0.1057 -0.1233 1143 ARG A C   
378 O O   . ARG A 48 ? 0.5536 0.4777 0.5148 -0.0531 -0.1061 -0.1295 1143 ARG A O   
379 C CB  . ARG A 48 ? 0.6150 0.5509 0.6619 -0.0955 -0.0921 -0.1285 1143 ARG A CB  
380 C CG  . ARG A 48 ? 0.5872 0.5207 0.6661 -0.1134 -0.0717 -0.1200 1143 ARG A CG  
381 C CD  . ARG A 48 ? 0.6151 0.5068 0.6921 -0.1288 -0.0723 -0.1303 1143 ARG A CD  
382 N NE  . ARG A 48 ? 0.6382 0.4865 0.6626 -0.1128 -0.0737 -0.1338 1143 ARG A NE  
383 C CZ  . ARG A 48 ? 0.6315 0.4637 0.6243 -0.0945 -0.0568 -0.1183 1143 ARG A CZ  
384 N NH1 . ARG A 48 ? 0.6675 0.4622 0.6189 -0.0785 -0.0566 -0.1228 1143 ARG A NH1 
385 N NH2 . ARG A 48 ? 0.5956 0.4484 0.5979 -0.0917 -0.0405 -0.0989 1143 ARG A NH2 
386 N N   . GLN A 49 ? 0.3924 0.3792 0.3984 -0.0536 -0.1176 -0.1220 1144 GLN A N   
387 C CA  . GLN A 49 ? 0.4320 0.4072 0.3926 -0.0360 -0.1294 -0.1250 1144 GLN A CA  
388 C C   . GLN A 49 ? 0.4338 0.3983 0.3617 -0.0195 -0.1076 -0.1107 1144 GLN A C   
389 O O   . GLN A 49 ? 0.4274 0.4026 0.3722 -0.0212 -0.0892 -0.0974 1144 GLN A O   
390 C CB  . GLN A 49 ? 0.4309 0.4365 0.4051 -0.0300 -0.1442 -0.1221 1144 GLN A CB  
391 C CG  . GLN A 49 ? 0.4683 0.4909 0.4767 -0.0413 -0.1715 -0.1359 1144 GLN A CG  
392 C CD  . GLN A 49 ? 0.5236 0.5731 0.5420 -0.0302 -0.1827 -0.1274 1144 GLN A CD  
393 O OE1 . GLN A 49 ? 0.6816 0.7285 0.6695 -0.0136 -0.1789 -0.1182 1144 GLN A OE1 
394 N NE2 . GLN A 49 ? 0.5390 0.6130 0.6005 -0.0385 -0.1960 -0.1297 1144 GLN A NE2 
395 N N   . THR A 50 ? 0.4408 0.3851 0.3219 -0.0035 -0.1101 -0.1131 1145 THR A N   
396 C CA  . THR A 50 ? 0.4101 0.3515 0.2689 0.0124  -0.0883 -0.0985 1145 THR A CA  
397 C C   . THR A 50 ? 0.4172 0.3916 0.2969 0.0141  -0.0830 -0.0830 1145 THR A C   
398 O O   . THR A 50 ? 0.4291 0.4161 0.3121 0.0143  -0.0972 -0.0844 1145 THR A O   
399 C CB  . THR A 50 ? 0.4879 0.4006 0.2908 0.0294  -0.0888 -0.1042 1145 THR A CB  
400 O OG1 . THR A 50 ? 0.5742 0.4492 0.3525 0.0297  -0.0892 -0.1189 1145 THR A OG1 
401 C CG2 . THR A 50 ? 0.5452 0.4640 0.3359 0.0451  -0.0643 -0.0868 1145 THR A CG2 
402 N N   . LEU A 51 ? 0.4006 0.3867 0.2939 0.0156  -0.0644 -0.0685 1146 LEU A N   
403 C CA  . LEU A 51 ? 0.3639 0.3752 0.2744 0.0152  -0.0587 -0.0554 1146 LEU A CA  
404 C C   . LEU A 51 ? 0.3431 0.3570 0.2466 0.0245  -0.0406 -0.0417 1146 LEU A C   
405 O O   . LEU A 51 ? 0.3511 0.3588 0.2577 0.0265  -0.0318 -0.0392 1146 LEU A O   
406 C CB  . LEU A 51 ? 0.3642 0.3935 0.3122 0.0002  -0.0582 -0.0536 1146 LEU A CB  
407 C CG  . LEU A 51 ? 0.2898 0.3388 0.2527 -0.0018 -0.0526 -0.0430 1146 LEU A CG  
408 C CD1 . LEU A 51 ? 0.3670 0.4224 0.3311 0.0019  -0.0636 -0.0458 1146 LEU A CD1 
409 C CD2 . LEU A 51 ? 0.3067 0.3646 0.2940 -0.0148 -0.0471 -0.0416 1146 LEU A CD2 
410 N N   . THR A 52 ? 0.3394 0.3625 0.2370 0.0304  -0.0350 -0.0319 1147 THR A N   
411 C CA  . THR A 52 ? 0.3198 0.3548 0.2256 0.0349  -0.0181 -0.0174 1147 THR A CA  
412 C C   . THR A 52 ? 0.3394 0.3933 0.2662 0.0259  -0.0178 -0.0082 1147 THR A C   
413 O O   . THR A 52 ? 0.3832 0.4368 0.3103 0.0218  -0.0276 -0.0120 1147 THR A O   
414 C CB  . THR A 52 ? 0.3755 0.3977 0.2508 0.0506  -0.0051 -0.0130 1147 THR A CB  
415 O OG1 . THR A 52 ? 0.4237 0.4406 0.2791 0.0528  -0.0098 -0.0112 1147 THR A OG1 
416 C CG2 . THR A 52 ? 0.4195 0.4137 0.2629 0.0611  -0.0051 -0.0253 1147 THR A CG2 
417 N N   . GLU A 53 ? 0.3353 0.4054 0.2816 0.0237  -0.0072 0.0037  1148 GLU A N   
418 C CA  . GLU A 53 ? 0.3239 0.4076 0.2900 0.0121  -0.0080 0.0105  1148 GLU A CA  
419 C C   . GLU A 53 ? 0.3344 0.4100 0.2865 0.0150  -0.0054 0.0145  1148 GLU A C   
420 O O   . GLU A 53 ? 0.3655 0.4402 0.3245 0.0073  -0.0114 0.0132  1148 GLU A O   
421 C CB  . GLU A 53 ? 0.3037 0.4076 0.2954 0.0080  -0.0006 0.0218  1148 GLU A CB  
422 C CG  . GLU A 53 ? 0.3227 0.4358 0.3308 -0.0052 -0.0011 0.0280  1148 GLU A CG  
423 C CD  . GLU A 53 ? 0.3648 0.5011 0.4037 -0.0134 -0.0010 0.0369  1148 GLU A CD  
424 O OE1 . GLU A 53 ? 0.3971 0.5394 0.4505 -0.0266 -0.0024 0.0409  1148 GLU A OE1 
425 O OE2 . GLU A 53 ? 0.3778 0.5252 0.4270 -0.0064 -0.0009 0.0398  1148 GLU A OE2 
426 N N   . SER A 54 ? 0.3378 0.4029 0.2661 0.0275  0.0046  0.0195  1149 SER A N   
427 C CA  . SER A 54 ? 0.3860 0.4376 0.2933 0.0320  0.0078  0.0261  1149 SER A CA  
428 C C   . SER A 54 ? 0.4241 0.4625 0.3151 0.0351  -0.0108 0.0167  1149 SER A C   
429 O O   . SER A 54 ? 0.4562 0.4835 0.3349 0.0385  -0.0120 0.0233  1149 SER A O   
430 C CB  . SER A 54 ? 0.3980 0.4359 0.2737 0.0464  0.0249  0.0338  1149 SER A CB  
431 O OG  . SER A 54 ? 0.4415 0.4607 0.2815 0.0586  0.0176  0.0220  1149 SER A OG  
432 N N   . MET A 55 ? 0.4002 0.4397 0.2937 0.0343  -0.0256 0.0026  1150 MET A N   
433 C CA  . MET A 55 ? 0.3816 0.4167 0.2725 0.0363  -0.0444 -0.0058 1150 MET A CA  
434 C C   . MET A 55 ? 0.3767 0.4247 0.3016 0.0263  -0.0478 -0.0066 1150 MET A C   
435 O O   . MET A 55 ? 0.4446 0.4923 0.3744 0.0305  -0.0605 -0.0103 1150 MET A O   
436 C CB  . MET A 55 ? 0.4292 0.4607 0.3141 0.0373  -0.0598 -0.0213 1150 MET A CB  
437 C CG  . MET A 55 ? 0.4602 0.4750 0.3134 0.0449  -0.0544 -0.0253 1150 MET A CG  
438 S SD  . MET A 55 ? 0.4745 0.4830 0.3309 0.0393  -0.0754 -0.0462 1150 MET A SD  
439 C CE  . MET A 55 ? 0.5214 0.4980 0.3268 0.0518  -0.0682 -0.0525 1150 MET A CE  
440 N N   . LEU A 56 ? 0.3531 0.4115 0.3001 0.0147  -0.0374 -0.0037 1151 LEU A N   
441 C CA  . LEU A 56 ? 0.3184 0.3823 0.2887 0.0056  -0.0379 -0.0065 1151 LEU A CA  
442 C C   . LEU A 56 ? 0.3883 0.4411 0.3544 0.0088  -0.0343 0.0019  1151 LEU A C   
443 O O   . LEU A 56 ? 0.4436 0.4876 0.3948 0.0114  -0.0261 0.0132  1151 LEU A O   
444 C CB  . LEU A 56 ? 0.2971 0.3689 0.2807 -0.0074 -0.0304 -0.0057 1151 LEU A CB  
445 C CG  . LEU A 56 ? 0.3003 0.3779 0.2858 -0.0098 -0.0318 -0.0107 1151 LEU A CG  
446 C CD1 . LEU A 56 ? 0.3150 0.3993 0.3079 -0.0193 -0.0269 -0.0055 1151 LEU A CD1 
447 C CD2 . LEU A 56 ? 0.2896 0.3684 0.2856 -0.0124 -0.0380 -0.0219 1151 LEU A CD2 
448 N N   . GLU A 57 ? 0.3374 0.3888 0.3180 0.0094  -0.0383 -0.0028 1152 GLU A N   
449 C CA  . GLU A 57 ? 0.3500 0.3851 0.3274 0.0135  -0.0344 0.0044  1152 GLU A CA  
450 C C   . GLU A 57 ? 0.3175 0.3484 0.3111 0.0025  -0.0265 -0.0009 1152 GLU A C   
451 O O   . GLU A 57 ? 0.3216 0.3627 0.3310 -0.0015 -0.0268 -0.0115 1152 GLU A O   
452 C CB  . GLU A 57 ? 0.3826 0.4147 0.3599 0.0301  -0.0475 0.0038  1152 GLU A CB  
453 C CG  . GLU A 57 ? 0.6151 0.6415 0.5632 0.0428  -0.0582 0.0093  1152 GLU A CG  
454 C CD  . GLU A 57 ? 0.8691 0.8741 0.7859 0.0453  -0.0458 0.0249  1152 GLU A CD  
455 O OE1 . GLU A 57 ? 0.9313 0.9217 0.8515 0.0415  -0.0348 0.0333  1152 GLU A OE1 
456 O OE2 . GLU A 57 ? 0.9546 0.9549 0.8428 0.0506  -0.0450 0.0286  1152 GLU A OE2 
457 N N   . PRO A 58 ? 0.3560 0.3689 0.3437 -0.0035 -0.0179 0.0056  1153 PRO A N   
458 C CA  . PRO A 58 ? 0.3795 0.3792 0.3746 -0.0123 -0.0115 -0.0019 1153 PRO A CA  
459 C C   . PRO A 58 ? 0.3253 0.3169 0.3302 0.0022  -0.0120 -0.0065 1153 PRO A C   
460 O O   . PRO A 58 ? 0.3997 0.3931 0.4056 0.0187  -0.0201 -0.0008 1153 PRO A O   
461 C CB  . PRO A 58 ? 0.3929 0.3712 0.3788 -0.0218 -0.0044 0.0072  1153 PRO A CB  
462 C CG  . PRO A 58 ? 0.5026 0.4774 0.4772 -0.0107 -0.0044 0.0216  1153 PRO A CG  
463 C CD  . PRO A 58 ? 0.4583 0.4581 0.4311 -0.0034 -0.0120 0.0199  1153 PRO A CD  
464 N N   . VAL A 59 ? 0.3243 0.3076 0.3362 -0.0029 -0.0038 -0.0173 1154 VAL A N   
465 C CA  . VAL A 59 ? 0.3203 0.2957 0.3476 0.0119  0.0007  -0.0222 1154 VAL A CA  
466 C C   . VAL A 59 ? 0.3842 0.3225 0.3979 0.0065  0.0131  -0.0255 1154 VAL A C   
467 O O   . VAL A 59 ? 0.3633 0.2922 0.3739 -0.0006 0.0238  -0.0381 1154 VAL A O   
468 C CB  . VAL A 59 ? 0.2929 0.2928 0.3435 0.0133  0.0038  -0.0334 1154 VAL A CB  
469 C CG1 . VAL A 59 ? 0.3263 0.3287 0.4054 0.0327  0.0070  -0.0359 1154 VAL A CG1 
470 C CG2 . VAL A 59 ? 0.2912 0.3208 0.3490 0.0112  -0.0085 -0.0319 1154 VAL A CG2 
471 N N   . PRO A 60 ? 0.3582 0.2697 0.3596 0.0089  0.0133  -0.0150 1155 PRO A N   
472 C CA  . PRO A 60 ? 0.3933 0.2647 0.3787 -0.0027 0.0240  -0.0196 1155 PRO A CA  
473 C C   . PRO A 60 ? 0.4323 0.2809 0.4210 0.0073  0.0364  -0.0322 1155 PRO A C   
474 O O   . PRO A 60 ? 0.4683 0.2913 0.4393 -0.0068 0.0453  -0.0449 1155 PRO A O   
475 C CB  . PRO A 60 ? 0.4262 0.2730 0.4015 0.0004  0.0234  -0.0028 1155 PRO A CB  
476 C CG  . PRO A 60 ? 0.4664 0.3356 0.4484 0.0208  0.0131  0.0093  1155 PRO A CG  
477 C CD  . PRO A 60 ? 0.3941 0.3065 0.3885 0.0183  0.0047  0.0017  1155 PRO A CD  
478 N N   . GLU A 61 ? 0.4317 0.2883 0.4426 0.0322  0.0370  -0.0294 1156 GLU A N   
479 C CA  . GLU A 61 ? 0.4525 0.2875 0.4722 0.0458  0.0529  -0.0401 1156 GLU A CA  
480 C C   . GLU A 61 ? 0.4455 0.2956 0.4676 0.0369  0.0645  -0.0568 1156 GLU A C   
481 O O   . GLU A 61 ? 0.5016 0.3199 0.5086 0.0356  0.0824  -0.0702 1156 GLU A O   
482 C CB  . GLU A 61 ? 0.4561 0.3052 0.5088 0.0764  0.0484  -0.0316 1156 GLU A CB  
483 C CG  . GLU A 61 ? 0.4815 0.3074 0.5237 0.0894  0.0379  -0.0129 1156 GLU A CG  
484 C CD  . GLU A 61 ? 0.4530 0.3113 0.4939 0.0902  0.0165  0.0008  1156 GLU A CD  
485 O OE1 . GLU A 61 ? 0.4141 0.3046 0.4553 0.0742  0.0107  -0.0042 1156 GLU A OE1 
486 O OE2 . GLU A 61 ? 0.4877 0.3340 0.5231 0.1087  0.0061  0.0169  1156 GLU A OE2 
487 N N   . LEU A 62 ? 0.3984 0.2914 0.4338 0.0306  0.0559  -0.0560 1157 LEU A N   
488 C CA  . LEU A 62 ? 0.3928 0.2963 0.4258 0.0212  0.0685  -0.0689 1157 LEU A CA  
489 C C   . LEU A 62 ? 0.4110 0.2872 0.3995 -0.0026 0.0702  -0.0765 1157 LEU A C   
490 O O   . LEU A 62 ? 0.4540 0.3075 0.4204 -0.0075 0.0863  -0.0898 1157 LEU A O   
491 C CB  . LEU A 62 ? 0.3489 0.3002 0.4079 0.0200  0.0590  -0.0651 1157 LEU A CB  
492 C CG  . LEU A 62 ? 0.3474 0.3089 0.4021 0.0089  0.0728  -0.0748 1157 LEU A CG  
493 C CD1 . LEU A 62 ? 0.3721 0.3258 0.4426 0.0206  0.0990  -0.0848 1157 LEU A CD1 
494 C CD2 . LEU A 62 ? 0.3482 0.3508 0.4268 0.0048  0.0615  -0.0699 1157 LEU A CD2 
495 N N   . LYS A 63 ? 0.4311 0.3095 0.4061 -0.0172 0.0534  -0.0681 1158 LYS A N   
496 C CA  . LYS A 63 ? 0.4744 0.3317 0.4146 -0.0404 0.0495  -0.0744 1158 LYS A CA  
497 C C   . LYS A 63 ? 0.5453 0.3503 0.4584 -0.0443 0.0606  -0.0866 1158 LYS A C   
498 O O   . LYS A 63 ? 0.5619 0.3431 0.4408 -0.0572 0.0650  -0.1004 1158 LYS A O   
499 C CB  . LYS A 63 ? 0.4158 0.2874 0.3588 -0.0527 0.0318  -0.0615 1158 LYS A CB  
500 C CG  . LYS A 63 ? 0.4581 0.3151 0.3763 -0.0775 0.0228  -0.0664 1158 LYS A CG  
501 C CD  . LYS A 63 ? 0.4806 0.3681 0.4150 -0.0868 0.0081  -0.0521 1158 LYS A CD  
502 C CE  . LYS A 63 ? 0.5110 0.3958 0.4324 -0.1108 -0.0050 -0.0558 1158 LYS A CE  
503 N NZ  . LYS A 63 ? 0.4604 0.3834 0.4061 -0.1157 -0.0162 -0.0410 1158 LYS A NZ  
504 N N   . GLU A 64 ? 0.5542 0.3359 0.4771 -0.0320 0.0651  -0.0819 1159 GLU A N   
505 C CA  . GLU A 64 ? 0.5996 0.3245 0.4964 -0.0341 0.0772  -0.0943 1159 GLU A CA  
506 C C   . GLU A 64 ? 0.6821 0.3908 0.5691 -0.0207 0.0997  -0.1103 1159 GLU A C   
507 O O   . GLU A 64 ? 0.7397 0.4042 0.5864 -0.0307 0.1094  -0.1275 1159 GLU A O   
508 C CB  . GLU A 64 ? 0.6345 0.3371 0.5461 -0.0200 0.0787  -0.0825 1159 GLU A CB  
509 C CG  . GLU A 64 ? 0.9044 0.5731 0.7984 -0.0416 0.0707  -0.0787 1159 GLU A CG  
510 C CD  . GLU A 64 ? 1.0289 0.6827 0.9379 -0.0278 0.0712  -0.0601 1159 GLU A CD  
511 O OE1 . GLU A 64 ? 1.0296 0.7209 0.9575 -0.0223 0.0611  -0.0423 1159 GLU A OE1 
512 O OE2 . GLU A 64 ? 1.0303 0.6309 0.9275 -0.0216 0.0823  -0.0630 1159 GLU A OE2 
513 N N   . GLN A 65 ? 0.6373 0.3813 0.5613 0.0016  0.1086  -0.1055 1160 GLN A N   
514 C CA  . GLN A 65 ? 0.6532 0.3886 0.5789 0.0162  0.1350  -0.1186 1160 GLN A CA  
515 C C   . GLN A 65 ? 0.6703 0.4012 0.5570 -0.0017 0.1420  -0.1312 1160 GLN A C   
516 O O   . GLN A 65 ? 0.7489 0.4420 0.6030 0.0008  0.1652  -0.1473 1160 GLN A O   
517 C CB  . GLN A 65 ? 0.6074 0.3927 0.5927 0.0401  0.1384  -0.1087 1160 GLN A CB  
518 C CG  . GLN A 65 ? 0.6846 0.4744 0.6899 0.0572  0.1681  -0.1189 1160 GLN A CG  
519 C CD  . GLN A 65 ? 0.7864 0.6355 0.8606 0.0759  0.1654  -0.1084 1160 GLN A CD  
520 O OE1 . GLN A 65 ? 0.8460 0.7303 0.9435 0.0740  0.1391  -0.0951 1160 GLN A OE1 
521 N NE2 . GLN A 65 ? 0.8128 0.6737 0.9204 0.0929  0.1930  -0.1151 1160 GLN A NE2 
522 N N   . ILE A 66 ? 0.6154 0.3785 0.4988 -0.0190 0.1226  -0.1237 1161 ILE A N   
523 C CA  . ILE A 66 ? 0.6853 0.4434 0.5285 -0.0349 0.1256  -0.1319 1161 ILE A CA  
524 C C   . ILE A 66 ? 0.7865 0.4924 0.5700 -0.0539 0.1190  -0.1453 1161 ILE A C   
525 O O   . ILE A 66 ? 0.8108 0.4831 0.5456 -0.0583 0.1335  -0.1601 1161 ILE A O   
526 C CB  . ILE A 66 ? 0.6361 0.4413 0.4954 -0.0451 0.1057  -0.1186 1161 ILE A CB  
527 C CG1 . ILE A 66 ? 0.5185 0.3688 0.4293 -0.0292 0.1149  -0.1106 1161 ILE A CG1 
528 C CG2 . ILE A 66 ? 0.6800 0.4721 0.4895 -0.0627 0.1024  -0.1245 1161 ILE A CG2 
529 C CD1 . ILE A 66 ? 0.4911 0.3838 0.4232 -0.0359 0.0949  -0.0975 1161 ILE A CD1 
530 N N   . GLN A 67 ? 0.7786 0.4756 0.5634 -0.0663 0.0971  -0.1406 1162 GLN A N   
531 C CA  . GLN A 67 ? 0.8498 0.4962 0.5850 -0.0869 0.0879  -0.1549 1162 GLN A CA  
532 C C   . GLN A 67 ? 0.9117 0.4983 0.6149 -0.0767 0.1132  -0.1737 1162 GLN A C   
533 O O   . GLN A 67 ? 0.9760 0.5274 0.6289 -0.0874 0.1123  -0.1872 1162 GLN A O   
534 C CB  . GLN A 67 ? 0.9240 0.5726 0.6792 -0.1015 0.0652  -0.1450 1162 GLN A CB  
535 C CG  . GLN A 67 ? 0.9960 0.7032 0.7898 -0.1061 0.0457  -0.1250 1162 GLN A CG  
536 C CD  . GLN A 67 ? 1.1589 0.8851 0.9322 -0.1258 0.0253  -0.1256 1162 GLN A CD  
537 O OE1 . GLN A 67 ? 1.2101 0.9156 0.9393 -0.1308 0.0280  -0.1387 1162 GLN A OE1 
538 N NE2 . GLN A 67 ? 1.1509 0.9157 0.9547 -0.1351 0.0057  -0.1105 1162 GLN A NE2 
539 N N   . ALA A 68 ? 0.9015 0.4871 0.6411 -0.0518 0.1324  -0.1693 1163 ALA A N   
540 C CA  . ALA A 68 ? 0.9920 0.5242 0.7087 -0.0363 0.1601  -0.1854 1163 ALA A CA  
541 C C   . ALA A 68 ? 1.0473 0.5845 0.7402 -0.0290 0.1808  -0.1932 1163 ALA A C   
542 O O   . ALA A 68 ? 1.1631 0.6627 0.8152 -0.0296 0.1898  -0.2043 1163 ALA A O   
543 C CB  . ALA A 68 ? 1.0181 0.5597 0.7888 -0.0067 0.1742  -0.1750 1163 ALA A CB  
544 N N   . TRP A 69 ? 1.0067 0.5877 0.7238 -0.0224 0.1902  -0.1870 1164 TRP A N   
545 C CA  . TRP A 69 ? 1.0652 0.6515 0.7616 -0.0174 0.2121  -0.1906 1164 TRP A CA  
546 C C   . TRP A 69 ? 1.1362 0.6998 0.7655 -0.0405 0.1958  -0.1960 1164 TRP A C   
547 O O   . TRP A 69 ? 1.2289 0.7664 0.8187 -0.0373 0.2126  -0.2031 1164 TRP A O   
548 C CB  . TRP A 69 ? 0.9215 0.5622 0.6646 -0.0087 0.2238  -0.1808 1164 TRP A CB  
549 C CG  . TRP A 69 ? 0.9402 0.5884 0.6677 -0.0059 0.2479  -0.1806 1164 TRP A CG  
550 C CD1 . TRP A 69 ? 0.9880 0.6445 0.7446 0.0142  0.2808  -0.1805 1164 TRP A CD1 
551 C CD2 . TRP A 69 ? 0.9707 0.6188 0.6520 -0.0236 0.2410  -0.1780 1164 TRP A CD2 
552 N NE1 . TRP A 69 ? 1.0397 0.6982 0.7693 0.0083  0.2971  -0.1784 1164 TRP A NE1 
553 C CE2 . TRP A 69 ? 1.0111 0.6625 0.6922 -0.0138 0.2729  -0.1764 1164 TRP A CE2 
554 C CE3 . TRP A 69 ? 1.0185 0.6652 0.6617 -0.0457 0.2096  -0.1750 1164 TRP A CE3 
555 C CZ2 . TRP A 69 ? 1.0728 0.7196 0.7111 -0.0252 0.2759  -0.1716 1164 TRP A CZ2 
556 C CZ3 . TRP A 69 ? 1.0755 0.7210 0.6788 -0.0549 0.2101  -0.1699 1164 TRP A CZ3 
557 C CH2 . TRP A 69 ? 1.1009 0.7434 0.6991 -0.0447 0.2437  -0.1683 1164 TRP A CH2 
558 N N   . MET A 70 ? 1.1108 0.6851 0.7285 -0.0623 0.1625  -0.1915 1165 MET A N   
559 C CA  . MET A 70 ? 1.2398 0.7976 0.8019 -0.0822 0.1407  -0.1945 1165 MET A CA  
560 C C   . MET A 70 ? 1.4015 0.9077 0.9213 -0.0872 0.1377  -0.2085 1165 MET A C   
561 O O   . MET A 70 ? 1.4775 0.9643 0.9463 -0.0991 0.1251  -0.2138 1165 MET A O   
562 C CB  . MET A 70 ? 1.2320 0.8182 0.8060 -0.1025 0.1034  -0.1852 1165 MET A CB  
563 C CG  . MET A 70 ? 1.2792 0.9086 0.8665 -0.1039 0.0993  -0.1727 1165 MET A CG  
564 S SD  . MET A 70 ? 1.2777 0.9504 0.9044 -0.1201 0.0628  -0.1594 1165 MET A SD  
565 C CE  . MET A 70 ? 1.3404 0.9932 0.9433 -0.1413 0.0284  -0.1627 1165 MET A CE  
566 N N   . ARG A 71 ? 1.4314 0.9134 0.9703 -0.0777 0.1483  -0.2144 1166 ARG A N   
567 C CA  . ARG A 71 ? 1.4930 0.9225 0.9939 -0.0824 0.1466  -0.2289 1166 ARG A CA  
568 C C   . ARG A 71 ? 1.6383 1.0360 1.1103 -0.0636 0.1814  -0.2393 1166 ARG A C   
569 O O   . ARG A 71 ? 1.6832 1.0411 1.1478 -0.0550 0.1939  -0.2494 1166 ARG A O   
570 C CB  . ARG A 71 ? 1.4633 0.8775 0.9971 -0.0828 0.1397  -0.2284 1166 ARG A CB  
571 C CG  . ARG A 71 ? 1.4357 0.8772 0.9964 -0.1044 0.1061  -0.2179 1166 ARG A CG  
572 C CD  . ARG A 71 ? 1.4854 0.8989 1.0651 -0.1110 0.0980  -0.2183 1166 ARG A CD  
573 N NE  . ARG A 71 ? 1.4969 0.9075 1.1161 -0.0873 0.1200  -0.2105 1166 ARG A NE  
574 C CZ  . ARG A 71 ? 1.4461 0.8852 1.1098 -0.0850 0.1146  -0.1948 1166 ARG A CZ  
575 N NH1 . ARG A 71 ? 1.3677 0.8416 1.0434 -0.1061 0.0899  -0.1856 1166 ARG A NH1 
576 N NH2 . ARG A 71 ? 1.4219 0.8552 1.1189 -0.0598 0.1333  -0.1871 1166 ARG A NH2 
577 N N   . GLU A 72 ? 1.7719 1.1846 1.2276 -0.0568 0.1991  -0.2361 1167 GLU A N   
578 C CA  . GLU A 72 ? 1.9257 1.3111 1.3558 -0.0395 0.2353  -0.2442 1167 GLU A CA  
579 C C   . GLU A 72 ? 1.9878 1.3440 1.3437 -0.0510 0.2317  -0.2513 1167 GLU A C   
580 O O   . GLU A 72 ? 2.0636 1.4074 1.3968 -0.0385 0.2632  -0.2532 1167 GLU A O   
581 C CB  . GLU A 72 ? 1.9542 1.3805 1.4370 -0.0180 0.2676  -0.2332 1167 GLU A CB  
582 C CG  . GLU A 72 ? 1.9488 1.4098 1.5070 -0.0049 0.2677  -0.2244 1167 GLU A CG  
583 C CD  . GLU A 72 ? 2.0504 1.4805 1.6251 0.0118  0.2795  -0.2315 1167 GLU A CD  
584 O OE1 . GLU A 72 ? 2.1125 1.5069 1.6631 -0.0003 0.2587  -0.2387 1167 GLU A OE1 
585 O OE2 . GLU A 72 ? 2.0729 1.5161 1.6885 0.0369  0.3091  -0.2288 1167 GLU A OE2 
586 N N   . LYS A 73 ? 1.9080 1.2539 1.2280 -0.0740 0.1940  -0.2546 1168 LYS A N   
587 C CA  . LYS A 73 ? 1.8759 1.1969 1.1256 -0.0845 0.1849  -0.2596 1168 LYS A CA  
588 C C   . LYS A 73 ? 1.9178 1.1780 1.1109 -0.0902 0.1805  -0.2801 1168 LYS A C   
589 O O   . LYS A 73 ? 1.9263 1.1600 1.1322 -0.0804 0.1972  -0.2901 1168 LYS A O   
590 C CB  . LYS A 73 ? 1.7999 1.1523 1.0477 -0.1044 0.1436  -0.2494 1168 LYS A CB  
591 C CG  . LYS A 73 ? 1.6724 1.0833 0.9765 -0.1012 0.1431  -0.2300 1168 LYS A CG  
592 C CD  . LYS A 73 ? 1.6243 1.0492 0.9478 -0.0809 0.1862  -0.2231 1168 LYS A CD  
593 C CE  . LYS A 73 ? 1.4704 0.9332 0.8714 -0.0689 0.1993  -0.2161 1168 LYS A CE  
594 N NZ  . LYS A 73 ? 1.3836 0.8641 0.8167 -0.0485 0.2412  -0.2108 1168 LYS A NZ  
595 S S   . SO4 B .  ? 0.7362 0.8007 0.7416 -0.0417 -0.0101 0.0189  1201 SO4 A S   
596 O O1  . SO4 B .  ? 0.7500 0.8076 0.7608 -0.0574 -0.0136 0.0131  1201 SO4 A O1  
597 O O2  . SO4 B .  ? 0.8044 0.8847 0.8208 -0.0424 -0.0036 0.0301  1201 SO4 A O2  
598 O O3  . SO4 B .  ? 0.7829 0.8285 0.7753 -0.0313 -0.0067 0.0217  1201 SO4 A O3  
599 O O4  . SO4 B .  ? 0.7329 0.8053 0.7344 -0.0351 -0.0162 0.0106  1201 SO4 A O4  
600 O O   . HOH C .  ? 0.7127 0.5487 0.5387 -0.1423 -0.0201 -0.0920 1301 HOH A O   
601 O O   . HOH C .  ? 0.4423 0.5778 0.6212 -0.0579 -0.0668 -0.0838 1302 HOH A O   
602 O O   . HOH C .  ? 0.4859 0.5543 0.4699 0.0315  -0.0822 -0.0228 1303 HOH A O   
603 O O   . HOH C .  ? 0.5023 0.5154 0.4993 -0.0601 -0.0095 0.0019  1304 HOH A O   
604 O O   . HOH C .  ? 0.6253 0.6681 0.5725 0.0043  -0.0001 0.0353  1305 HOH A O   
605 O O   . HOH C .  ? 0.3963 0.4850 0.4402 -0.0141 -0.1076 -0.0768 1306 HOH A O   
606 O O   . HOH C .  ? 0.3996 0.3922 0.3821 -0.0618 -0.0074 -0.0227 1307 HOH A O   
607 O O   . HOH C .  ? 0.7412 0.8490 0.9557 -0.0794 0.1919  -0.0691 1308 HOH A O   
608 O O   . HOH C .  ? 0.4819 0.4900 0.6696 -0.1458 -0.1263 -0.1514 1309 HOH A O   
609 O O   . HOH C .  ? 0.4153 0.3955 0.2827 -0.1157 -0.0460 -0.0435 1310 HOH A O   
610 O O   . HOH C .  ? 0.4354 0.4679 0.3750 -0.1154 -0.0614 -0.0235 1311 HOH A O   
611 O O   . HOH C .  ? 0.5600 0.5809 0.5093 0.0543  0.0045  -0.0007 1312 HOH A O   
612 O O   . HOH C .  ? 0.3754 0.3594 0.1909 -0.0909 -0.0401 -0.0065 1313 HOH A O   
613 O O   . HOH C .  ? 0.6671 0.5407 0.4872 0.0328  -0.0473 -0.0963 1314 HOH A O   
614 O O   . HOH C .  ? 0.7584 0.7733 0.7259 -0.0183 0.0110  0.0469  1315 HOH A O   
615 O O   . HOH C .  ? 0.4173 0.5052 0.5558 -0.0386 0.0879  -0.0721 1316 HOH A O   
616 O O   . HOH C .  ? 0.7720 0.4931 0.7618 0.0608  0.1040  -0.0722 1317 HOH A O   
617 O O   . HOH C .  ? 0.4762 0.4285 0.4611 -0.0397 0.0062  -0.0266 1318 HOH A O   
618 O O   . HOH C .  ? 0.5828 0.5145 0.5057 -0.1515 -0.0488 -0.0515 1319 HOH A O   
619 O O   . HOH C .  ? 0.5135 0.6886 0.5962 -0.0094 -0.0223 0.0478  1320 HOH A O   
620 O O   . HOH C .  ? 0.5636 0.6145 0.6760 -0.0565 0.1903  -0.0784 1321 HOH A O   
621 O O   . HOH C .  ? 0.4094 0.4829 0.3674 0.0411  0.0100  0.0110  1322 HOH A O   
622 O O   . HOH C .  ? 0.5482 0.6424 0.7380 0.0014  0.0845  -0.0768 1323 HOH A O   
623 O O   . HOH C .  ? 0.5312 0.5544 0.4524 0.0466  -0.0014 -0.0138 1324 HOH A O   
624 O O   . HOH C .  ? 0.5556 0.4925 0.5508 -0.0628 -0.0175 -0.0513 1325 HOH A O   
625 O O   . HOH C .  ? 0.4360 0.6219 0.7034 0.0443  -0.0649 -0.0555 1326 HOH A O   
626 O O   . HOH C .  ? 0.6150 0.6375 0.6192 -0.0900 0.0742  -0.0376 1327 HOH A O   
627 O O   . HOH C .  ? 0.7671 0.7441 0.5332 0.0740  -0.0197 0.0104  1328 HOH A O   
628 O O   . HOH C .  ? 0.6890 0.7116 0.8978 0.0276  0.3530  -0.1107 1329 HOH A O   
629 O O   . HOH C .  ? 0.5526 0.5942 0.5075 0.0034  -0.1252 -0.0844 1330 HOH A O   
630 O O   . HOH C .  ? 0.5072 0.5954 0.4995 -0.0958 -0.0625 0.0002  1331 HOH A O   
631 O O   . HOH C .  ? 1.3388 1.0910 1.3203 0.1591  0.2035  -0.0466 1332 HOH A O   
632 O O   . HOH C .  ? 0.5044 0.6386 0.5419 -0.0002 -0.0212 0.0326  1333 HOH A O   
633 O O   . HOH C .  ? 0.5530 0.7682 0.8704 -0.0575 -0.0802 -0.0952 1334 HOH A O   
634 O O   . HOH C .  ? 0.7590 0.7358 0.5378 0.0733  -0.0429 0.0187  1335 HOH A O   
635 O O   . HOH C .  ? 0.7594 0.6340 0.6738 -0.1739 -0.0469 -0.0629 1336 HOH A O   
636 O O   . HOH C .  ? 0.5476 0.4452 0.5207 -0.0488 0.0126  -0.0084 1337 HOH A O   
637 O O   . HOH C .  ? 0.5491 0.6599 0.5354 -0.0778 -0.0790 0.0174  1338 HOH A O   
638 O O   . HOH C .  ? 0.6240 0.4333 0.5746 -0.0602 0.0279  -0.0218 1339 HOH A O   
639 O O   . HOH C .  ? 0.7091 0.7028 0.6582 0.0797  0.0172  0.0059  1340 HOH A O   
640 O O   . HOH C .  ? 0.8197 0.6051 0.7466 -0.0953 0.0230  -0.0462 1341 HOH A O   
641 O O   . HOH C .  ? 0.5573 0.5974 0.4500 -0.1279 -0.1071 -0.0156 1342 HOH A O   
642 O O   . HOH C .  ? 0.8110 0.7563 0.6423 0.0887  0.0233  -0.0352 1343 HOH A O   
643 O O   . HOH C .  ? 1.6274 1.4730 1.1258 0.1570  -0.2437 -0.0034 1344 HOH A O   
# 
